data_7DIG
#
_entry.id   7DIG
#
_cell.length_a   115.826
_cell.length_b   124.737
_cell.length_c   129.059
_cell.angle_alpha   90.000
_cell.angle_beta   90.000
_cell.angle_gamma   90.000
#
_symmetry.space_group_name_H-M   'P 21 21 21'
#
_entity_poly.entity_id   1
_entity_poly.type   'polypeptide(L)'
_entity_poly.pdbx_seq_one_letter_code
;MNLIKEDMRVKVHMEGNVNGHAFVIEGEGKGKPYEGTQTLNLTVKEGAPLPFSYDILTTAL(CR8)NRVFTKYPEDIPDY
FKQSFPEGYSWERTMTYEDKGICTIRSDISLEGDCFFQNVRFNGMNFPPNGPVMQKKTLKWEPSTEKLHVRDGLLVGNIN
MALLLEGGGHYLCDFKTTYKAKKVVQLPDYHFVDHRIEILSNDSDYNKVKLYEHGVARYSPLPSQAW
;
_entity_poly.pdbx_strand_id   A,B,C,D,E,F,G,H
#
# COMPACT_ATOMS: atom_id res chain seq x y z
N LEU A 3 -0.69 -38.32 -45.21
CA LEU A 3 -2.15 -38.69 -45.35
C LEU A 3 -2.39 -39.99 -44.56
N ILE A 4 -3.47 -40.01 -43.77
CA ILE A 4 -3.88 -41.18 -42.94
C ILE A 4 -4.91 -41.95 -43.76
N LYS A 5 -4.65 -43.24 -43.99
CA LYS A 5 -5.53 -44.13 -44.78
C LYS A 5 -6.45 -44.88 -43.81
N GLU A 6 -7.52 -45.46 -44.36
CA GLU A 6 -8.51 -46.29 -43.64
C GLU A 6 -7.74 -47.39 -42.88
N ASP A 7 -6.62 -47.86 -43.44
CA ASP A 7 -5.75 -48.94 -42.89
C ASP A 7 -4.31 -48.42 -42.73
N MET A 8 -3.71 -48.55 -41.54
CA MET A 8 -2.31 -48.12 -41.27
C MET A 8 -1.60 -49.15 -40.38
N ARG A 9 -0.28 -49.06 -40.31
CA ARG A 9 0.60 -49.95 -39.51
C ARG A 9 1.16 -49.17 -38.30
N VAL A 10 1.54 -49.89 -37.23
CA VAL A 10 1.99 -49.31 -35.94
C VAL A 10 3.21 -50.08 -35.45
N LYS A 11 4.34 -49.40 -35.26
CA LYS A 11 5.56 -49.97 -34.59
C LYS A 11 5.73 -49.28 -33.22
N VAL A 12 6.07 -50.03 -32.18
CA VAL A 12 6.10 -49.54 -30.77
C VAL A 12 7.39 -50.00 -30.09
N HIS A 13 8.20 -49.05 -29.61
CA HIS A 13 9.38 -49.29 -28.75
C HIS A 13 9.11 -48.67 -27.37
N MET A 14 9.08 -49.50 -26.32
CA MET A 14 8.90 -49.05 -24.91
C MET A 14 10.12 -49.51 -24.09
N GLU A 15 10.85 -48.54 -23.55
CA GLU A 15 11.84 -48.74 -22.47
C GLU A 15 11.16 -48.38 -21.16
N GLY A 16 11.35 -49.17 -20.11
CA GLY A 16 10.70 -48.89 -18.82
C GLY A 16 11.50 -49.29 -17.60
N ASN A 17 10.94 -48.94 -16.46
CA ASN A 17 11.35 -49.36 -15.10
C ASN A 17 10.10 -49.32 -14.20
N VAL A 18 9.74 -50.45 -13.58
CA VAL A 18 8.66 -50.44 -12.53
C VAL A 18 9.23 -51.01 -11.23
N ASN A 19 9.19 -50.21 -10.16
CA ASN A 19 9.53 -50.64 -8.79
C ASN A 19 10.95 -51.21 -8.80
N GLY A 20 11.80 -50.67 -9.67
CA GLY A 20 13.22 -51.06 -9.75
C GLY A 20 13.50 -51.96 -10.94
N HIS A 21 12.49 -52.56 -11.55
CA HIS A 21 12.67 -53.59 -12.61
C HIS A 21 12.61 -52.95 -14.01
N ALA A 22 13.73 -52.99 -14.73
CA ALA A 22 13.91 -52.44 -16.10
C ALA A 22 13.24 -53.39 -17.09
N PHE A 23 12.92 -52.91 -18.30
CA PHE A 23 12.33 -53.74 -19.37
C PHE A 23 12.38 -53.02 -20.72
N VAL A 24 12.25 -53.82 -21.78
CA VAL A 24 12.09 -53.38 -23.19
C VAL A 24 10.98 -54.21 -23.81
N ILE A 25 10.04 -53.54 -24.51
CA ILE A 25 8.86 -54.15 -25.17
C ILE A 25 8.78 -53.61 -26.59
N GLU A 26 8.93 -54.49 -27.58
CA GLU A 26 8.73 -54.15 -29.01
C GLU A 26 7.28 -54.50 -29.36
N GLY A 27 6.77 -53.90 -30.43
CA GLY A 27 5.36 -54.02 -30.84
C GLY A 27 5.23 -53.70 -32.32
N GLU A 28 4.69 -54.64 -33.10
CA GLU A 28 4.23 -54.41 -34.50
C GLU A 28 2.74 -54.71 -34.50
N GLY A 29 1.97 -53.93 -35.26
CA GLY A 29 0.50 -53.92 -35.20
C GLY A 29 -0.07 -53.11 -36.33
N LYS A 30 -1.39 -52.98 -36.38
CA LYS A 30 -2.14 -52.33 -37.49
C LYS A 30 -3.51 -51.90 -36.96
N GLY A 31 -4.18 -51.01 -37.67
CA GLY A 31 -5.54 -50.61 -37.28
C GLY A 31 -6.18 -49.66 -38.27
N LYS A 32 -7.41 -49.27 -37.97
CA LYS A 32 -8.26 -48.42 -38.84
C LYS A 32 -8.48 -47.09 -38.12
N PRO A 33 -7.64 -46.07 -38.45
CA PRO A 33 -7.68 -44.79 -37.74
C PRO A 33 -9.07 -44.15 -37.66
N TYR A 34 -9.84 -44.20 -38.76
CA TYR A 34 -11.13 -43.47 -38.89
C TYR A 34 -12.25 -44.26 -38.20
N GLU A 35 -12.00 -45.48 -37.73
CA GLU A 35 -13.01 -46.28 -36.94
C GLU A 35 -12.59 -46.34 -35.47
N GLY A 36 -11.37 -45.91 -35.17
CA GLY A 36 -10.85 -45.83 -33.79
C GLY A 36 -10.63 -47.21 -33.19
N THR A 37 -10.16 -48.15 -34.01
CA THR A 37 -9.87 -49.57 -33.64
C THR A 37 -8.43 -49.89 -34.06
N GLN A 38 -7.74 -50.70 -33.26
CA GLN A 38 -6.38 -51.18 -33.63
C GLN A 38 -5.99 -52.40 -32.81
N THR A 39 -5.08 -53.19 -33.39
CA THR A 39 -4.51 -54.43 -32.82
C THR A 39 -2.99 -54.27 -32.77
N LEU A 40 -2.36 -54.76 -31.71
CA LEU A 40 -0.88 -54.64 -31.59
C LEU A 40 -0.32 -55.96 -31.06
N ASN A 41 0.77 -56.43 -31.66
CA ASN A 41 1.50 -57.66 -31.24
C ASN A 41 2.74 -57.26 -30.43
N LEU A 42 2.76 -57.63 -29.14
CA LEU A 42 3.72 -57.12 -28.13
C LEU A 42 4.64 -58.23 -27.60
N THR A 43 5.95 -58.06 -27.79
CA THR A 43 7.04 -58.97 -27.35
C THR A 43 7.85 -58.30 -26.23
N VAL A 44 7.91 -58.89 -25.02
CA VAL A 44 8.91 -58.53 -23.98
C VAL A 44 10.29 -58.93 -24.52
N LYS A 45 11.26 -58.01 -24.59
CA LYS A 45 12.60 -58.26 -25.22
C LYS A 45 13.72 -58.22 -24.19
N GLU A 46 13.49 -57.54 -23.05
CA GLU A 46 14.43 -57.46 -21.91
C GLU A 46 13.60 -57.48 -20.62
N GLY A 47 14.10 -58.13 -19.57
CA GLY A 47 13.48 -58.16 -18.24
C GLY A 47 12.33 -59.15 -18.16
N ALA A 48 12.35 -60.20 -18.98
CA ALA A 48 11.35 -61.28 -18.91
C ALA A 48 11.72 -62.23 -17.75
N PRO A 49 10.74 -62.86 -17.06
CA PRO A 49 9.34 -62.44 -17.12
C PRO A 49 9.14 -61.14 -16.31
N LEU A 50 8.13 -60.34 -16.67
CA LEU A 50 7.77 -59.11 -15.91
C LEU A 50 7.22 -59.54 -14.54
N PRO A 51 7.72 -58.90 -13.44
CA PRO A 51 7.25 -59.21 -12.09
C PRO A 51 6.08 -58.35 -11.60
N PHE A 52 5.25 -57.87 -12.53
CA PHE A 52 4.10 -56.96 -12.22
C PHE A 52 3.06 -57.08 -13.34
N SER A 53 1.82 -56.75 -13.00
CA SER A 53 0.63 -56.67 -13.90
C SER A 53 1.01 -55.90 -15.16
N TYR A 54 0.74 -56.48 -16.32
CA TYR A 54 0.97 -55.93 -17.68
C TYR A 54 -0.05 -54.81 -17.95
N ASP A 55 -1.15 -54.84 -17.20
CA ASP A 55 -2.31 -53.91 -17.40
C ASP A 55 -1.83 -52.49 -17.22
N ILE A 56 -1.00 -52.20 -16.21
CA ILE A 56 -0.48 -50.81 -16.04
C ILE A 56 0.07 -50.34 -17.41
N LEU A 57 0.85 -51.18 -18.11
CA LEU A 57 1.57 -50.76 -19.36
C LEU A 57 0.64 -50.51 -20.55
N THR A 58 -0.54 -51.17 -20.62
CA THR A 58 -1.27 -51.39 -21.89
C THR A 58 -1.74 -50.06 -22.50
N THR A 59 -2.19 -49.12 -21.67
CA THR A 59 -2.80 -47.83 -22.09
C THR A 59 -1.69 -46.92 -22.62
N ALA A 60 -0.42 -47.26 -22.36
CA ALA A 60 0.74 -46.48 -22.85
C ALA A 60 1.17 -47.04 -24.21
N LEU A 61 0.80 -48.31 -24.48
CA LEU A 61 0.95 -48.95 -25.81
C LEU A 61 -0.30 -48.64 -26.67
C11 CR8 A 62 -9.04 -46.67 -21.78
C12 CR8 A 62 -8.25 -47.38 -22.69
C4 CR8 A 62 -8.72 -45.34 -21.51
C5 CR8 A 62 -7.65 -44.75 -22.14
C6 CR8 A 62 -7.15 -46.80 -23.32
C7 CR8 A 62 -6.86 -45.48 -23.03
C8 CR8 A 62 -5.78 -44.74 -23.65
CA2 CR8 A 62 -4.75 -45.22 -24.60
C10 CR8 A 62 -3.71 -51.63 -28.51
O13 CR8 A 62 -10.02 -47.21 -21.22
N11 CR8 A 62 -2.85 -51.04 -29.39
C2 CR8 A 62 -3.66 -44.39 -25.00
N3 CR8 A 62 -2.87 -45.03 -25.82
C1 CR8 A 62 -3.37 -46.29 -25.93
N2 CR8 A 62 -4.55 -46.41 -25.18
C20 CR8 A 62 -3.92 -48.25 -27.20
C21 CR8 A 62 -3.59 -49.55 -27.95
N22 CR8 A 62 -4.16 -50.73 -27.63
C23 CR8 A 62 -2.77 -49.74 -29.06
O2 CR8 A 62 -3.50 -43.17 -24.64
N1 CR8 A 62 -1.68 -48.16 -26.20
CA1 CR8 A 62 -2.76 -47.37 -26.78
C3 CR8 A 62 -1.18 -44.61 -27.75
CA3 CR8 A 62 -1.67 -44.39 -26.35
O3 CR8 A 62 -0.02 -44.14 -27.95
N ASN A 63 -2.09 -44.06 -28.83
CA ASN A 63 -2.16 -43.33 -30.12
C ASN A 63 -3.62 -42.97 -30.40
N ARG A 64 -4.01 -41.72 -30.13
CA ARG A 64 -5.42 -41.27 -30.23
C ARG A 64 -5.71 -40.92 -31.69
N VAL A 65 -4.74 -41.09 -32.58
CA VAL A 65 -4.98 -41.05 -34.06
C VAL A 65 -6.02 -42.12 -34.40
N PHE A 66 -5.95 -43.28 -33.75
CA PHE A 66 -7.00 -44.33 -33.82
C PHE A 66 -8.08 -43.91 -32.83
N THR A 67 -8.80 -42.86 -33.24
CA THR A 67 -10.07 -42.41 -32.61
C THR A 67 -11.04 -42.10 -33.75
N LYS A 68 -12.28 -42.55 -33.60
CA LYS A 68 -13.40 -42.21 -34.49
C LYS A 68 -13.88 -40.82 -34.08
N TYR A 69 -13.61 -39.81 -34.93
CA TYR A 69 -13.98 -38.39 -34.69
C TYR A 69 -15.13 -38.01 -35.61
N PRO A 70 -16.32 -37.67 -35.06
CA PRO A 70 -17.38 -37.07 -35.86
C PRO A 70 -16.89 -35.79 -36.55
N GLU A 71 -17.39 -35.54 -37.75
CA GLU A 71 -17.21 -34.34 -38.62
C GLU A 71 -17.04 -33.05 -37.79
N ASP A 72 -17.94 -32.80 -36.83
CA ASP A 72 -18.15 -31.46 -36.21
C ASP A 72 -17.23 -31.24 -35.00
N ILE A 73 -16.46 -32.26 -34.59
CA ILE A 73 -15.37 -32.12 -33.59
C ILE A 73 -14.07 -32.23 -34.34
N PRO A 74 -13.22 -31.18 -34.32
CA PRO A 74 -11.89 -31.25 -34.93
C PRO A 74 -11.06 -32.38 -34.31
N ASP A 75 -10.26 -33.05 -35.14
CA ASP A 75 -9.36 -34.17 -34.75
C ASP A 75 -7.97 -33.58 -34.54
N TYR A 76 -7.63 -33.26 -33.29
CA TYR A 76 -6.30 -32.74 -32.85
C TYR A 76 -5.19 -33.63 -33.40
N PHE A 77 -5.33 -34.94 -33.17
CA PHE A 77 -4.27 -35.95 -33.40
C PHE A 77 -4.02 -36.02 -34.91
N LYS A 78 -5.07 -36.31 -35.67
CA LYS A 78 -4.93 -36.55 -37.14
C LYS A 78 -4.42 -35.26 -37.79
N GLN A 79 -4.86 -34.10 -37.32
CA GLN A 79 -4.46 -32.80 -37.92
C GLN A 79 -2.95 -32.60 -37.78
N SER A 80 -2.37 -33.11 -36.69
CA SER A 80 -0.98 -32.84 -36.24
C SER A 80 0.04 -33.37 -37.27
N PHE A 81 -0.33 -34.41 -38.03
CA PHE A 81 0.53 -35.07 -39.05
C PHE A 81 0.52 -34.24 -40.34
N PRO A 82 1.58 -34.30 -41.18
CA PRO A 82 2.71 -35.22 -40.99
C PRO A 82 3.62 -35.04 -39.76
N GLU A 83 3.75 -33.83 -39.23
CA GLU A 83 4.81 -33.47 -38.25
C GLU A 83 4.67 -34.38 -37.02
N GLY A 84 3.43 -34.78 -36.70
CA GLY A 84 3.10 -35.69 -35.59
C GLY A 84 2.90 -34.94 -34.29
N TYR A 85 2.89 -35.69 -33.18
CA TYR A 85 2.57 -35.18 -31.82
C TYR A 85 3.27 -36.06 -30.78
N SER A 86 3.29 -35.57 -29.54
CA SER A 86 3.84 -36.26 -28.35
C SER A 86 2.81 -36.14 -27.23
N TRP A 87 2.88 -37.02 -26.24
CA TRP A 87 2.04 -36.86 -25.02
C TRP A 87 2.81 -37.23 -23.76
N GLU A 88 2.40 -36.62 -22.66
CA GLU A 88 2.91 -36.88 -21.29
C GLU A 88 1.73 -37.31 -20.43
N ARG A 89 1.89 -38.32 -19.60
CA ARG A 89 0.76 -38.83 -18.80
C ARG A 89 1.21 -39.11 -17.38
N THR A 90 0.30 -38.80 -16.47
CA THR A 90 0.36 -39.11 -15.03
C THR A 90 -0.68 -40.17 -14.76
N MET A 91 -0.28 -41.29 -14.16
CA MET A 91 -1.22 -42.30 -13.64
C MET A 91 -1.01 -42.30 -12.12
N THR A 92 -2.04 -41.90 -11.38
CA THR A 92 -2.02 -41.85 -9.90
C THR A 92 -3.02 -42.88 -9.39
N TYR A 93 -2.50 -43.96 -8.81
CA TYR A 93 -3.29 -45.10 -8.28
C TYR A 93 -3.68 -44.77 -6.84
N GLU A 94 -4.76 -45.35 -6.35
CA GLU A 94 -5.36 -45.03 -5.03
C GLU A 94 -4.44 -45.49 -3.89
N ASP A 95 -3.59 -46.50 -4.10
CA ASP A 95 -2.68 -47.05 -3.05
C ASP A 95 -1.36 -46.28 -3.09
N LYS A 96 -1.25 -45.25 -3.93
CA LYS A 96 -0.13 -44.27 -4.04
C LYS A 96 1.00 -44.81 -4.91
N GLY A 97 0.77 -45.88 -5.66
CA GLY A 97 1.56 -46.17 -6.86
C GLY A 97 1.45 -45.01 -7.83
N ILE A 98 2.49 -44.75 -8.62
CA ILE A 98 2.52 -43.60 -9.57
C ILE A 98 3.36 -43.97 -10.79
N CYS A 99 2.81 -43.77 -11.98
CA CYS A 99 3.48 -44.04 -13.28
C CYS A 99 3.55 -42.70 -14.02
N THR A 100 4.70 -42.42 -14.64
CA THR A 100 4.88 -41.23 -15.50
C THR A 100 5.33 -41.78 -16.84
N ILE A 101 4.64 -41.39 -17.90
CA ILE A 101 4.87 -41.98 -19.24
C ILE A 101 4.94 -40.84 -20.23
N ARG A 102 5.84 -40.96 -21.20
CA ARG A 102 6.00 -40.08 -22.37
C ARG A 102 6.00 -40.95 -23.61
N SER A 103 5.33 -40.51 -24.69
CA SER A 103 5.35 -41.17 -26.02
C SER A 103 5.54 -40.13 -27.12
N ASP A 104 6.49 -40.35 -28.01
CA ASP A 104 6.69 -39.54 -29.23
C ASP A 104 6.05 -40.30 -30.40
N ILE A 105 5.09 -39.67 -31.09
CA ILE A 105 4.35 -40.31 -32.23
C ILE A 105 4.80 -39.67 -33.55
N SER A 106 5.47 -40.45 -34.39
CA SER A 106 5.97 -40.07 -35.75
C SER A 106 5.33 -40.97 -36.81
N LEU A 107 5.37 -40.51 -38.07
CA LEU A 107 4.79 -41.21 -39.24
C LEU A 107 5.82 -41.28 -40.37
N GLU A 108 6.19 -42.51 -40.78
CA GLU A 108 7.02 -42.76 -41.99
C GLU A 108 6.22 -43.70 -42.89
N GLY A 109 5.70 -43.16 -44.00
CA GLY A 109 4.88 -43.91 -44.96
C GLY A 109 3.51 -44.18 -44.39
N ASP A 110 3.17 -45.45 -44.15
CA ASP A 110 1.83 -45.87 -43.69
C ASP A 110 1.96 -46.50 -42.30
N CYS A 111 3.09 -46.30 -41.63
CA CYS A 111 3.40 -46.88 -40.29
C CYS A 111 3.65 -45.75 -39.27
N PHE A 112 2.85 -45.73 -38.20
CA PHE A 112 3.07 -44.87 -37.02
C PHE A 112 4.12 -45.51 -36.15
N PHE A 113 5.15 -44.75 -35.76
CA PHE A 113 6.17 -45.18 -34.75
C PHE A 113 5.84 -44.49 -33.42
N GLN A 114 5.77 -45.28 -32.36
CA GLN A 114 5.45 -44.83 -30.98
C GLN A 114 6.65 -45.15 -30.07
N ASN A 115 7.35 -44.10 -29.63
CA ASN A 115 8.55 -44.24 -28.76
C ASN A 115 8.17 -43.90 -27.33
N VAL A 116 8.14 -44.90 -26.48
CA VAL A 116 7.54 -44.76 -25.11
C VAL A 116 8.63 -44.95 -24.07
N ARG A 117 8.60 -44.08 -23.06
CA ARG A 117 9.43 -44.17 -21.83
C ARG A 117 8.42 -44.35 -20.69
N PHE A 118 8.55 -45.41 -19.90
CA PHE A 118 7.58 -45.78 -18.83
C PHE A 118 8.28 -45.81 -17.48
N ASN A 119 7.76 -45.08 -16.49
CA ASN A 119 8.34 -45.07 -15.13
C ASN A 119 7.23 -45.31 -14.10
N GLY A 120 7.40 -46.35 -13.29
CA GLY A 120 6.53 -46.65 -12.15
C GLY A 120 7.31 -46.75 -10.86
N MET A 121 6.71 -46.28 -9.76
CA MET A 121 7.29 -46.41 -8.42
C MET A 121 6.20 -46.32 -7.35
N ASN A 122 6.52 -46.82 -6.15
CA ASN A 122 5.70 -46.75 -4.92
C ASN A 122 4.54 -47.75 -4.97
N PHE A 123 4.56 -48.74 -5.88
CA PHE A 123 3.53 -49.81 -5.85
C PHE A 123 3.77 -50.66 -4.62
N PRO A 124 2.79 -50.78 -3.70
CA PRO A 124 2.97 -51.63 -2.54
C PRO A 124 3.39 -53.02 -3.00
N PRO A 125 4.43 -53.62 -2.37
CA PRO A 125 4.96 -54.91 -2.81
C PRO A 125 3.93 -56.06 -2.68
N ASN A 126 3.00 -55.92 -1.73
CA ASN A 126 1.85 -56.84 -1.53
C ASN A 126 0.65 -56.31 -2.33
N GLY A 127 0.81 -55.17 -3.01
CA GLY A 127 -0.27 -54.48 -3.74
C GLY A 127 -0.72 -55.22 -4.99
N PRO A 128 -1.95 -54.93 -5.50
CA PRO A 128 -2.48 -55.51 -6.72
C PRO A 128 -1.51 -55.52 -7.92
N VAL A 129 -0.72 -54.47 -8.11
CA VAL A 129 0.15 -54.36 -9.33
C VAL A 129 1.30 -55.36 -9.22
N MET A 130 1.98 -55.40 -8.07
CA MET A 130 3.20 -56.23 -7.92
C MET A 130 2.82 -57.69 -7.65
N GLN A 131 1.54 -57.98 -7.34
CA GLN A 131 1.04 -59.37 -7.07
C GLN A 131 0.18 -59.87 -8.24
N LYS A 132 0.36 -59.31 -9.44
CA LYS A 132 -0.42 -59.62 -10.68
C LYS A 132 -1.82 -60.11 -10.30
N LYS A 133 -2.68 -59.22 -9.80
CA LYS A 133 -4.04 -59.56 -9.30
C LYS A 133 -5.11 -58.75 -10.05
N THR A 134 -4.75 -58.20 -11.22
CA THR A 134 -5.66 -57.37 -12.05
C THR A 134 -6.09 -58.19 -13.28
N LEU A 135 -7.36 -58.09 -13.67
CA LEU A 135 -7.93 -58.85 -14.81
C LEU A 135 -7.91 -57.98 -16.05
N LYS A 136 -8.49 -56.79 -15.96
CA LYS A 136 -8.61 -55.86 -17.11
C LYS A 136 -8.94 -54.46 -16.63
N TRP A 137 -8.73 -53.48 -17.52
CA TRP A 137 -9.32 -52.13 -17.42
C TRP A 137 -10.82 -52.19 -17.71
N GLU A 138 -11.64 -51.60 -16.85
CA GLU A 138 -13.04 -51.25 -17.22
C GLU A 138 -13.00 -50.34 -18.44
N PRO A 139 -13.98 -50.44 -19.36
CA PRO A 139 -14.12 -49.42 -20.41
C PRO A 139 -14.33 -48.06 -19.73
N SER A 140 -14.02 -46.96 -20.42
CA SER A 140 -13.85 -45.62 -19.79
C SER A 140 -14.34 -44.49 -20.70
N THR A 141 -14.51 -43.29 -20.12
CA THR A 141 -14.82 -42.04 -20.88
C THR A 141 -13.82 -40.96 -20.46
N GLU A 142 -12.96 -40.58 -21.40
CA GLU A 142 -11.98 -39.47 -21.26
C GLU A 142 -12.75 -38.17 -21.47
N LYS A 143 -12.36 -37.12 -20.75
CA LYS A 143 -12.88 -35.74 -20.97
C LYS A 143 -11.70 -34.91 -21.46
N LEU A 144 -11.89 -34.17 -22.55
CA LEU A 144 -10.80 -33.38 -23.18
C LEU A 144 -11.21 -31.91 -23.25
N HIS A 145 -10.28 -31.06 -22.85
CA HIS A 145 -10.43 -29.59 -22.81
C HIS A 145 -9.13 -28.99 -23.28
N VAL A 146 -9.19 -27.76 -23.79
CA VAL A 146 -7.98 -26.99 -24.21
C VAL A 146 -7.48 -26.23 -23.00
N ARG A 147 -6.20 -26.38 -22.68
CA ARG A 147 -5.49 -25.58 -21.64
C ARG A 147 -4.17 -25.09 -22.25
N ASP A 148 -3.96 -23.77 -22.25
CA ASP A 148 -2.73 -23.09 -22.72
C ASP A 148 -2.38 -23.53 -24.16
N GLY A 149 -3.38 -23.71 -25.02
CA GLY A 149 -3.18 -24.07 -26.45
C GLY A 149 -2.67 -25.49 -26.64
N LEU A 150 -2.79 -26.34 -25.62
CA LEU A 150 -2.55 -27.81 -25.70
C LEU A 150 -3.87 -28.51 -25.42
N LEU A 151 -3.97 -29.80 -25.77
CA LEU A 151 -5.14 -30.66 -25.44
C LEU A 151 -4.77 -31.58 -24.27
N VAL A 152 -5.67 -31.62 -23.28
CA VAL A 152 -5.45 -32.30 -21.97
C VAL A 152 -6.61 -33.24 -21.74
N GLY A 153 -6.34 -34.43 -21.22
CA GLY A 153 -7.36 -35.47 -20.94
C GLY A 153 -7.34 -35.88 -19.48
N ASN A 154 -8.50 -36.19 -18.93
CA ASN A 154 -8.69 -36.73 -17.56
C ASN A 154 -9.67 -37.89 -17.61
N ILE A 155 -9.31 -39.07 -17.08
CA ILE A 155 -10.18 -40.29 -17.10
C ILE A 155 -10.20 -40.90 -15.70
N ASN A 156 -11.38 -41.04 -15.10
CA ASN A 156 -11.56 -41.94 -13.92
C ASN A 156 -11.49 -43.38 -14.44
N MET A 157 -10.40 -44.09 -14.14
CA MET A 157 -10.12 -45.45 -14.65
C MET A 157 -10.20 -46.42 -13.48
N ALA A 158 -10.52 -47.68 -13.78
CA ALA A 158 -10.66 -48.77 -12.80
C ALA A 158 -10.04 -50.03 -13.38
N LEU A 159 -9.24 -50.72 -12.59
CA LEU A 159 -8.75 -52.09 -12.88
C LEU A 159 -9.65 -53.05 -12.11
N LEU A 160 -10.28 -54.00 -12.83
CA LEU A 160 -11.10 -55.08 -12.22
C LEU A 160 -10.13 -56.06 -11.57
N LEU A 161 -10.35 -56.35 -10.30
CA LEU A 161 -9.48 -57.25 -9.47
C LEU A 161 -10.01 -58.68 -9.47
N GLU A 162 -9.08 -59.63 -9.37
CA GLU A 162 -9.31 -61.02 -8.92
C GLU A 162 -10.04 -60.99 -7.57
N GLY A 163 -11.20 -61.62 -7.47
CA GLY A 163 -12.01 -61.68 -6.23
C GLY A 163 -13.06 -60.60 -6.21
N GLY A 164 -13.23 -59.89 -7.33
CA GLY A 164 -14.17 -58.77 -7.48
C GLY A 164 -13.60 -57.46 -6.97
N GLY A 165 -14.40 -56.39 -6.99
CA GLY A 165 -13.97 -55.05 -6.54
C GLY A 165 -13.06 -54.39 -7.55
N HIS A 166 -12.72 -53.12 -7.33
CA HIS A 166 -11.98 -52.28 -8.31
C HIS A 166 -10.80 -51.58 -7.63
N TYR A 167 -9.73 -51.33 -8.38
CA TYR A 167 -8.51 -50.61 -7.94
C TYR A 167 -8.40 -49.34 -8.81
N LEU A 168 -8.78 -48.16 -8.29
CA LEU A 168 -8.98 -46.93 -9.11
C LEU A 168 -7.65 -46.27 -9.43
N CYS A 169 -7.64 -45.34 -10.39
CA CYS A 169 -6.43 -44.67 -10.91
C CYS A 169 -6.82 -43.40 -11.67
N ASP A 170 -6.34 -42.24 -11.23
CA ASP A 170 -6.65 -40.93 -11.89
C ASP A 170 -5.65 -40.75 -13.04
N PHE A 171 -6.19 -40.56 -14.24
CA PHE A 171 -5.49 -40.48 -15.55
C PHE A 171 -5.42 -39.03 -16.01
N LYS A 172 -4.21 -38.53 -16.25
CA LYS A 172 -4.01 -37.16 -16.73
C LYS A 172 -2.99 -37.17 -17.87
N THR A 173 -3.47 -36.95 -19.09
CA THR A 173 -2.63 -36.86 -20.30
C THR A 173 -2.58 -35.41 -20.79
N THR A 174 -1.41 -34.94 -21.22
CA THR A 174 -1.23 -33.68 -21.96
C THR A 174 -0.70 -34.08 -23.35
N TYR A 175 -1.53 -33.86 -24.37
CA TYR A 175 -1.20 -34.15 -25.78
C TYR A 175 -0.67 -32.86 -26.38
N LYS A 176 0.34 -32.94 -27.25
CA LYS A 176 1.06 -31.75 -27.76
C LYS A 176 1.50 -31.98 -29.20
N ALA A 177 0.65 -31.59 -30.15
CA ALA A 177 0.93 -31.51 -31.61
C ALA A 177 2.16 -30.65 -31.85
N LYS A 178 2.94 -30.95 -32.90
CA LYS A 178 4.20 -30.25 -33.29
C LYS A 178 3.90 -29.21 -34.38
N LYS A 179 2.62 -28.93 -34.57
CA LYS A 179 2.09 -27.99 -35.57
C LYS A 179 0.89 -27.30 -34.91
N VAL A 180 0.65 -26.03 -35.20
CA VAL A 180 -0.63 -25.37 -34.82
C VAL A 180 -1.75 -26.07 -35.62
N VAL A 181 -2.67 -26.71 -34.90
CA VAL A 181 -3.85 -27.43 -35.46
C VAL A 181 -5.12 -26.74 -34.95
N GLN A 182 -6.25 -26.92 -35.62
CA GLN A 182 -7.51 -26.31 -35.12
C GLN A 182 -7.92 -27.03 -33.82
N LEU A 183 -8.16 -26.26 -32.77
CA LEU A 183 -8.40 -26.81 -31.40
C LEU A 183 -9.89 -27.14 -31.24
N PRO A 184 -10.21 -28.36 -30.75
CA PRO A 184 -11.60 -28.74 -30.48
C PRO A 184 -12.21 -28.12 -29.21
N ASP A 185 -13.54 -28.03 -29.18
CA ASP A 185 -14.31 -27.71 -27.97
C ASP A 185 -14.21 -28.90 -26.99
N TYR A 186 -14.63 -28.68 -25.75
CA TYR A 186 -14.81 -29.72 -24.70
C TYR A 186 -15.62 -30.86 -25.31
N HIS A 187 -15.03 -32.05 -25.36
CA HIS A 187 -15.68 -33.30 -25.86
C HIS A 187 -15.18 -34.51 -25.07
N PHE A 188 -15.71 -35.70 -25.43
CA PHE A 188 -15.51 -37.00 -24.71
C PHE A 188 -15.00 -38.07 -25.68
N VAL A 189 -14.17 -38.99 -25.19
CA VAL A 189 -13.75 -40.20 -25.95
C VAL A 189 -14.11 -41.43 -25.12
N ASP A 190 -15.05 -42.24 -25.61
CA ASP A 190 -15.42 -43.57 -25.08
C ASP A 190 -14.33 -44.57 -25.45
N HIS A 191 -13.85 -45.31 -24.46
CA HIS A 191 -12.71 -46.26 -24.58
C HIS A 191 -13.17 -47.68 -24.21
N ARG A 192 -12.56 -48.65 -24.90
CA ARG A 192 -12.42 -50.02 -24.39
C ARG A 192 -11.03 -50.48 -24.81
N ILE A 193 -10.22 -50.92 -23.84
CA ILE A 193 -8.91 -51.58 -24.13
C ILE A 193 -9.00 -53.02 -23.64
N GLU A 194 -8.46 -53.94 -24.42
CA GLU A 194 -8.56 -55.40 -24.13
C GLU A 194 -7.29 -56.10 -24.59
N ILE A 195 -6.72 -56.87 -23.67
CA ILE A 195 -5.77 -57.97 -23.99
C ILE A 195 -6.61 -59.14 -24.55
N LEU A 196 -6.46 -59.43 -25.85
CA LEU A 196 -7.20 -60.51 -26.55
C LEU A 196 -6.57 -61.87 -26.25
N SER A 197 -5.24 -61.97 -26.29
CA SER A 197 -4.46 -63.23 -26.14
C SER A 197 -3.06 -62.95 -25.58
N ASN A 198 -2.48 -63.93 -24.87
CA ASN A 198 -1.15 -63.82 -24.18
C ASN A 198 -0.63 -65.21 -23.80
N ASP A 199 0.68 -65.37 -23.65
CA ASP A 199 1.28 -66.53 -22.93
C ASP A 199 1.26 -66.18 -21.44
N SER A 200 1.58 -67.11 -20.53
CA SER A 200 1.25 -66.99 -19.07
C SER A 200 2.18 -65.99 -18.35
N ASP A 201 3.34 -65.68 -18.95
CA ASP A 201 4.34 -64.70 -18.43
C ASP A 201 4.16 -63.34 -19.13
N TYR A 202 3.14 -63.23 -19.99
CA TYR A 202 2.81 -62.04 -20.81
C TYR A 202 4.03 -61.57 -21.62
N ASN A 203 4.94 -62.49 -21.94
CA ASN A 203 6.14 -62.19 -22.77
C ASN A 203 5.67 -61.90 -24.18
N LYS A 204 4.47 -62.38 -24.54
CA LYS A 204 3.82 -62.19 -25.87
C LYS A 204 2.35 -61.86 -25.66
N VAL A 205 1.94 -60.66 -26.10
CA VAL A 205 0.57 -60.13 -25.85
C VAL A 205 -0.01 -59.58 -27.15
N LYS A 206 -1.28 -59.91 -27.43
CA LYS A 206 -2.08 -59.29 -28.51
C LYS A 206 -3.07 -58.32 -27.85
N LEU A 207 -2.98 -57.05 -28.22
CA LEU A 207 -3.72 -55.96 -27.54
C LEU A 207 -4.70 -55.35 -28.53
N TYR A 208 -5.88 -55.00 -28.04
CA TYR A 208 -6.92 -54.32 -28.84
C TYR A 208 -7.46 -53.13 -28.05
N GLU A 209 -7.75 -52.05 -28.78
CA GLU A 209 -8.40 -50.81 -28.28
C GLU A 209 -9.50 -50.37 -29.25
N HIS A 210 -10.65 -49.99 -28.70
CA HIS A 210 -11.72 -49.24 -29.42
C HIS A 210 -11.91 -47.88 -28.74
N GLY A 211 -11.75 -46.79 -29.49
CA GLY A 211 -11.96 -45.40 -29.04
C GLY A 211 -12.89 -44.63 -29.98
N VAL A 212 -13.96 -44.04 -29.44
CA VAL A 212 -14.91 -43.17 -30.20
C VAL A 212 -15.11 -41.84 -29.47
N ALA A 213 -14.89 -40.72 -30.17
CA ALA A 213 -15.12 -39.33 -29.68
C ALA A 213 -16.55 -38.87 -29.97
N ARG A 214 -17.18 -38.20 -28.99
CA ARG A 214 -18.59 -37.70 -29.02
C ARG A 214 -18.75 -36.47 -28.11
N TYR A 215 -19.84 -35.74 -28.29
CA TYR A 215 -20.41 -34.78 -27.30
C TYR A 215 -21.30 -35.58 -26.37
N SER A 216 -21.98 -34.93 -25.41
CA SER A 216 -23.06 -35.57 -24.63
C SER A 216 -24.13 -36.09 -25.59
N PRO A 217 -24.68 -37.30 -25.37
CA PRO A 217 -25.86 -37.73 -26.10
C PRO A 217 -27.13 -37.03 -25.58
N LEU A 218 -27.04 -36.26 -24.50
CA LEU A 218 -28.24 -35.69 -23.82
C LEU A 218 -28.55 -34.30 -24.40
N PRO A 219 -29.80 -34.05 -24.84
CA PRO A 219 -30.19 -32.78 -25.43
C PRO A 219 -30.04 -31.61 -24.44
N SER A 220 -29.65 -30.44 -24.94
CA SER A 220 -29.47 -29.19 -24.16
C SER A 220 -30.74 -28.33 -24.25
N GLN A 221 -31.24 -27.87 -23.11
CA GLN A 221 -32.45 -27.02 -23.00
C GLN A 221 -31.99 -25.57 -22.78
N LEU B 3 -43.87 -46.13 -3.31
CA LEU B 3 -43.23 -46.49 -4.61
C LEU B 3 -43.16 -45.25 -5.50
N ILE B 4 -42.12 -45.19 -6.33
CA ILE B 4 -41.88 -44.13 -7.34
C ILE B 4 -42.92 -44.29 -8.46
N LYS B 5 -43.52 -43.18 -8.89
CA LYS B 5 -44.49 -43.10 -10.02
C LYS B 5 -43.88 -42.24 -11.12
N GLU B 6 -44.43 -42.33 -12.34
CA GLU B 6 -43.87 -41.68 -13.56
C GLU B 6 -43.71 -40.17 -13.31
N ASP B 7 -44.51 -39.58 -12.42
CA ASP B 7 -44.39 -38.17 -11.98
C ASP B 7 -44.38 -38.09 -10.45
N MET B 8 -43.39 -37.37 -9.92
CA MET B 8 -43.11 -37.18 -8.47
C MET B 8 -42.66 -35.73 -8.26
N ARG B 9 -42.81 -35.24 -7.03
CA ARG B 9 -42.44 -33.85 -6.66
C ARG B 9 -41.20 -33.87 -5.78
N VAL B 10 -40.56 -32.72 -5.66
CA VAL B 10 -39.25 -32.57 -4.96
C VAL B 10 -39.34 -31.33 -4.06
N LYS B 11 -38.86 -31.49 -2.83
CA LYS B 11 -38.70 -30.42 -1.83
C LYS B 11 -37.23 -30.44 -1.38
N VAL B 12 -36.58 -29.28 -1.37
CA VAL B 12 -35.12 -29.20 -1.07
C VAL B 12 -34.89 -28.06 -0.08
N HIS B 13 -34.14 -28.37 0.99
CA HIS B 13 -33.72 -27.42 2.05
C HIS B 13 -32.21 -27.49 2.22
N MET B 14 -31.49 -26.48 1.75
CA MET B 14 -30.01 -26.48 1.75
C MET B 14 -29.53 -25.43 2.76
N GLU B 15 -28.88 -25.87 3.84
CA GLU B 15 -28.12 -24.98 4.75
C GLU B 15 -26.67 -24.98 4.27
N GLY B 16 -26.07 -23.81 4.12
CA GLY B 16 -24.76 -23.74 3.46
C GLY B 16 -23.91 -22.60 3.97
N ASN B 17 -22.60 -22.77 3.85
CA ASN B 17 -21.58 -21.75 4.18
C ASN B 17 -20.42 -21.91 3.18
N VAL B 18 -20.17 -20.87 2.37
CA VAL B 18 -19.06 -20.85 1.37
C VAL B 18 -18.18 -19.65 1.68
N ASN B 19 -16.92 -19.91 2.07
CA ASN B 19 -15.88 -18.92 2.40
C ASN B 19 -16.35 -18.05 3.59
N GLY B 20 -17.16 -18.64 4.48
CA GLY B 20 -17.61 -17.98 5.73
C GLY B 20 -19.04 -17.45 5.62
N HIS B 21 -19.47 -17.09 4.42
CA HIS B 21 -20.80 -16.52 4.13
C HIS B 21 -21.86 -17.63 4.19
N ALA B 22 -22.78 -17.56 5.15
CA ALA B 22 -23.85 -18.59 5.36
C ALA B 22 -25.07 -18.20 4.52
N PHE B 23 -25.91 -19.20 4.22
CA PHE B 23 -27.09 -19.08 3.32
C PHE B 23 -28.03 -20.25 3.56
N VAL B 24 -29.30 -20.04 3.26
CA VAL B 24 -30.34 -21.10 3.22
C VAL B 24 -31.05 -20.98 1.86
N ILE B 25 -31.35 -22.11 1.22
CA ILE B 25 -32.06 -22.18 -0.08
C ILE B 25 -33.19 -23.18 0.11
N GLU B 26 -34.37 -22.83 -0.42
CA GLU B 26 -35.58 -23.70 -0.45
C GLU B 26 -35.89 -23.96 -1.92
N GLY B 27 -36.02 -25.23 -2.27
CA GLY B 27 -36.43 -25.66 -3.62
C GLY B 27 -37.77 -26.33 -3.55
N GLU B 28 -38.67 -25.96 -4.47
CA GLU B 28 -39.86 -26.75 -4.84
C GLU B 28 -39.71 -27.10 -6.33
N GLY B 29 -39.92 -28.36 -6.69
CA GLY B 29 -39.72 -28.83 -8.07
C GLY B 29 -40.45 -30.13 -8.35
N LYS B 30 -40.38 -30.58 -9.60
CA LYS B 30 -41.03 -31.82 -10.11
C LYS B 30 -40.08 -32.52 -11.10
N GLY B 31 -40.31 -33.80 -11.34
CA GLY B 31 -39.49 -34.58 -12.27
C GLY B 31 -40.11 -35.92 -12.64
N LYS B 32 -39.45 -36.65 -13.54
CA LYS B 32 -39.96 -37.90 -14.14
C LYS B 32 -38.93 -39.01 -13.90
N PRO B 33 -39.02 -39.74 -12.76
CA PRO B 33 -37.96 -40.65 -12.33
C PRO B 33 -37.38 -41.64 -13.36
N TYR B 34 -38.22 -42.20 -14.25
CA TYR B 34 -37.82 -43.27 -15.19
C TYR B 34 -37.37 -42.67 -16.53
N GLU B 35 -37.31 -41.34 -16.64
CA GLU B 35 -36.73 -40.64 -17.82
C GLU B 35 -35.44 -39.90 -17.44
N GLY B 36 -35.14 -39.78 -16.13
CA GLY B 36 -33.90 -39.15 -15.63
C GLY B 36 -33.93 -37.63 -15.67
N THR B 37 -35.13 -37.05 -15.84
CA THR B 37 -35.34 -35.58 -16.03
C THR B 37 -36.01 -34.98 -14.81
N GLN B 38 -35.61 -33.77 -14.43
CA GLN B 38 -36.25 -33.05 -13.30
C GLN B 38 -35.97 -31.55 -13.42
N THR B 39 -36.84 -30.75 -12.80
CA THR B 39 -36.71 -29.27 -12.70
C THR B 39 -36.89 -28.87 -11.24
N LEU B 40 -36.33 -27.71 -10.87
CA LEU B 40 -36.40 -27.19 -9.48
C LEU B 40 -36.56 -25.68 -9.52
N ASN B 41 -37.29 -25.15 -8.54
CA ASN B 41 -37.48 -23.68 -8.33
C ASN B 41 -36.81 -23.30 -7.01
N LEU B 42 -35.73 -22.52 -7.11
CA LEU B 42 -34.81 -22.28 -5.97
C LEU B 42 -34.93 -20.82 -5.57
N THR B 43 -35.15 -20.59 -4.27
CA THR B 43 -35.25 -19.24 -3.65
C THR B 43 -34.21 -19.15 -2.53
N VAL B 44 -33.27 -18.22 -2.64
CA VAL B 44 -32.33 -17.90 -1.53
C VAL B 44 -33.18 -17.25 -0.44
N LYS B 45 -33.29 -17.91 0.72
CA LYS B 45 -34.17 -17.48 1.83
C LYS B 45 -33.35 -16.71 2.86
N GLU B 46 -32.05 -16.99 2.95
CA GLU B 46 -31.08 -16.29 3.83
C GLU B 46 -29.76 -16.11 3.07
N GLY B 47 -29.13 -14.95 3.24
CA GLY B 47 -27.77 -14.64 2.76
C GLY B 47 -27.73 -14.09 1.34
N ALA B 48 -28.87 -13.65 0.78
CA ALA B 48 -28.92 -13.00 -0.55
C ALA B 48 -28.31 -11.62 -0.45
N PRO B 49 -27.65 -11.08 -1.50
CA PRO B 49 -27.27 -11.87 -2.68
C PRO B 49 -26.04 -12.76 -2.39
N LEU B 50 -25.98 -13.97 -2.96
CA LEU B 50 -24.83 -14.91 -2.81
C LEU B 50 -23.57 -14.34 -3.47
N PRO B 51 -22.49 -14.10 -2.70
CA PRO B 51 -21.25 -13.51 -3.23
C PRO B 51 -20.28 -14.47 -3.94
N PHE B 52 -20.80 -15.59 -4.48
CA PHE B 52 -20.04 -16.66 -5.17
C PHE B 52 -20.91 -17.30 -6.27
N SER B 53 -20.25 -17.81 -7.31
CA SER B 53 -20.88 -18.60 -8.39
C SER B 53 -21.92 -19.57 -7.83
N TYR B 54 -23.17 -19.53 -8.29
CA TYR B 54 -24.27 -20.48 -7.96
C TYR B 54 -23.94 -21.90 -8.44
N ASP B 55 -23.15 -22.02 -9.49
CA ASP B 55 -22.99 -23.31 -10.23
C ASP B 55 -22.44 -24.36 -9.25
N ILE B 56 -21.56 -23.97 -8.33
CA ILE B 56 -20.95 -24.89 -7.31
C ILE B 56 -22.05 -25.56 -6.46
N LEU B 57 -23.25 -24.97 -6.35
CA LEU B 57 -24.33 -25.50 -5.47
C LEU B 57 -25.27 -26.43 -6.26
N THR B 58 -25.21 -26.40 -7.59
CA THR B 58 -26.30 -26.92 -8.46
C THR B 58 -26.41 -28.45 -8.38
N THR B 59 -25.28 -29.17 -8.36
CA THR B 59 -25.21 -30.66 -8.41
C THR B 59 -25.54 -31.28 -7.04
N ALA B 60 -25.53 -30.49 -5.96
CA ALA B 60 -26.01 -30.93 -4.63
C ALA B 60 -27.53 -30.74 -4.54
N LEU B 61 -28.07 -29.88 -5.41
CA LEU B 61 -29.52 -29.71 -5.62
C LEU B 61 -29.96 -30.72 -6.69
C11 CR8 B 62 -23.49 -33.54 -13.66
C12 CR8 B 62 -24.73 -33.06 -13.21
C4 CR8 B 62 -22.81 -34.47 -12.90
C5 CR8 B 62 -23.37 -34.93 -11.72
C6 CR8 B 62 -25.29 -33.51 -12.02
C7 CR8 B 62 -24.60 -34.44 -11.29
C8 CR8 B 62 -25.07 -34.98 -10.02
CA2 CR8 B 62 -26.31 -34.64 -9.28
C10 CR8 B 62 -32.35 -30.01 -10.43
O13 CR8 B 62 -23.01 -33.11 -14.74
N11 CR8 B 62 -33.01 -30.63 -9.42
C2 CR8 B 62 -26.63 -35.23 -7.99
N3 CR8 B 62 -27.75 -34.76 -7.51
C1 CR8 B 62 -28.20 -33.82 -8.44
N2 CR8 B 62 -27.30 -33.73 -9.51
C20 CR8 B 62 -30.01 -32.77 -9.75
C21 CR8 B 62 -31.13 -31.75 -9.80
N22 CR8 B 62 -31.21 -30.70 -10.65
C23 CR8 B 62 -32.27 -31.70 -9.02
O2 CR8 B 62 -25.91 -36.13 -7.43
N1 CR8 B 62 -29.24 -31.68 -7.66
CA1 CR8 B 62 -29.45 -32.99 -8.34
C3 CR8 B 62 -29.50 -34.94 -5.60
CA3 CR8 B 62 -28.19 -35.34 -6.23
O3 CR8 B 62 -29.40 -34.45 -4.43
N ASN B 63 -30.63 -35.89 -5.93
CA ASN B 63 -31.22 -37.24 -6.15
C ASN B 63 -30.68 -37.85 -7.44
N ARG B 64 -30.34 -39.14 -7.37
CA ARG B 64 -29.99 -40.00 -8.53
C ARG B 64 -31.15 -40.96 -8.77
N VAL B 65 -32.25 -40.80 -8.01
CA VAL B 65 -33.55 -41.50 -8.27
C VAL B 65 -34.03 -41.08 -9.67
N PHE B 66 -33.89 -39.80 -10.00
CA PHE B 66 -34.21 -39.20 -11.32
C PHE B 66 -33.10 -39.52 -12.33
N THR B 67 -32.83 -40.81 -12.46
CA THR B 67 -31.87 -41.34 -13.46
C THR B 67 -32.64 -42.43 -14.22
N LYS B 68 -32.59 -42.37 -15.55
CA LYS B 68 -33.11 -43.46 -16.40
C LYS B 68 -32.16 -44.64 -16.24
N TYR B 69 -32.67 -45.74 -15.69
CA TYR B 69 -31.90 -47.00 -15.48
C TYR B 69 -32.44 -48.09 -16.41
N PRO B 70 -31.60 -48.74 -17.24
CA PRO B 70 -32.00 -49.95 -17.94
C PRO B 70 -32.32 -51.12 -17.00
N GLU B 71 -32.94 -52.17 -17.53
CA GLU B 71 -33.33 -53.41 -16.80
C GLU B 71 -32.07 -54.24 -16.48
N ASP B 72 -31.10 -54.27 -17.40
CA ASP B 72 -29.81 -55.01 -17.26
C ASP B 72 -28.97 -54.41 -16.13
N ILE B 73 -29.13 -53.13 -15.78
CA ILE B 73 -28.39 -52.50 -14.64
C ILE B 73 -29.34 -52.34 -13.46
N PRO B 74 -29.11 -53.04 -12.32
CA PRO B 74 -29.89 -52.83 -11.10
C PRO B 74 -29.93 -51.36 -10.68
N ASP B 75 -31.03 -50.90 -10.09
CA ASP B 75 -31.20 -49.47 -9.72
C ASP B 75 -31.02 -49.31 -8.21
N TYR B 76 -29.87 -48.81 -7.77
CA TYR B 76 -29.46 -48.72 -6.33
C TYR B 76 -30.38 -47.75 -5.60
N PHE B 77 -30.73 -46.66 -6.27
CA PHE B 77 -31.43 -45.50 -5.65
C PHE B 77 -32.94 -45.76 -5.59
N LYS B 78 -33.48 -46.41 -6.62
CA LYS B 78 -34.94 -46.72 -6.68
C LYS B 78 -35.26 -47.91 -5.76
N GLN B 79 -34.30 -48.81 -5.54
CA GLN B 79 -34.47 -49.95 -4.60
C GLN B 79 -34.48 -49.47 -3.14
N SER B 80 -33.85 -48.34 -2.83
CA SER B 80 -33.60 -47.88 -1.44
C SER B 80 -34.91 -47.50 -0.74
N PHE B 81 -35.89 -47.05 -1.52
CA PHE B 81 -37.22 -46.63 -1.01
C PHE B 81 -38.00 -47.90 -0.71
N PRO B 82 -38.93 -47.91 0.27
CA PRO B 82 -39.46 -46.70 0.93
C PRO B 82 -38.58 -45.96 1.96
N GLU B 83 -37.54 -46.61 2.49
CA GLU B 83 -36.68 -46.12 3.61
C GLU B 83 -35.80 -44.94 3.20
N GLY B 84 -35.26 -44.97 1.98
CA GLY B 84 -34.46 -43.87 1.38
C GLY B 84 -32.98 -44.10 1.52
N TYR B 85 -32.18 -43.15 1.05
CA TYR B 85 -30.70 -43.23 1.06
C TYR B 85 -30.12 -41.88 1.48
N SER B 86 -28.89 -41.89 2.02
CA SER B 86 -28.07 -40.68 2.23
C SER B 86 -26.91 -40.71 1.24
N TRP B 87 -26.27 -39.56 0.96
CA TRP B 87 -25.00 -39.53 0.18
C TRP B 87 -24.03 -38.52 0.79
N GLU B 88 -22.73 -38.80 0.66
CA GLU B 88 -21.61 -37.91 1.03
C GLU B 88 -20.82 -37.57 -0.23
N ARG B 89 -20.40 -36.31 -0.41
CA ARG B 89 -19.64 -35.91 -1.61
C ARG B 89 -18.42 -35.05 -1.26
N THR B 90 -17.37 -35.23 -2.05
CA THR B 90 -16.15 -34.39 -2.08
C THR B 90 -15.99 -33.74 -3.46
N MET B 91 -16.01 -32.41 -3.52
CA MET B 91 -15.71 -31.65 -4.77
C MET B 91 -14.37 -30.94 -4.56
N THR B 92 -13.34 -31.37 -5.29
CA THR B 92 -11.94 -30.89 -5.12
C THR B 92 -11.50 -30.16 -6.38
N TYR B 93 -11.45 -28.83 -6.32
CA TYR B 93 -11.20 -27.93 -7.49
C TYR B 93 -9.70 -27.80 -7.70
N GLU B 94 -9.27 -27.51 -8.93
CA GLU B 94 -7.84 -27.36 -9.31
C GLU B 94 -7.20 -26.19 -8.55
N ASP B 95 -7.92 -25.10 -8.25
CA ASP B 95 -7.39 -23.93 -7.49
C ASP B 95 -7.37 -24.26 -5.98
N LYS B 96 -7.78 -25.46 -5.58
CA LYS B 96 -7.69 -26.02 -4.21
C LYS B 96 -8.87 -25.55 -3.35
N GLY B 97 -9.82 -24.83 -3.95
CA GLY B 97 -11.19 -24.75 -3.43
C GLY B 97 -11.71 -26.15 -3.14
N ILE B 98 -12.46 -26.31 -2.06
CA ILE B 98 -13.00 -27.64 -1.62
C ILE B 98 -14.43 -27.41 -1.12
N CYS B 99 -15.36 -28.28 -1.52
CA CYS B 99 -16.72 -28.38 -0.93
C CYS B 99 -16.90 -29.78 -0.35
N THR B 100 -17.61 -29.84 0.78
CA THR B 100 -17.95 -31.08 1.51
C THR B 100 -19.45 -31.08 1.70
N ILE B 101 -20.12 -32.07 1.12
CA ILE B 101 -21.61 -32.05 1.09
C ILE B 101 -22.16 -33.36 1.63
N ARG B 102 -23.37 -33.27 2.14
CA ARG B 102 -24.10 -34.42 2.73
C ARG B 102 -25.59 -34.25 2.47
N SER B 103 -26.26 -35.29 1.98
CA SER B 103 -27.71 -35.22 1.73
C SER B 103 -28.43 -36.45 2.27
N ASP B 104 -29.65 -36.22 2.74
CA ASP B 104 -30.57 -37.29 3.16
C ASP B 104 -31.78 -37.24 2.24
N ILE B 105 -32.19 -38.39 1.71
CA ILE B 105 -33.35 -38.48 0.78
C ILE B 105 -34.47 -39.29 1.44
N SER B 106 -35.60 -38.60 1.68
CA SER B 106 -36.83 -39.08 2.34
C SER B 106 -37.97 -39.07 1.33
N LEU B 107 -38.90 -40.01 1.43
CA LEU B 107 -40.14 -40.04 0.59
C LEU B 107 -41.37 -40.00 1.50
N GLU B 108 -42.16 -38.93 1.34
CA GLU B 108 -43.50 -38.77 1.96
C GLU B 108 -44.52 -38.54 0.84
N GLY B 109 -45.38 -39.53 0.56
CA GLY B 109 -46.40 -39.47 -0.49
C GLY B 109 -45.78 -39.54 -1.88
N ASP B 110 -45.93 -38.48 -2.67
CA ASP B 110 -45.41 -38.36 -4.06
C ASP B 110 -44.19 -37.44 -4.12
N CYS B 111 -43.80 -36.84 -3.00
CA CYS B 111 -42.74 -35.79 -2.87
C CYS B 111 -41.48 -36.39 -2.22
N PHE B 112 -40.35 -36.35 -2.92
CA PHE B 112 -39.00 -36.59 -2.33
C PHE B 112 -38.59 -35.33 -1.55
N PHE B 113 -38.22 -35.51 -0.29
CA PHE B 113 -37.58 -34.44 0.52
C PHE B 113 -36.09 -34.69 0.52
N GLN B 114 -35.31 -33.69 0.09
CA GLN B 114 -33.83 -33.71 0.07
C GLN B 114 -33.36 -32.71 1.13
N ASN B 115 -32.65 -33.18 2.16
CA ASN B 115 -32.06 -32.32 3.22
C ASN B 115 -30.55 -32.22 2.99
N VAL B 116 -30.05 -31.05 2.60
CA VAL B 116 -28.64 -30.84 2.14
C VAL B 116 -27.92 -29.89 3.11
N ARG B 117 -26.68 -30.22 3.45
CA ARG B 117 -25.73 -29.34 4.18
C ARG B 117 -24.51 -29.15 3.27
N PHE B 118 -24.14 -27.91 2.98
CA PHE B 118 -23.06 -27.57 2.03
C PHE B 118 -21.95 -26.81 2.76
N ASN B 119 -20.70 -27.20 2.55
CA ASN B 119 -19.52 -26.49 3.13
C ASN B 119 -18.51 -26.29 1.99
N GLY B 120 -18.18 -25.05 1.69
CA GLY B 120 -17.14 -24.71 0.71
C GLY B 120 -16.12 -23.83 1.38
N MET B 121 -14.83 -24.00 1.07
CA MET B 121 -13.79 -23.15 1.68
C MET B 121 -12.48 -23.26 0.91
N ASN B 122 -11.51 -22.41 1.30
CA ASN B 122 -10.22 -22.12 0.61
C ASN B 122 -10.45 -21.84 -0.88
N PHE B 123 -11.63 -21.32 -1.27
CA PHE B 123 -11.81 -20.76 -2.64
C PHE B 123 -11.02 -19.47 -2.74
N PRO B 124 -10.07 -19.35 -3.68
CA PRO B 124 -9.34 -18.10 -3.84
C PRO B 124 -10.27 -16.90 -4.04
N PRO B 125 -9.98 -15.78 -3.34
CA PRO B 125 -10.79 -14.56 -3.41
C PRO B 125 -10.89 -13.93 -4.81
N ASN B 126 -9.82 -13.97 -5.61
CA ASN B 126 -9.86 -13.51 -7.03
C ASN B 126 -10.21 -14.68 -7.97
N GLY B 127 -10.29 -15.90 -7.44
CA GLY B 127 -10.65 -17.11 -8.21
C GLY B 127 -12.00 -16.98 -8.89
N PRO B 128 -12.30 -17.83 -9.91
CA PRO B 128 -13.56 -17.75 -10.64
C PRO B 128 -14.85 -17.97 -9.84
N VAL B 129 -14.81 -18.74 -8.75
CA VAL B 129 -16.00 -19.00 -7.88
C VAL B 129 -16.36 -17.70 -7.16
N MET B 130 -15.38 -17.07 -6.50
CA MET B 130 -15.54 -15.82 -5.71
C MET B 130 -15.74 -14.61 -6.63
N GLN B 131 -15.35 -14.70 -7.90
CA GLN B 131 -15.52 -13.60 -8.88
C GLN B 131 -16.72 -13.90 -9.80
N LYS B 132 -17.56 -14.88 -9.47
CA LYS B 132 -18.78 -15.24 -10.25
C LYS B 132 -18.48 -15.20 -11.74
N LYS B 133 -17.57 -16.05 -12.21
CA LYS B 133 -17.08 -16.06 -13.63
C LYS B 133 -17.40 -17.40 -14.31
N THR B 134 -18.20 -18.26 -13.68
CA THR B 134 -18.55 -19.61 -14.21
C THR B 134 -19.84 -19.56 -15.03
N LEU B 135 -19.75 -19.89 -16.32
CA LEU B 135 -20.93 -19.92 -17.23
C LEU B 135 -21.79 -21.15 -16.94
N LYS B 136 -21.21 -22.34 -16.87
CA LYS B 136 -22.00 -23.60 -16.73
C LYS B 136 -21.10 -24.79 -16.38
N TRP B 137 -21.72 -25.83 -15.82
CA TRP B 137 -21.17 -27.21 -15.83
C TRP B 137 -21.25 -27.77 -17.24
N GLU B 138 -20.11 -28.21 -17.78
CA GLU B 138 -20.05 -29.08 -18.98
C GLU B 138 -20.84 -30.33 -18.64
N PRO B 139 -21.51 -30.98 -19.61
CA PRO B 139 -22.09 -32.29 -19.39
C PRO B 139 -21.00 -33.22 -18.89
N SER B 140 -21.40 -34.31 -18.22
CA SER B 140 -20.49 -35.23 -17.50
C SER B 140 -20.88 -36.69 -17.74
N THR B 141 -19.95 -37.59 -17.43
CA THR B 141 -20.16 -39.06 -17.31
C THR B 141 -19.60 -39.56 -15.97
N GLU B 142 -20.47 -39.82 -15.00
CA GLU B 142 -20.10 -40.41 -13.68
C GLU B 142 -19.74 -41.88 -13.89
N LYS B 143 -18.82 -42.41 -13.09
CA LYS B 143 -18.43 -43.84 -13.12
C LYS B 143 -18.67 -44.42 -11.72
N LEU B 144 -19.46 -45.49 -11.64
CA LEU B 144 -19.95 -46.03 -10.36
C LEU B 144 -19.49 -47.47 -10.16
N HIS B 145 -18.89 -47.72 -9.01
CA HIS B 145 -18.39 -49.04 -8.57
C HIS B 145 -18.84 -49.27 -7.13
N VAL B 146 -18.79 -50.51 -6.67
CA VAL B 146 -19.13 -50.86 -5.27
C VAL B 146 -17.82 -50.97 -4.48
N ARG B 147 -17.75 -50.27 -3.35
CA ARG B 147 -16.65 -50.38 -2.37
C ARG B 147 -17.28 -50.58 -1.00
N ASP B 148 -17.03 -51.75 -0.39
CA ASP B 148 -17.48 -52.11 0.99
C ASP B 148 -19.01 -52.08 1.02
N GLY B 149 -19.67 -52.65 0.00
CA GLY B 149 -21.14 -52.84 -0.04
C GLY B 149 -21.90 -51.53 -0.17
N LEU B 150 -21.20 -50.46 -0.56
CA LEU B 150 -21.77 -49.12 -0.83
C LEU B 150 -21.46 -48.75 -2.28
N LEU B 151 -22.27 -47.89 -2.87
CA LEU B 151 -22.05 -47.44 -4.26
C LEU B 151 -21.30 -46.11 -4.23
N VAL B 152 -20.22 -46.03 -5.01
CA VAL B 152 -19.31 -44.86 -5.05
C VAL B 152 -19.26 -44.35 -6.47
N GLY B 153 -19.30 -43.03 -6.62
CA GLY B 153 -19.29 -42.32 -7.91
C GLY B 153 -18.08 -41.43 -8.04
N ASN B 154 -17.49 -41.43 -9.23
CA ASN B 154 -16.33 -40.56 -9.58
C ASN B 154 -16.66 -39.85 -10.89
N ILE B 155 -16.56 -38.53 -10.90
CA ILE B 155 -16.76 -37.69 -12.13
C ILE B 155 -15.57 -36.74 -12.27
N ASN B 156 -14.98 -36.70 -13.47
CA ASN B 156 -14.15 -35.55 -13.94
C ASN B 156 -15.09 -34.45 -14.43
N MET B 157 -15.26 -33.40 -13.63
CA MET B 157 -16.21 -32.28 -13.88
C MET B 157 -15.41 -31.04 -14.25
N ALA B 158 -15.99 -30.20 -15.11
CA ALA B 158 -15.41 -28.89 -15.49
C ALA B 158 -16.51 -27.83 -15.55
N LEU B 159 -16.21 -26.64 -15.04
CA LEU B 159 -17.01 -25.41 -15.24
C LEU B 159 -16.45 -24.66 -16.45
N LEU B 160 -17.32 -24.24 -17.39
CA LEU B 160 -16.91 -23.38 -18.53
C LEU B 160 -16.69 -21.96 -18.00
N LEU B 161 -15.61 -21.31 -18.40
CA LEU B 161 -15.22 -19.98 -17.86
C LEU B 161 -15.56 -18.90 -18.89
N GLU B 162 -16.29 -17.86 -18.47
CA GLU B 162 -16.42 -16.58 -19.21
C GLU B 162 -15.02 -16.12 -19.63
N GLY B 163 -14.77 -15.99 -20.93
CA GLY B 163 -13.42 -15.73 -21.47
C GLY B 163 -12.70 -17.02 -21.86
N GLY B 164 -13.47 -18.08 -22.12
CA GLY B 164 -12.98 -19.39 -22.59
C GLY B 164 -12.25 -20.18 -21.52
N GLY B 165 -11.91 -21.44 -21.82
CA GLY B 165 -11.14 -22.32 -20.94
C GLY B 165 -12.02 -22.89 -19.84
N HIS B 166 -11.44 -23.72 -18.96
CA HIS B 166 -12.22 -24.56 -18.01
C HIS B 166 -11.60 -24.56 -16.62
N TYR B 167 -12.43 -24.88 -15.64
CA TYR B 167 -12.11 -24.91 -14.20
C TYR B 167 -12.57 -26.28 -13.72
N LEU B 168 -11.59 -27.13 -13.40
CA LEU B 168 -11.76 -28.58 -13.16
C LEU B 168 -12.09 -28.80 -11.69
N CYS B 169 -12.88 -29.86 -11.45
CA CYS B 169 -13.33 -30.35 -10.13
C CYS B 169 -13.28 -31.88 -10.20
N ASP B 170 -12.84 -32.54 -9.14
CA ASP B 170 -12.93 -34.02 -9.00
C ASP B 170 -14.12 -34.28 -8.06
N PHE B 171 -15.18 -34.90 -8.59
CA PHE B 171 -16.36 -35.37 -7.83
C PHE B 171 -16.13 -36.79 -7.35
N LYS B 172 -16.22 -36.96 -6.04
CA LYS B 172 -16.34 -38.28 -5.36
C LYS B 172 -17.62 -38.26 -4.54
N THR B 173 -18.53 -39.20 -4.78
CA THR B 173 -19.80 -39.34 -4.05
C THR B 173 -19.89 -40.76 -3.50
N THR B 174 -20.23 -40.90 -2.22
CA THR B 174 -20.57 -42.20 -1.61
C THR B 174 -22.04 -42.19 -1.24
N TYR B 175 -22.82 -43.00 -1.97
CA TYR B 175 -24.28 -43.23 -1.78
C TYR B 175 -24.48 -44.36 -0.77
N LYS B 176 -25.44 -44.19 0.15
CA LYS B 176 -25.68 -45.16 1.25
C LYS B 176 -27.17 -45.44 1.39
N ALA B 177 -27.65 -46.48 0.71
CA ALA B 177 -29.02 -47.03 0.85
C ALA B 177 -29.28 -47.42 2.30
N LYS B 178 -30.42 -47.00 2.85
CA LYS B 178 -30.80 -47.27 4.28
C LYS B 178 -31.43 -48.66 4.43
N LYS B 179 -31.40 -49.46 3.37
CA LYS B 179 -31.95 -50.84 3.34
C LYS B 179 -31.05 -51.67 2.41
N VAL B 180 -30.92 -52.97 2.65
CA VAL B 180 -30.11 -53.86 1.79
C VAL B 180 -30.80 -53.95 0.42
N VAL B 181 -30.05 -53.73 -0.65
CA VAL B 181 -30.58 -53.68 -2.05
C VAL B 181 -29.73 -54.61 -2.93
N GLN B 182 -30.11 -54.76 -4.19
CA GLN B 182 -29.29 -55.48 -5.19
C GLN B 182 -28.20 -54.51 -5.65
N LEU B 183 -26.93 -54.93 -5.65
CA LEU B 183 -25.79 -54.04 -5.99
C LEU B 183 -25.46 -54.13 -7.47
N PRO B 184 -25.36 -52.99 -8.17
CA PRO B 184 -25.10 -52.96 -9.61
C PRO B 184 -23.65 -53.34 -9.90
N ASP B 185 -23.38 -53.77 -11.11
CA ASP B 185 -21.99 -53.94 -11.61
C ASP B 185 -21.47 -52.55 -11.99
N TYR B 186 -20.17 -52.46 -12.29
CA TYR B 186 -19.53 -51.22 -12.75
C TYR B 186 -20.31 -50.70 -13.96
N HIS B 187 -20.87 -49.50 -13.84
CA HIS B 187 -21.57 -48.85 -14.97
C HIS B 187 -21.29 -47.35 -15.00
N PHE B 188 -21.95 -46.67 -15.93
CA PHE B 188 -21.84 -45.21 -16.19
C PHE B 188 -23.22 -44.56 -16.03
N VAL B 189 -23.22 -43.27 -15.72
CA VAL B 189 -24.40 -42.38 -15.81
C VAL B 189 -23.95 -41.09 -16.51
N ASP B 190 -24.50 -40.82 -17.69
CA ASP B 190 -24.27 -39.57 -18.44
C ASP B 190 -25.17 -38.49 -17.83
N HIS B 191 -24.63 -37.30 -17.61
CA HIS B 191 -25.31 -36.17 -16.93
C HIS B 191 -25.29 -34.94 -17.84
N ARG B 192 -26.31 -34.10 -17.69
CA ARG B 192 -26.29 -32.68 -18.14
C ARG B 192 -27.11 -31.85 -17.15
N ILE B 193 -26.46 -30.94 -16.43
CA ILE B 193 -27.10 -29.91 -15.55
C ILE B 193 -26.99 -28.54 -16.23
N GLU B 194 -28.08 -27.77 -16.16
CA GLU B 194 -28.28 -26.46 -16.86
C GLU B 194 -29.22 -25.54 -16.06
N ILE B 195 -28.74 -24.35 -15.72
CA ILE B 195 -29.61 -23.30 -15.10
C ILE B 195 -30.50 -22.72 -16.21
N LEU B 196 -31.81 -23.05 -16.22
CA LEU B 196 -32.73 -22.62 -17.31
C LEU B 196 -32.97 -21.11 -17.24
N SER B 197 -33.14 -20.55 -16.05
CA SER B 197 -33.53 -19.13 -15.84
C SER B 197 -33.05 -18.67 -14.46
N ASN B 198 -32.71 -17.40 -14.34
CA ASN B 198 -32.18 -16.83 -13.08
C ASN B 198 -32.41 -15.33 -13.11
N ASP B 199 -32.60 -14.71 -11.94
CA ASP B 199 -32.48 -13.25 -11.76
C ASP B 199 -30.97 -13.01 -11.60
N SER B 200 -30.46 -11.83 -11.94
CA SER B 200 -28.99 -11.55 -12.08
C SER B 200 -28.24 -11.80 -10.74
N ASP B 201 -28.93 -11.72 -9.60
CA ASP B 201 -28.37 -12.01 -8.26
C ASP B 201 -28.45 -13.51 -7.92
N TYR B 202 -29.27 -14.28 -8.67
CA TYR B 202 -29.47 -15.75 -8.54
C TYR B 202 -30.29 -16.07 -7.29
N ASN B 203 -31.02 -15.09 -6.74
CA ASN B 203 -31.93 -15.28 -5.58
C ASN B 203 -33.14 -16.12 -6.03
N LYS B 204 -33.49 -16.04 -7.31
CA LYS B 204 -34.55 -16.85 -7.96
C LYS B 204 -33.92 -17.60 -9.13
N VAL B 205 -33.88 -18.94 -9.09
CA VAL B 205 -33.20 -19.80 -10.11
C VAL B 205 -34.10 -20.98 -10.48
N LYS B 206 -34.18 -21.30 -11.77
CA LYS B 206 -34.80 -22.54 -12.30
C LYS B 206 -33.70 -23.48 -12.79
N LEU B 207 -33.71 -24.73 -12.33
CA LEU B 207 -32.62 -25.72 -12.54
C LEU B 207 -33.16 -26.94 -13.29
N TYR B 208 -32.38 -27.48 -14.23
CA TYR B 208 -32.72 -28.72 -14.98
C TYR B 208 -31.54 -29.70 -14.94
N GLU B 209 -31.84 -31.00 -14.79
CA GLU B 209 -30.83 -32.07 -14.85
C GLU B 209 -31.38 -33.25 -15.64
N HIS B 210 -30.60 -33.74 -16.60
CA HIS B 210 -30.83 -35.04 -17.29
C HIS B 210 -29.75 -36.03 -16.84
N GLY B 211 -30.15 -37.28 -16.56
CA GLY B 211 -29.25 -38.39 -16.19
C GLY B 211 -29.72 -39.75 -16.72
N VAL B 212 -28.89 -40.43 -17.51
CA VAL B 212 -29.16 -41.81 -18.04
C VAL B 212 -27.98 -42.75 -17.72
N ALA B 213 -28.28 -43.87 -17.06
CA ALA B 213 -27.36 -45.01 -16.83
C ALA B 213 -27.19 -45.81 -18.13
N ARG B 214 -25.99 -46.34 -18.35
CA ARG B 214 -25.64 -47.18 -19.50
C ARG B 214 -24.44 -48.04 -19.10
N TYR B 215 -24.10 -49.02 -19.94
CA TYR B 215 -22.77 -49.65 -20.00
C TYR B 215 -21.97 -48.94 -21.09
N SER B 216 -20.74 -49.37 -21.35
CA SER B 216 -20.00 -49.00 -22.58
C SER B 216 -20.92 -49.26 -23.77
N PRO B 217 -20.96 -48.36 -24.76
CA PRO B 217 -21.62 -48.64 -26.03
C PRO B 217 -20.69 -49.41 -26.99
N LEU B 218 -19.43 -49.63 -26.60
CA LEU B 218 -18.40 -50.26 -27.46
C LEU B 218 -18.35 -51.76 -27.18
N PRO B 219 -18.43 -52.60 -28.24
CA PRO B 219 -18.45 -54.05 -28.10
C PRO B 219 -17.17 -54.65 -27.48
N SER B 220 -17.33 -55.63 -26.57
CA SER B 220 -16.21 -56.42 -25.98
C SER B 220 -15.66 -57.35 -27.06
N GLN B 221 -14.66 -58.19 -26.76
CA GLN B 221 -14.13 -59.20 -27.73
C GLN B 221 -13.70 -60.45 -26.96
N LEU C 3 -6.25 -4.45 22.57
CA LEU C 3 -4.91 -4.62 23.22
C LEU C 3 -4.86 -5.99 23.92
N ILE C 4 -3.69 -6.64 23.84
CA ILE C 4 -3.45 -8.02 24.35
C ILE C 4 -2.56 -7.92 25.61
N LYS C 5 -3.03 -8.43 26.75
CA LYS C 5 -2.24 -8.47 28.02
C LYS C 5 -1.43 -9.78 28.09
N GLU C 6 -0.28 -9.75 28.79
CA GLU C 6 0.63 -10.93 28.99
C GLU C 6 -0.17 -12.12 29.54
N ASP C 7 -1.31 -11.87 30.19
CA ASP C 7 -2.30 -12.91 30.64
C ASP C 7 -3.65 -12.61 29.99
N MET C 8 -4.34 -13.66 29.54
CA MET C 8 -5.62 -13.57 28.79
C MET C 8 -6.47 -14.83 29.03
N ARG C 9 -7.76 -14.70 28.76
CA ARG C 9 -8.78 -15.76 28.95
C ARG C 9 -9.32 -16.18 27.58
N VAL C 10 -9.78 -17.42 27.45
CA VAL C 10 -10.28 -18.00 26.17
C VAL C 10 -11.62 -18.67 26.43
N LYS C 11 -12.61 -18.41 25.57
CA LYS C 11 -13.93 -19.11 25.54
C LYS C 11 -14.11 -19.74 24.15
N VAL C 12 -14.44 -21.04 24.09
CA VAL C 12 -14.54 -21.84 22.82
C VAL C 12 -15.90 -22.51 22.74
N HIS C 13 -16.54 -22.40 21.56
CA HIS C 13 -17.74 -23.17 21.15
C HIS C 13 -17.42 -23.89 19.83
N MET C 14 -17.66 -25.20 19.78
CA MET C 14 -17.50 -26.05 18.58
C MET C 14 -18.78 -26.84 18.36
N GLU C 15 -19.36 -26.73 17.16
CA GLU C 15 -20.47 -27.56 16.67
C GLU C 15 -19.94 -28.38 15.50
N GLY C 16 -20.14 -29.69 15.52
CA GLY C 16 -19.53 -30.56 14.52
C GLY C 16 -20.37 -31.76 14.18
N ASN C 17 -20.09 -32.33 13.02
CA ASN C 17 -20.57 -33.66 12.59
C ASN C 17 -19.36 -34.42 12.01
N VAL C 18 -19.14 -35.67 12.43
CA VAL C 18 -18.05 -36.55 11.91
C VAL C 18 -18.66 -37.92 11.54
N ASN C 19 -18.60 -38.29 10.26
CA ASN C 19 -19.11 -39.59 9.73
C ASN C 19 -20.57 -39.81 10.14
N GLY C 20 -21.38 -38.74 10.21
CA GLY C 20 -22.83 -38.81 10.50
C GLY C 20 -23.16 -38.52 11.96
N HIS C 21 -22.17 -38.44 12.85
CA HIS C 21 -22.37 -38.25 14.31
C HIS C 21 -22.22 -36.77 14.66
N ALA C 22 -23.23 -36.19 15.33
CA ALA C 22 -23.31 -34.75 15.70
C ALA C 22 -22.88 -34.54 17.16
N PHE C 23 -22.11 -33.48 17.41
CA PHE C 23 -21.60 -33.12 18.76
C PHE C 23 -21.56 -31.59 18.92
N VAL C 24 -21.52 -31.15 20.18
CA VAL C 24 -21.20 -29.75 20.60
C VAL C 24 -20.08 -29.84 21.64
N ILE C 25 -19.11 -28.94 21.59
CA ILE C 25 -18.04 -28.85 22.63
C ILE C 25 -17.91 -27.39 23.05
N GLU C 26 -17.81 -27.18 24.37
CA GLU C 26 -17.60 -25.87 25.01
C GLU C 26 -16.30 -25.91 25.80
N GLY C 27 -15.53 -24.82 25.77
CA GLY C 27 -14.23 -24.71 26.46
C GLY C 27 -14.06 -23.38 27.16
N GLU C 28 -13.68 -23.42 28.44
CA GLU C 28 -13.22 -22.26 29.26
C GLU C 28 -11.70 -22.43 29.46
N GLY C 29 -10.92 -21.37 29.22
CA GLY C 29 -9.46 -21.46 29.30
C GLY C 29 -8.80 -20.17 29.70
N LYS C 30 -7.47 -20.20 29.74
CA LYS C 30 -6.56 -19.01 29.86
C LYS C 30 -5.36 -19.29 28.95
N GLY C 31 -4.33 -18.44 29.01
CA GLY C 31 -3.08 -18.64 28.25
C GLY C 31 -2.19 -17.42 28.33
N LYS C 32 -0.95 -17.52 27.83
CA LYS C 32 0.04 -16.41 27.83
C LYS C 32 0.40 -16.09 26.38
N PRO C 33 -0.32 -15.15 25.73
CA PRO C 33 -0.17 -14.89 24.31
C PRO C 33 1.28 -14.66 23.87
N TYR C 34 2.04 -13.83 24.60
CA TYR C 34 3.38 -13.37 24.14
C TYR C 34 4.40 -14.49 24.34
N GLU C 35 4.08 -15.49 25.17
CA GLU C 35 4.98 -16.65 25.45
C GLU C 35 4.61 -17.83 24.52
N GLY C 36 3.46 -17.75 23.87
CA GLY C 36 3.00 -18.72 22.85
C GLY C 36 2.38 -19.96 23.49
N THR C 37 1.87 -19.83 24.71
CA THR C 37 1.37 -20.96 25.55
C THR C 37 -0.12 -20.76 25.84
N GLN C 38 -0.90 -21.84 25.93
CA GLN C 38 -2.33 -21.76 26.35
C GLN C 38 -2.86 -23.10 26.88
N THR C 39 -3.80 -22.99 27.82
CA THR C 39 -4.48 -24.12 28.52
C THR C 39 -6.00 -23.96 28.31
N LEU C 40 -6.70 -25.06 28.02
CA LEU C 40 -8.15 -25.06 27.66
C LEU C 40 -8.88 -26.25 28.29
N ASN C 41 -10.01 -26.00 28.96
CA ASN C 41 -10.84 -27.00 29.69
C ASN C 41 -12.13 -27.26 28.90
N LEU C 42 -12.25 -28.44 28.30
CA LEU C 42 -13.31 -28.72 27.28
C LEU C 42 -14.30 -29.74 27.84
N THR C 43 -15.59 -29.42 27.73
CA THR C 43 -16.73 -30.32 28.05
C THR C 43 -17.42 -30.70 26.74
N VAL C 44 -17.61 -31.99 26.48
CA VAL C 44 -18.58 -32.51 25.47
C VAL C 44 -19.98 -32.27 26.03
N LYS C 45 -20.74 -31.38 25.38
CA LYS C 45 -22.09 -30.93 25.83
C LYS C 45 -23.16 -31.80 25.15
N GLU C 46 -22.94 -32.18 23.90
CA GLU C 46 -23.89 -33.03 23.13
C GLU C 46 -23.15 -34.14 22.37
N GLY C 47 -23.86 -35.24 22.12
CA GLY C 47 -23.35 -36.41 21.37
C GLY C 47 -22.36 -37.22 22.17
N ALA C 48 -22.35 -37.11 23.52
CA ALA C 48 -21.53 -37.98 24.39
C ALA C 48 -22.14 -39.38 24.40
N PRO C 49 -21.35 -40.48 24.44
CA PRO C 49 -19.90 -40.47 24.21
C PRO C 49 -19.54 -40.35 22.72
N LEU C 50 -18.43 -39.66 22.40
CA LEU C 50 -17.95 -39.52 20.99
C LEU C 50 -17.48 -40.89 20.46
N PRO C 51 -17.89 -41.27 19.23
CA PRO C 51 -17.43 -42.52 18.61
C PRO C 51 -16.14 -42.41 17.77
N PHE C 52 -15.34 -41.36 17.96
CA PHE C 52 -14.09 -41.10 17.19
C PHE C 52 -13.01 -40.51 18.11
N SER C 53 -11.80 -40.39 17.58
CA SER C 53 -10.59 -39.90 18.30
C SER C 53 -10.71 -38.40 18.57
N TYR C 54 -10.69 -37.98 19.83
CA TYR C 54 -10.72 -36.55 20.24
C TYR C 54 -9.55 -35.79 19.61
N ASP C 55 -8.47 -36.48 19.24
CA ASP C 55 -7.22 -35.82 18.75
C ASP C 55 -7.56 -35.03 17.47
N ILE C 56 -8.39 -35.57 16.58
CA ILE C 56 -8.74 -34.92 15.29
C ILE C 56 -9.31 -33.51 15.57
N LEU C 57 -9.95 -33.31 16.73
CA LEU C 57 -10.64 -32.04 17.11
C LEU C 57 -9.65 -31.01 17.67
N THR C 58 -8.53 -31.45 18.26
CA THR C 58 -7.69 -30.61 19.16
C THR C 58 -7.17 -29.36 18.44
N THR C 59 -6.70 -29.48 17.19
CA THR C 59 -6.04 -28.36 16.45
C THR C 59 -7.08 -27.33 15.95
N ALA C 60 -8.37 -27.68 15.99
CA ALA C 60 -9.50 -26.74 15.77
C ALA C 60 -9.80 -26.02 17.08
N LEU C 61 -9.49 -26.68 18.20
CA LEU C 61 -9.44 -26.07 19.55
C LEU C 61 -8.01 -25.52 19.77
C11 CR8 C 62 0.28 -28.46 15.97
C12 CR8 C 62 -0.64 -28.10 16.93
C4 CR8 C 62 0.27 -27.82 14.73
C5 CR8 C 62 -0.67 -26.84 14.46
C6 CR8 C 62 -1.59 -27.12 16.68
C7 CR8 C 62 -1.61 -26.50 15.45
C8 CR8 C 62 -2.58 -25.46 15.12
CA2 CR8 C 62 -3.66 -24.91 15.98
C10 CR8 C 62 -5.01 -25.47 23.13
O13 CR8 C 62 1.13 -29.36 16.24
N11 CR8 C 62 -5.82 -24.43 23.42
C2 CR8 C 62 -4.53 -23.81 15.53
N3 CR8 C 62 -5.40 -23.51 16.47
C1 CR8 C 62 -5.15 -24.38 17.51
N2 CR8 C 62 -4.08 -25.24 17.23
C20 CR8 C 62 -4.98 -23.78 19.87
C21 CR8 C 62 -5.19 -24.27 21.30
N22 CR8 C 62 -4.63 -25.36 21.83
C23 CR8 C 62 -5.92 -23.66 22.31
O2 CR8 C 62 -4.42 -23.24 14.37
N1 CR8 C 62 -6.60 -25.59 19.15
CA1 CR8 C 62 -5.93 -24.34 18.79
C3 CR8 C 62 -7.22 -21.91 17.33
CA3 CR8 C 62 -6.38 -22.42 16.20
O3 CR8 C 62 -8.47 -21.98 17.19
N ASN C 63 -6.44 -20.87 18.07
CA ASN C 63 -5.95 -19.47 18.14
C ASN C 63 -4.44 -19.45 17.92
N ARG C 64 -3.97 -18.67 16.93
CA ARG C 64 -2.51 -18.47 16.64
C ARG C 64 -2.08 -17.08 17.13
N VAL C 65 -2.92 -16.40 17.91
CA VAL C 65 -2.51 -15.21 18.72
C VAL C 65 -1.48 -15.70 19.74
N PHE C 66 -1.74 -16.89 20.31
CA PHE C 66 -0.89 -17.59 21.30
C PHE C 66 0.24 -18.32 20.57
N THR C 67 1.05 -17.51 19.89
CA THR C 67 2.35 -17.89 19.29
C THR C 67 3.38 -16.82 19.66
N LYS C 68 4.50 -17.24 20.24
CA LYS C 68 5.61 -16.33 20.60
C LYS C 68 6.25 -15.86 19.30
N TYR C 69 6.13 -14.57 18.99
CA TYR C 69 6.66 -13.99 17.72
C TYR C 69 7.94 -13.20 17.99
N PRO C 70 9.06 -13.55 17.33
CA PRO C 70 10.21 -12.64 17.29
C PRO C 70 9.77 -11.30 16.71
N GLU C 71 10.31 -10.21 17.26
CA GLU C 71 10.11 -8.82 16.80
C GLU C 71 10.48 -8.67 15.30
N ASP C 72 11.49 -9.39 14.81
CA ASP C 72 11.97 -9.31 13.40
C ASP C 72 10.94 -9.94 12.43
N ILE C 73 9.88 -10.56 12.96
CA ILE C 73 8.77 -11.18 12.16
C ILE C 73 7.44 -10.58 12.60
N PRO C 74 6.75 -9.84 11.71
CA PRO C 74 5.44 -9.26 12.02
C PRO C 74 4.40 -10.30 12.46
N ASP C 75 3.65 -10.00 13.54
CA ASP C 75 2.63 -10.90 14.13
C ASP C 75 1.26 -10.57 13.52
N TYR C 76 0.89 -11.29 12.44
CA TYR C 76 -0.41 -11.18 11.71
C TYR C 76 -1.58 -11.26 12.69
N PHE C 77 -1.58 -12.27 13.56
CA PHE C 77 -2.76 -12.66 14.40
C PHE C 77 -3.00 -11.61 15.49
N LYS C 78 -1.93 -11.13 16.13
CA LYS C 78 -2.04 -10.14 17.24
C LYS C 78 -2.44 -8.78 16.64
N GLN C 79 -1.74 -8.33 15.60
CA GLN C 79 -2.08 -7.09 14.84
C GLN C 79 -3.59 -7.03 14.53
N SER C 80 -4.19 -8.17 14.19
CA SER C 80 -5.56 -8.27 13.61
C SER C 80 -6.63 -7.77 14.59
N PHE C 81 -6.36 -7.78 15.90
CA PHE C 81 -7.31 -7.31 16.95
C PHE C 81 -7.22 -5.79 17.07
N PRO C 82 -8.25 -5.07 17.57
CA PRO C 82 -9.45 -5.67 18.19
C PRO C 82 -10.55 -6.26 17.28
N GLU C 83 -10.49 -5.99 15.98
CA GLU C 83 -11.47 -6.49 14.99
C GLU C 83 -11.41 -8.02 14.97
N GLY C 84 -10.20 -8.57 14.89
CA GLY C 84 -9.94 -10.01 14.98
C GLY C 84 -9.78 -10.64 13.60
N TYR C 85 -9.78 -11.97 13.56
CA TYR C 85 -9.52 -12.79 12.34
C TYR C 85 -10.39 -14.05 12.36
N SER C 86 -10.51 -14.66 11.20
CA SER C 86 -11.15 -15.98 11.01
C SER C 86 -10.14 -16.87 10.28
N TRP C 87 -10.35 -18.17 10.32
CA TRP C 87 -9.55 -19.15 9.53
C TRP C 87 -10.43 -20.29 9.03
N GLU C 88 -10.00 -20.88 7.92
CA GLU C 88 -10.61 -22.05 7.23
C GLU C 88 -9.53 -23.12 7.03
N ARG C 89 -9.77 -24.35 7.49
CA ARG C 89 -8.77 -25.43 7.43
C ARG C 89 -9.29 -26.66 6.67
N THR C 90 -8.38 -27.29 5.94
CA THR C 90 -8.55 -28.58 5.22
C THR C 90 -7.58 -29.57 5.87
N MET C 91 -8.10 -30.61 6.52
CA MET C 91 -7.28 -31.70 7.10
C MET C 91 -7.45 -32.96 6.25
N THR C 92 -6.44 -33.27 5.44
CA THR C 92 -6.44 -34.42 4.51
C THR C 92 -5.56 -35.54 5.08
N TYR C 93 -6.18 -36.63 5.56
CA TYR C 93 -5.47 -37.80 6.10
C TYR C 93 -5.22 -38.81 4.98
N GLU C 94 -4.28 -39.73 5.21
CA GLU C 94 -3.74 -40.69 4.20
C GLU C 94 -4.76 -41.80 3.91
N ASP C 95 -5.68 -42.11 4.82
CA ASP C 95 -6.77 -43.10 4.58
C ASP C 95 -7.96 -42.41 3.84
N LYS C 96 -7.74 -41.19 3.30
CA LYS C 96 -8.71 -40.35 2.53
C LYS C 96 -9.88 -39.86 3.39
N GLY C 97 -9.74 -39.84 4.72
CA GLY C 97 -10.61 -39.06 5.60
C GLY C 97 -10.34 -37.58 5.41
N ILE C 98 -11.40 -36.76 5.39
CA ILE C 98 -11.33 -35.29 5.14
C ILE C 98 -12.11 -34.57 6.24
N CYS C 99 -11.51 -33.54 6.82
CA CYS C 99 -12.21 -32.61 7.75
C CYS C 99 -12.11 -31.19 7.19
N THR C 100 -13.25 -30.49 7.08
CA THR C 100 -13.32 -29.03 6.78
C THR C 100 -13.72 -28.28 8.06
N ILE C 101 -12.92 -27.30 8.44
CA ILE C 101 -13.06 -26.57 9.74
C ILE C 101 -13.03 -25.07 9.46
N ARG C 102 -13.92 -24.32 10.14
CA ARG C 102 -13.98 -22.84 10.10
C ARG C 102 -14.06 -22.30 11.54
N SER C 103 -13.16 -21.38 11.89
CA SER C 103 -13.13 -20.71 13.21
C SER C 103 -13.18 -19.19 13.01
N ASP C 104 -13.95 -18.51 13.88
CA ASP C 104 -14.04 -17.04 13.95
C ASP C 104 -13.49 -16.58 15.30
N ILE C 105 -12.44 -15.75 15.31
CA ILE C 105 -11.77 -15.29 16.56
C ILE C 105 -12.05 -13.80 16.78
N SER C 106 -12.85 -13.53 17.81
CA SER C 106 -13.31 -12.18 18.25
C SER C 106 -12.82 -11.92 19.68
N LEU C 107 -12.52 -10.67 20.03
CA LEU C 107 -12.03 -10.26 21.38
C LEU C 107 -13.07 -9.36 22.09
N GLU C 108 -13.31 -9.62 23.37
CA GLU C 108 -14.17 -8.80 24.26
C GLU C 108 -13.51 -8.78 25.65
N GLY C 109 -12.66 -7.78 25.90
CA GLY C 109 -12.05 -7.50 27.22
C GLY C 109 -10.82 -8.35 27.50
N ASP C 110 -10.94 -9.28 28.46
CA ASP C 110 -9.86 -10.24 28.85
C ASP C 110 -10.00 -11.54 28.05
N CYS C 111 -11.13 -11.73 27.35
CA CYS C 111 -11.55 -13.03 26.75
C CYS C 111 -11.65 -12.94 25.22
N PHE C 112 -10.89 -13.78 24.52
CA PHE C 112 -11.10 -14.17 23.09
C PHE C 112 -12.31 -15.11 23.04
N PHE C 113 -13.12 -15.02 21.98
CA PHE C 113 -14.21 -15.99 21.71
C PHE C 113 -13.94 -16.72 20.39
N GLN C 114 -13.79 -18.05 20.47
CA GLN C 114 -13.47 -18.94 19.32
C GLN C 114 -14.74 -19.71 18.91
N ASN C 115 -15.25 -19.45 17.71
CA ASN C 115 -16.49 -20.06 17.16
C ASN C 115 -16.11 -20.95 15.98
N VAL C 116 -16.31 -22.27 16.12
CA VAL C 116 -15.74 -23.32 15.23
C VAL C 116 -16.88 -24.19 14.67
N ARG C 117 -16.75 -24.58 13.40
CA ARG C 117 -17.62 -25.55 12.68
C ARG C 117 -16.74 -26.70 12.18
N PHE C 118 -16.98 -27.93 12.66
CA PHE C 118 -16.14 -29.13 12.34
C PHE C 118 -16.94 -30.13 11.49
N ASN C 119 -16.45 -30.40 10.28
CA ASN C 119 -17.04 -31.38 9.33
C ASN C 119 -15.98 -32.39 8.92
N GLY C 120 -16.07 -33.60 9.49
CA GLY C 120 -15.27 -34.78 9.07
C GLY C 120 -16.16 -35.78 8.37
N MET C 121 -15.63 -36.47 7.36
CA MET C 121 -16.35 -37.50 6.59
C MET C 121 -15.34 -38.41 5.84
N ASN C 122 -15.80 -39.57 5.36
CA ASN C 122 -15.04 -40.53 4.51
C ASN C 122 -13.89 -41.20 5.29
N PHE C 123 -13.85 -41.10 6.62
CA PHE C 123 -12.90 -41.85 7.49
C PHE C 123 -13.26 -43.34 7.44
N PRO C 124 -12.31 -44.24 7.07
CA PRO C 124 -12.54 -45.68 7.19
C PRO C 124 -13.08 -46.04 8.57
N PRO C 125 -14.22 -46.78 8.63
CA PRO C 125 -14.85 -47.17 9.89
C PRO C 125 -13.94 -48.02 10.79
N ASN C 126 -13.13 -48.90 10.20
CA ASN C 126 -12.15 -49.77 10.92
C ASN C 126 -10.82 -49.03 11.08
N GLY C 127 -10.71 -47.81 10.58
CA GLY C 127 -9.50 -46.98 10.63
C GLY C 127 -9.24 -46.39 12.01
N PRO C 128 -8.01 -45.91 12.24
CA PRO C 128 -7.56 -45.43 13.55
C PRO C 128 -8.36 -44.27 14.20
N VAL C 129 -9.05 -43.43 13.43
CA VAL C 129 -9.84 -42.28 14.01
C VAL C 129 -11.15 -42.82 14.59
N MET C 130 -11.87 -43.64 13.82
CA MET C 130 -13.19 -44.20 14.22
C MET C 130 -12.98 -45.39 15.15
N GLN C 131 -11.77 -45.98 15.19
CA GLN C 131 -11.42 -47.05 16.16
C GLN C 131 -10.66 -46.47 17.36
N LYS C 132 -10.42 -45.16 17.40
CA LYS C 132 -9.81 -44.43 18.55
C LYS C 132 -8.46 -45.05 18.95
N LYS C 133 -7.49 -45.06 18.03
CA LYS C 133 -6.15 -45.67 18.24
C LYS C 133 -5.06 -44.60 18.22
N THR C 134 -5.42 -43.32 18.28
CA THR C 134 -4.45 -42.19 18.26
C THR C 134 -4.04 -41.90 19.70
N LEU C 135 -2.73 -41.80 19.96
CA LEU C 135 -2.21 -41.44 21.30
C LEU C 135 -2.07 -39.92 21.38
N LYS C 136 -1.43 -39.32 20.39
CA LYS C 136 -1.16 -37.87 20.36
C LYS C 136 -0.77 -37.44 18.95
N TRP C 137 -0.77 -36.13 18.72
CA TRP C 137 -0.14 -35.49 17.54
C TRP C 137 1.35 -35.41 17.82
N GLU C 138 2.19 -35.70 16.82
CA GLU C 138 3.63 -35.38 16.91
C GLU C 138 3.73 -33.85 16.86
N PRO C 139 4.67 -33.24 17.63
CA PRO C 139 4.97 -31.81 17.47
C PRO C 139 5.20 -31.56 15.99
N SER C 140 4.93 -30.34 15.51
CA SER C 140 4.96 -30.02 14.07
C SER C 140 5.75 -28.75 13.81
N THR C 141 5.87 -28.40 12.54
CA THR C 141 6.38 -27.10 12.05
C THR C 141 5.46 -26.63 10.91
N GLU C 142 4.62 -25.65 11.18
CA GLU C 142 3.78 -24.95 10.17
C GLU C 142 4.68 -24.05 9.33
N LYS C 143 4.48 -24.05 8.01
CA LYS C 143 5.09 -23.04 7.10
C LYS C 143 3.98 -22.04 6.72
N LEU C 144 4.28 -20.75 6.84
CA LEU C 144 3.31 -19.67 6.54
C LEU C 144 3.93 -18.70 5.55
N HIS C 145 3.09 -18.24 4.63
CA HIS C 145 3.48 -17.35 3.51
C HIS C 145 2.26 -16.51 3.16
N VAL C 146 2.43 -15.58 2.23
CA VAL C 146 1.33 -14.70 1.75
C VAL C 146 0.85 -15.25 0.40
N ARG C 147 -0.47 -15.35 0.26
CA ARG C 147 -1.20 -15.62 -1.00
C ARG C 147 -2.43 -14.69 -1.01
N ASP C 148 -2.51 -13.81 -2.01
CA ASP C 148 -3.65 -12.89 -2.25
C ASP C 148 -3.95 -12.11 -0.95
N GLY C 149 -2.98 -11.38 -0.41
CA GLY C 149 -3.13 -10.51 0.78
C GLY C 149 -3.56 -11.26 2.03
N LEU C 150 -3.46 -12.59 2.03
CA LEU C 150 -3.85 -13.45 3.19
C LEU C 150 -2.66 -14.29 3.63
N LEU C 151 -2.76 -14.83 4.85
CA LEU C 151 -1.73 -15.74 5.41
C LEU C 151 -2.21 -17.19 5.31
N VAL C 152 -1.34 -18.05 4.76
CA VAL C 152 -1.63 -19.47 4.45
C VAL C 152 -0.60 -20.34 5.17
N GLY C 153 -1.06 -21.27 5.99
CA GLY C 153 -0.20 -22.22 6.74
C GLY C 153 -0.26 -23.61 6.14
N ASN C 154 0.89 -24.29 6.04
CA ASN C 154 0.99 -25.67 5.52
C ASN C 154 1.76 -26.51 6.53
N ILE C 155 1.19 -27.64 6.96
CA ILE C 155 1.83 -28.56 7.95
C ILE C 155 1.66 -30.02 7.48
N ASN C 156 2.79 -30.70 7.31
CA ASN C 156 2.87 -32.18 7.28
C ASN C 156 2.74 -32.67 8.72
N MET C 157 1.55 -33.16 9.09
CA MET C 157 1.21 -33.57 10.49
C MET C 157 1.20 -35.09 10.55
N ALA C 158 1.36 -35.61 11.78
CA ALA C 158 1.46 -37.06 12.09
C ALA C 158 0.87 -37.34 13.47
N LEU C 159 -0.02 -38.32 13.52
CA LEU C 159 -0.63 -38.88 14.75
C LEU C 159 0.10 -40.19 15.10
N LEU C 160 0.64 -40.26 16.32
CA LEU C 160 1.28 -41.48 16.89
C LEU C 160 0.15 -42.46 17.21
N LEU C 161 0.22 -43.66 16.66
CA LEU C 161 -0.82 -44.71 16.85
C LEU C 161 -0.47 -45.56 18.06
N GLU C 162 -1.48 -46.08 18.76
CA GLU C 162 -1.29 -47.19 19.75
C GLU C 162 -0.73 -48.38 18.95
N GLY C 163 0.32 -49.03 19.47
CA GLY C 163 1.02 -50.13 18.78
C GLY C 163 2.12 -49.63 17.86
N GLY C 164 2.40 -48.32 17.90
CA GLY C 164 3.53 -47.65 17.20
C GLY C 164 3.19 -47.27 15.77
N GLY C 165 4.06 -46.47 15.15
CA GLY C 165 3.88 -45.98 13.77
C GLY C 165 3.10 -44.68 13.74
N HIS C 166 2.90 -44.12 12.55
CA HIS C 166 2.23 -42.82 12.36
C HIS C 166 1.12 -42.91 11.30
N TYR C 167 0.09 -42.09 11.49
CA TYR C 167 -1.03 -41.83 10.54
C TYR C 167 -0.92 -40.36 10.16
N LEU C 168 -0.70 -40.06 8.87
CA LEU C 168 -0.27 -38.71 8.41
C LEU C 168 -1.45 -37.88 7.92
N CYS C 169 -1.41 -36.58 8.16
CA CYS C 169 -2.43 -35.60 7.73
C CYS C 169 -1.74 -34.38 7.12
N ASP C 170 -2.21 -33.93 5.95
CA ASP C 170 -1.78 -32.67 5.29
C ASP C 170 -2.67 -31.51 5.77
N PHE C 171 -2.06 -30.52 6.41
CA PHE C 171 -2.73 -29.39 7.11
C PHE C 171 -2.65 -28.12 6.27
N LYS C 172 -3.83 -27.63 5.86
CA LYS C 172 -3.97 -26.38 5.07
C LYS C 172 -4.92 -25.45 5.83
N THR C 173 -4.41 -24.26 6.17
CA THR C 173 -5.17 -23.17 6.83
C THR C 173 -5.02 -21.91 5.98
N THR C 174 -6.12 -21.18 5.79
CA THR C 174 -6.10 -19.77 5.30
C THR C 174 -6.57 -18.90 6.47
N TYR C 175 -5.67 -18.05 6.97
CA TYR C 175 -5.94 -17.08 8.05
C TYR C 175 -6.31 -15.74 7.41
N LYS C 176 -7.47 -15.19 7.80
CA LYS C 176 -8.07 -13.96 7.24
C LYS C 176 -8.32 -12.95 8.36
N ALA C 177 -7.45 -11.94 8.46
CA ALA C 177 -7.59 -10.78 9.37
C ALA C 177 -8.73 -9.89 8.86
N LYS C 178 -9.46 -9.25 9.77
CA LYS C 178 -10.65 -8.40 9.46
C LYS C 178 -10.25 -6.92 9.29
N LYS C 179 -8.99 -6.60 9.54
CA LYS C 179 -8.42 -5.25 9.31
C LYS C 179 -7.19 -5.41 8.41
N VAL C 180 -6.80 -4.36 7.69
CA VAL C 180 -5.48 -4.33 6.99
C VAL C 180 -4.41 -4.38 8.08
N VAL C 181 -3.46 -5.32 7.95
CA VAL C 181 -2.35 -5.55 8.91
C VAL C 181 -1.04 -5.54 8.12
N GLN C 182 0.09 -5.55 8.84
CA GLN C 182 1.44 -5.62 8.23
C GLN C 182 1.74 -7.09 7.97
N LEU C 183 1.96 -7.45 6.71
CA LEU C 183 2.12 -8.87 6.28
C LEU C 183 3.51 -9.35 6.67
N PRO C 184 3.64 -10.57 7.25
CA PRO C 184 4.93 -11.16 7.51
C PRO C 184 5.47 -11.81 6.24
N ASP C 185 6.78 -11.96 6.14
CA ASP C 185 7.45 -12.78 5.09
C ASP C 185 7.40 -14.26 5.49
N TYR C 186 7.83 -15.12 4.56
CA TYR C 186 7.83 -16.60 4.72
C TYR C 186 8.52 -16.92 6.04
N HIS C 187 7.79 -17.49 6.99
CA HIS C 187 8.36 -17.96 8.28
C HIS C 187 7.80 -19.34 8.67
N PHE C 188 8.31 -19.85 9.80
CA PHE C 188 7.94 -21.14 10.40
C PHE C 188 7.33 -20.86 11.77
N VAL C 189 6.46 -21.76 12.22
CA VAL C 189 6.02 -21.82 13.64
C VAL C 189 6.23 -23.27 14.09
N ASP C 190 6.95 -23.46 15.19
CA ASP C 190 7.13 -24.77 15.86
C ASP C 190 5.96 -24.96 16.81
N HIS C 191 5.20 -26.04 16.69
CA HIS C 191 4.08 -26.35 17.63
C HIS C 191 4.41 -27.57 18.47
N ARG C 192 3.71 -27.69 19.60
CA ARG C 192 3.46 -28.97 20.33
C ARG C 192 2.04 -28.88 20.91
N ILE C 193 1.15 -29.76 20.46
CA ILE C 193 -0.23 -29.86 21.00
C ILE C 193 -0.30 -31.09 21.91
N GLU C 194 -0.78 -30.89 23.14
CA GLU C 194 -0.76 -31.93 24.21
C GLU C 194 -2.05 -31.92 25.02
N ILE C 195 -2.79 -33.03 24.98
CA ILE C 195 -3.86 -33.39 25.97
C ILE C 195 -3.17 -33.80 27.27
N LEU C 196 -3.41 -33.07 28.36
CA LEU C 196 -2.72 -33.27 29.68
C LEU C 196 -3.53 -34.25 30.53
N SER C 197 -4.81 -33.97 30.77
CA SER C 197 -5.73 -34.89 31.48
C SER C 197 -6.99 -35.09 30.61
N ASN C 198 -7.72 -36.17 30.86
CA ASN C 198 -9.00 -36.50 30.21
C ASN C 198 -9.75 -37.50 31.11
N ASP C 199 -11.06 -37.67 30.92
CA ASP C 199 -11.81 -38.88 31.36
C ASP C 199 -11.79 -39.89 30.20
N SER C 200 -12.51 -41.02 30.31
CA SER C 200 -12.33 -42.21 29.41
C SER C 200 -13.11 -42.00 28.11
N ASP C 201 -14.26 -41.33 28.23
CA ASP C 201 -15.14 -40.95 27.10
C ASP C 201 -14.62 -39.68 26.41
N TYR C 202 -13.58 -39.04 26.95
CA TYR C 202 -13.06 -37.71 26.52
C TYR C 202 -14.23 -36.72 26.54
N ASN C 203 -15.08 -36.79 27.59
CA ASN C 203 -16.24 -35.88 27.81
C ASN C 203 -15.74 -34.58 28.42
N LYS C 204 -14.78 -34.68 29.34
CA LYS C 204 -13.95 -33.55 29.81
C LYS C 204 -12.52 -33.81 29.34
N VAL C 205 -11.91 -32.83 28.68
CA VAL C 205 -10.46 -32.84 28.29
C VAL C 205 -9.83 -31.53 28.76
N LYS C 206 -8.56 -31.58 29.18
CA LYS C 206 -7.70 -30.38 29.33
C LYS C 206 -6.64 -30.40 28.22
N LEU C 207 -6.54 -29.31 27.46
CA LEU C 207 -5.65 -29.19 26.28
C LEU C 207 -4.58 -28.12 26.54
N TYR C 208 -3.37 -28.36 26.04
CA TYR C 208 -2.21 -27.43 26.10
C TYR C 208 -1.69 -27.20 24.68
N GLU C 209 -1.19 -26.00 24.39
CA GLU C 209 -0.55 -25.66 23.10
C GLU C 209 0.61 -24.69 23.33
N HIS C 210 1.75 -25.05 22.76
CA HIS C 210 2.97 -24.20 22.68
C HIS C 210 3.25 -23.93 21.18
N GLY C 211 3.29 -22.65 20.78
CA GLY C 211 3.64 -22.18 19.44
C GLY C 211 4.71 -21.09 19.47
N VAL C 212 5.76 -21.22 18.65
CA VAL C 212 6.90 -20.26 18.55
C VAL C 212 7.23 -19.98 17.09
N ALA C 213 7.02 -18.75 16.63
CA ALA C 213 7.40 -18.26 15.28
C ALA C 213 8.93 -18.11 15.20
N ARG C 214 9.52 -18.41 14.04
CA ARG C 214 10.98 -18.33 13.82
C ARG C 214 11.27 -18.15 12.33
N TYR C 215 12.52 -17.87 12.01
CA TYR C 215 13.13 -18.12 10.69
C TYR C 215 13.93 -19.41 10.81
N SER C 216 14.53 -19.86 9.71
CA SER C 216 15.45 -21.02 9.73
C SER C 216 16.56 -20.73 10.73
N PRO C 217 17.00 -21.73 11.52
CA PRO C 217 18.16 -21.56 12.39
C PRO C 217 19.47 -21.60 11.60
N LEU C 218 19.43 -21.98 10.31
CA LEU C 218 20.66 -22.20 9.49
C LEU C 218 21.02 -20.93 8.72
N PRO C 219 22.32 -20.57 8.67
CA PRO C 219 22.76 -19.30 8.08
C PRO C 219 22.68 -19.26 6.55
N SER C 220 22.09 -18.19 6.01
CA SER C 220 22.17 -17.84 4.56
C SER C 220 23.63 -17.60 4.19
N GLN C 221 23.97 -17.56 2.89
CA GLN C 221 25.38 -17.44 2.41
C GLN C 221 25.44 -16.66 1.09
N LEU D 3 34.24 -46.13 6.62
CA LEU D 3 34.03 -45.13 7.71
C LEU D 3 33.85 -43.74 7.09
N ILE D 4 33.10 -42.85 7.76
CA ILE D 4 32.82 -41.46 7.31
C ILE D 4 33.74 -40.50 8.07
N LYS D 5 34.65 -39.81 7.36
CA LYS D 5 35.57 -38.82 7.97
C LYS D 5 34.88 -37.47 8.12
N GLU D 6 35.53 -36.54 8.83
CA GLU D 6 35.11 -35.13 9.03
C GLU D 6 35.12 -34.41 7.68
N ASP D 7 36.03 -34.81 6.78
CA ASP D 7 36.12 -34.29 5.38
C ASP D 7 36.00 -35.46 4.40
N MET D 8 35.02 -35.38 3.49
CA MET D 8 34.73 -36.41 2.44
C MET D 8 34.45 -35.71 1.11
N ARG D 9 34.70 -36.39 -0.02
CA ARG D 9 34.49 -35.88 -1.40
C ARG D 9 33.16 -36.43 -1.97
N VAL D 10 32.57 -35.71 -2.94
CA VAL D 10 31.26 -36.07 -3.59
C VAL D 10 31.39 -35.97 -5.12
N LYS D 11 31.04 -37.05 -5.81
CA LYS D 11 30.88 -37.09 -7.29
C LYS D 11 29.39 -37.30 -7.57
N VAL D 12 28.83 -36.69 -8.63
CA VAL D 12 27.37 -36.73 -8.95
C VAL D 12 27.18 -36.90 -10.45
N HIS D 13 26.39 -37.89 -10.85
CA HIS D 13 25.87 -38.12 -12.23
C HIS D 13 24.34 -37.96 -12.23
N MET D 14 23.80 -37.05 -13.06
CA MET D 14 22.34 -36.90 -13.26
C MET D 14 22.01 -37.04 -14.75
N GLU D 15 21.22 -38.06 -15.09
CA GLU D 15 20.49 -38.20 -16.38
C GLU D 15 19.03 -37.81 -16.12
N GLY D 16 18.48 -36.89 -16.91
CA GLY D 16 17.17 -36.27 -16.64
C GLY D 16 16.41 -35.85 -17.89
N ASN D 17 15.13 -35.52 -17.71
CA ASN D 17 14.17 -35.15 -18.78
C ASN D 17 13.09 -34.28 -18.16
N VAL D 18 12.95 -33.04 -18.62
CA VAL D 18 11.87 -32.11 -18.17
C VAL D 18 11.09 -31.64 -19.41
N ASN D 19 9.77 -31.85 -19.38
CA ASN D 19 8.80 -31.48 -20.45
C ASN D 19 9.37 -31.86 -21.83
N GLY D 20 10.08 -32.99 -21.91
CA GLY D 20 10.52 -33.59 -23.19
C GLY D 20 12.01 -33.46 -23.38
N HIS D 21 12.62 -32.47 -22.72
CA HIS D 21 14.05 -32.08 -22.86
C HIS D 21 14.96 -32.99 -22.02
N ALA D 22 15.92 -33.66 -22.67
CA ALA D 22 16.89 -34.60 -22.06
C ALA D 22 18.20 -33.87 -21.76
N PHE D 23 18.77 -34.11 -20.58
CA PHE D 23 20.02 -33.45 -20.10
C PHE D 23 20.87 -34.45 -19.30
N VAL D 24 22.16 -34.19 -19.22
CA VAL D 24 23.11 -34.88 -18.30
C VAL D 24 23.94 -33.81 -17.58
N ILE D 25 23.94 -33.85 -16.25
CA ILE D 25 24.62 -32.88 -15.35
C ILE D 25 25.64 -33.67 -14.51
N GLU D 26 26.91 -33.29 -14.58
CA GLU D 26 27.99 -33.90 -13.77
C GLU D 26 28.44 -32.91 -12.69
N GLY D 27 28.71 -33.44 -11.50
CA GLY D 27 29.14 -32.65 -10.33
C GLY D 27 30.40 -33.23 -9.73
N GLU D 28 31.26 -32.36 -9.22
CA GLU D 28 32.37 -32.70 -8.29
C GLU D 28 32.22 -31.75 -7.12
N GLY D 29 32.36 -32.25 -5.90
CA GLY D 29 32.06 -31.49 -4.68
C GLY D 29 32.75 -32.08 -3.47
N LYS D 30 32.61 -31.39 -2.34
CA LYS D 30 33.20 -31.83 -1.05
C LYS D 30 32.21 -31.43 0.03
N GLY D 31 32.39 -31.98 1.23
CA GLY D 31 31.44 -31.75 2.33
C GLY D 31 31.99 -32.18 3.68
N LYS D 32 31.30 -31.77 4.73
CA LYS D 32 31.61 -32.10 6.15
C LYS D 32 30.41 -32.86 6.72
N PRO D 33 30.42 -34.20 6.63
CA PRO D 33 29.25 -35.01 6.99
C PRO D 33 28.64 -34.79 8.36
N TYR D 34 29.47 -34.53 9.38
CA TYR D 34 29.05 -34.43 10.80
C TYR D 34 28.66 -33.00 11.13
N GLU D 35 29.00 -32.04 10.26
CA GLU D 35 28.54 -30.62 10.37
C GLU D 35 27.30 -30.38 9.49
N GLY D 36 27.03 -31.26 8.52
CA GLY D 36 25.77 -31.25 7.74
C GLY D 36 25.79 -30.23 6.63
N THR D 37 26.99 -29.91 6.11
CA THR D 37 27.21 -28.88 5.06
C THR D 37 27.97 -29.52 3.90
N GLN D 38 27.69 -29.07 2.67
CA GLN D 38 28.47 -29.50 1.47
C GLN D 38 28.23 -28.54 0.31
N THR D 39 29.17 -28.56 -0.62
CA THR D 39 29.19 -27.75 -1.85
C THR D 39 29.44 -28.70 -3.01
N LEU D 40 28.88 -28.36 -4.18
CA LEU D 40 28.96 -29.19 -5.41
C LEU D 40 29.11 -28.26 -6.61
N ASN D 41 30.09 -28.55 -7.47
CA ASN D 41 30.40 -27.81 -8.72
C ASN D 41 29.76 -28.53 -9.91
N LEU D 42 28.77 -27.91 -10.55
CA LEU D 42 27.86 -28.64 -11.49
C LEU D 42 28.06 -28.12 -12.92
N THR D 43 28.36 -29.05 -13.84
CA THR D 43 28.53 -28.82 -15.30
C THR D 43 27.43 -29.56 -16.07
N VAL D 44 26.72 -28.85 -16.94
CA VAL D 44 25.73 -29.45 -17.89
C VAL D 44 26.48 -30.07 -19.06
N LYS D 45 26.64 -31.40 -19.08
CA LYS D 45 27.36 -32.15 -20.15
C LYS D 45 26.50 -32.26 -21.42
N GLU D 46 25.17 -32.41 -21.28
CA GLU D 46 24.23 -32.55 -22.43
C GLU D 46 22.96 -31.76 -22.15
N GLY D 47 22.35 -31.19 -23.19
CA GLY D 47 21.10 -30.41 -23.09
C GLY D 47 21.33 -28.93 -22.90
N ALA D 48 22.57 -28.43 -23.05
CA ALA D 48 22.87 -27.00 -22.84
C ALA D 48 22.38 -26.19 -24.05
N PRO D 49 21.69 -25.05 -23.85
CA PRO D 49 21.27 -24.58 -22.53
C PRO D 49 19.97 -25.25 -22.07
N LEU D 50 19.77 -25.34 -20.75
CA LEU D 50 18.50 -25.84 -20.12
C LEU D 50 17.43 -24.76 -20.24
N PRO D 51 16.21 -25.11 -20.68
CA PRO D 51 15.09 -24.17 -20.76
C PRO D 51 14.09 -24.09 -19.60
N PHE D 52 14.43 -24.66 -18.44
CA PHE D 52 13.59 -24.69 -17.21
C PHE D 52 14.45 -24.30 -16.00
N SER D 53 13.84 -23.72 -14.95
CA SER D 53 14.52 -23.31 -13.69
C SER D 53 15.46 -24.42 -13.19
N TYR D 54 16.67 -24.06 -12.79
CA TYR D 54 17.69 -25.03 -12.30
C TYR D 54 17.26 -25.52 -10.91
N ASP D 55 16.52 -24.64 -10.21
CA ASP D 55 16.05 -24.87 -8.81
C ASP D 55 15.39 -26.25 -8.72
N ILE D 56 14.60 -26.63 -9.71
CA ILE D 56 13.83 -27.90 -9.67
C ILE D 56 14.82 -29.06 -9.63
N LEU D 57 16.06 -28.87 -10.08
CA LEU D 57 17.06 -29.98 -10.08
C LEU D 57 17.84 -30.07 -8.76
N THR D 58 17.81 -29.04 -7.91
CA THR D 58 18.88 -28.80 -6.90
C THR D 58 18.75 -29.75 -5.71
N THR D 59 17.52 -29.96 -5.21
CA THR D 59 17.23 -30.88 -4.07
C THR D 59 17.54 -32.33 -4.46
N ALA D 60 17.63 -32.65 -5.75
CA ALA D 60 17.99 -34.01 -6.23
C ALA D 60 19.51 -34.15 -6.25
N LEU D 61 20.21 -33.04 -6.55
CA LEU D 61 21.69 -32.93 -6.42
C LEU D 61 22.03 -32.65 -4.94
C11 CR8 D 62 15.65 -28.35 1.31
C12 CR8 D 62 16.88 -28.49 0.67
C4 CR8 D 62 14.85 -29.45 1.56
C5 CR8 D 62 15.27 -30.70 1.16
C6 CR8 D 62 17.31 -29.75 0.27
C7 CR8 D 62 16.48 -30.84 0.51
C8 CR8 D 62 16.79 -32.20 0.13
CA2 CR8 D 62 18.03 -32.68 -0.52
C10 CR8 D 62 24.69 -29.38 -2.79
O13 CR8 D 62 15.24 -27.24 1.67
N11 CR8 D 62 25.23 -30.63 -2.83
C2 CR8 D 62 18.37 -34.07 -0.62
N3 CR8 D 62 19.52 -34.22 -1.19
C1 CR8 D 62 19.99 -32.97 -1.50
N2 CR8 D 62 19.06 -32.02 -1.05
C20 CR8 D 62 21.82 -31.29 -1.55
C21 CR8 D 62 23.14 -30.76 -2.09
N22 CR8 D 62 23.43 -29.47 -2.33
C23 CR8 D 62 24.28 -31.50 -2.40
O2 CR8 D 62 17.61 -35.02 -0.19
N1 CR8 D 62 21.21 -32.52 -3.64
CA1 CR8 D 62 21.30 -32.61 -2.18
C3 CR8 D 62 21.34 -35.80 -1.90
CA3 CR8 D 62 19.96 -35.60 -1.37
O3 CR8 D 62 21.42 -36.61 -2.85
N ASN D 63 22.11 -36.49 -0.82
CA ASN D 63 22.73 -37.41 0.17
C ASN D 63 22.56 -36.80 1.56
N ARG D 64 21.74 -37.42 2.40
CA ARG D 64 21.45 -36.93 3.78
C ARG D 64 22.56 -37.39 4.75
N VAL D 65 23.61 -38.04 4.25
CA VAL D 65 24.84 -38.33 5.04
C VAL D 65 25.38 -36.99 5.56
N PHE D 66 25.33 -35.96 4.72
CA PHE D 66 25.64 -34.55 5.08
C PHE D 66 24.42 -33.96 5.78
N THR D 67 24.10 -34.53 6.94
CA THR D 67 23.15 -33.98 7.94
C THR D 67 23.83 -34.09 9.30
N LYS D 68 23.94 -32.98 10.02
CA LYS D 68 24.46 -32.96 11.41
C LYS D 68 23.44 -33.68 12.30
N TYR D 69 23.83 -34.82 12.86
CA TYR D 69 22.93 -35.65 13.71
C TYR D 69 23.36 -35.56 15.17
N PRO D 70 22.49 -35.04 16.07
CA PRO D 70 22.74 -35.16 17.50
C PRO D 70 22.80 -36.63 17.94
N GLU D 71 23.47 -36.87 19.07
CA GLU D 71 23.78 -38.21 19.65
C GLU D 71 22.51 -38.95 20.09
N ASP D 72 21.47 -38.22 20.51
CA ASP D 72 20.18 -38.78 21.04
C ASP D 72 19.31 -39.36 19.90
N ILE D 73 19.61 -39.02 18.63
CA ILE D 73 18.85 -39.50 17.44
C ILE D 73 19.76 -40.39 16.61
N PRO D 74 19.35 -41.65 16.32
CA PRO D 74 20.10 -42.51 15.39
C PRO D 74 20.13 -41.94 13.96
N ASP D 75 21.31 -42.05 13.34
CA ASP D 75 21.62 -41.50 12.00
C ASP D 75 21.39 -42.60 10.96
N TYR D 76 20.22 -42.60 10.32
CA TYR D 76 19.83 -43.62 9.30
C TYR D 76 20.88 -43.67 8.19
N PHE D 77 21.39 -42.49 7.83
CA PHE D 77 22.17 -42.28 6.58
C PHE D 77 23.61 -42.76 6.79
N LYS D 78 24.25 -42.35 7.88
CA LYS D 78 25.67 -42.72 8.19
C LYS D 78 25.77 -44.21 8.53
N GLN D 79 24.86 -44.75 9.35
CA GLN D 79 24.87 -46.19 9.74
C GLN D 79 24.86 -47.07 8.50
N SER D 80 24.16 -46.63 7.44
CA SER D 80 23.86 -47.40 6.21
C SER D 80 25.17 -47.80 5.51
N PHE D 81 26.20 -46.96 5.62
CA PHE D 81 27.53 -47.17 5.00
C PHE D 81 28.28 -48.18 5.85
N PRO D 82 29.17 -49.04 5.30
CA PRO D 82 29.66 -48.97 3.90
C PRO D 82 28.76 -49.35 2.71
N GLU D 83 27.81 -50.28 2.89
CA GLU D 83 26.94 -50.77 1.79
C GLU D 83 26.20 -49.58 1.16
N GLY D 84 25.79 -48.62 2.00
CA GLY D 84 25.12 -47.37 1.59
C GLY D 84 23.61 -47.55 1.48
N TYR D 85 22.96 -46.73 0.66
CA TYR D 85 21.48 -46.57 0.59
C TYR D 85 21.07 -46.00 -0.77
N SER D 86 19.75 -45.87 -0.94
CA SER D 86 19.07 -45.42 -2.17
C SER D 86 17.86 -44.59 -1.73
N TRP D 87 17.36 -43.70 -2.56
CA TRP D 87 16.10 -43.01 -2.24
C TRP D 87 15.26 -42.83 -3.49
N GLU D 88 13.95 -42.74 -3.28
CA GLU D 88 12.94 -42.49 -4.32
C GLU D 88 12.13 -41.30 -3.86
N ARG D 89 11.82 -40.37 -4.76
CA ARG D 89 11.14 -39.11 -4.35
C ARG D 89 10.12 -38.73 -5.41
N THR D 90 9.01 -38.17 -4.94
CA THR D 90 7.99 -37.47 -5.74
C THR D 90 7.95 -36.02 -5.27
N MET D 91 8.16 -35.09 -6.20
CA MET D 91 7.88 -33.65 -5.98
C MET D 91 6.58 -33.33 -6.75
N THR D 92 5.56 -32.83 -6.04
CA THR D 92 4.23 -32.49 -6.60
C THR D 92 4.01 -30.99 -6.45
N TYR D 93 3.92 -30.24 -7.54
CA TYR D 93 3.81 -28.75 -7.56
C TYR D 93 2.33 -28.33 -7.62
N GLU D 94 2.01 -27.10 -7.23
CA GLU D 94 0.61 -26.58 -7.14
C GLU D 94 0.03 -26.41 -8.55
N ASP D 95 0.86 -26.08 -9.56
CA ASP D 95 0.45 -25.94 -10.98
C ASP D 95 0.26 -27.35 -11.59
N LYS D 96 0.61 -28.41 -10.84
CA LYS D 96 0.40 -29.85 -11.18
C LYS D 96 1.52 -30.36 -12.08
N GLY D 97 2.59 -29.59 -12.20
CA GLY D 97 3.89 -30.14 -12.62
C GLY D 97 4.30 -31.18 -11.60
N ILE D 98 5.12 -32.14 -12.00
CA ILE D 98 5.42 -33.31 -11.13
C ILE D 98 6.81 -33.80 -11.50
N CYS D 99 7.58 -34.20 -10.50
CA CYS D 99 8.92 -34.80 -10.69
C CYS D 99 8.95 -36.12 -9.95
N THR D 100 9.59 -37.11 -10.56
CA THR D 100 9.90 -38.42 -9.94
C THR D 100 11.41 -38.53 -10.03
N ILE D 101 12.05 -38.86 -8.91
CA ILE D 101 13.54 -38.92 -8.84
C ILE D 101 13.92 -40.23 -8.16
N ARG D 102 15.05 -40.79 -8.56
CA ARG D 102 15.66 -42.01 -7.97
C ARG D 102 17.16 -41.77 -7.88
N SER D 103 17.74 -41.99 -6.71
CA SER D 103 19.19 -41.74 -6.43
C SER D 103 19.77 -42.95 -5.72
N ASP D 104 20.99 -43.31 -6.08
CA ASP D 104 21.77 -44.43 -5.49
C ASP D 104 23.08 -43.84 -4.98
N ILE D 105 23.37 -44.03 -3.69
CA ILE D 105 24.52 -43.44 -2.97
C ILE D 105 25.51 -44.56 -2.64
N SER D 106 26.65 -44.60 -3.34
CA SER D 106 27.78 -45.53 -3.07
C SER D 106 28.92 -44.74 -2.44
N LEU D 107 29.79 -45.42 -1.69
CA LEU D 107 31.04 -44.85 -1.10
C LEU D 107 32.25 -45.69 -1.53
N GLU D 108 33.17 -45.09 -2.28
CA GLU D 108 34.52 -45.65 -2.55
C GLU D 108 35.55 -44.70 -1.95
N GLY D 109 36.35 -45.18 -1.00
CA GLY D 109 37.37 -44.42 -0.26
C GLY D 109 36.76 -43.20 0.43
N ASP D 110 37.15 -42.00 -0.01
CA ASP D 110 36.67 -40.72 0.59
C ASP D 110 35.49 -40.17 -0.22
N CYS D 111 35.18 -40.73 -1.39
CA CYS D 111 34.21 -40.15 -2.36
C CYS D 111 32.85 -40.86 -2.31
N PHE D 112 31.77 -40.09 -2.12
CA PHE D 112 30.37 -40.54 -2.30
C PHE D 112 29.95 -40.31 -3.76
N PHE D 113 29.64 -41.38 -4.49
CA PHE D 113 29.03 -41.30 -5.85
C PHE D 113 27.51 -41.35 -5.70
N GLN D 114 26.81 -40.42 -6.36
CA GLN D 114 25.32 -40.34 -6.39
C GLN D 114 24.86 -40.51 -7.85
N ASN D 115 24.09 -41.56 -8.14
CA ASN D 115 23.55 -41.78 -9.50
C ASN D 115 22.07 -41.41 -9.48
N VAL D 116 21.68 -40.43 -10.27
CA VAL D 116 20.33 -39.79 -10.19
C VAL D 116 19.67 -39.89 -11.56
N ARG D 117 18.42 -40.34 -11.56
CA ARG D 117 17.52 -40.32 -12.73
C ARG D 117 16.41 -39.36 -12.33
N PHE D 118 16.22 -38.29 -13.10
CA PHE D 118 15.27 -37.20 -12.79
C PHE D 118 14.26 -37.09 -13.93
N ASN D 119 12.95 -37.14 -13.62
CA ASN D 119 11.86 -36.98 -14.62
C ASN D 119 10.97 -35.84 -14.13
N GLY D 120 10.63 -34.92 -15.02
CA GLY D 120 9.69 -33.83 -14.69
C GLY D 120 8.77 -33.57 -15.84
N MET D 121 7.47 -33.42 -15.59
CA MET D 121 6.48 -33.32 -16.68
C MET D 121 5.24 -32.55 -16.23
N ASN D 122 4.38 -32.26 -17.21
CA ASN D 122 3.09 -31.54 -17.07
C ASN D 122 3.34 -30.20 -16.37
N PHE D 123 4.52 -29.59 -16.60
CA PHE D 123 4.86 -28.20 -16.17
C PHE D 123 4.22 -27.23 -17.15
N PRO D 124 3.22 -26.41 -16.74
CA PRO D 124 2.62 -25.43 -17.65
C PRO D 124 3.72 -24.65 -18.35
N PRO D 125 3.64 -24.51 -19.68
CA PRO D 125 4.71 -23.91 -20.47
C PRO D 125 4.87 -22.40 -20.21
N ASN D 126 3.80 -21.74 -19.73
CA ASN D 126 3.79 -20.33 -19.27
C ASN D 126 3.92 -20.30 -17.75
N GLY D 127 4.22 -21.46 -17.15
CA GLY D 127 4.41 -21.62 -15.70
C GLY D 127 5.80 -21.13 -15.26
N PRO D 128 5.95 -20.76 -13.98
CA PRO D 128 7.24 -20.33 -13.43
C PRO D 128 8.44 -21.18 -13.87
N VAL D 129 8.31 -22.51 -13.93
CA VAL D 129 9.50 -23.40 -14.08
C VAL D 129 10.08 -23.28 -15.50
N MET D 130 9.24 -23.33 -16.54
CA MET D 130 9.65 -23.32 -17.97
C MET D 130 9.96 -21.88 -18.45
N GLN D 131 9.50 -20.86 -17.70
CA GLN D 131 9.81 -19.42 -17.91
C GLN D 131 10.99 -18.95 -17.04
N LYS D 132 11.59 -19.85 -16.24
CA LYS D 132 12.74 -19.56 -15.35
C LYS D 132 12.48 -18.30 -14.51
N LYS D 133 11.36 -18.26 -13.81
CA LYS D 133 10.98 -17.11 -12.94
C LYS D 133 11.10 -17.50 -11.45
N THR D 134 11.90 -18.51 -11.12
CA THR D 134 12.18 -18.98 -9.74
C THR D 134 13.54 -18.42 -9.30
N LEU D 135 13.56 -17.66 -8.20
CA LEU D 135 14.80 -17.07 -7.64
C LEU D 135 15.51 -18.11 -6.77
N LYS D 136 14.82 -18.63 -5.76
CA LYS D 136 15.41 -19.66 -4.85
C LYS D 136 14.33 -20.44 -4.11
N TRP D 137 14.74 -21.61 -3.61
CA TRP D 137 14.01 -22.44 -2.62
C TRP D 137 13.98 -21.70 -1.28
N GLU D 138 12.81 -21.60 -0.63
CA GLU D 138 12.75 -21.19 0.80
C GLU D 138 13.44 -22.27 1.63
N PRO D 139 14.09 -21.91 2.75
CA PRO D 139 14.53 -22.89 3.74
C PRO D 139 13.31 -23.72 4.15
N SER D 140 13.55 -24.92 4.69
CA SER D 140 12.48 -25.94 4.91
C SER D 140 12.68 -26.73 6.21
N THR D 141 11.68 -27.54 6.54
CA THR D 141 11.71 -28.50 7.67
C THR D 141 11.03 -29.81 7.25
N GLU D 142 11.85 -30.82 6.98
CA GLU D 142 11.45 -32.21 6.62
C GLU D 142 11.06 -32.96 7.90
N LYS D 143 9.89 -33.62 7.90
CA LYS D 143 9.46 -34.50 9.03
C LYS D 143 9.75 -35.95 8.61
N LEU D 144 10.42 -36.72 9.48
CA LEU D 144 10.88 -38.10 9.16
C LEU D 144 10.34 -39.11 10.17
N HIS D 145 9.58 -40.09 9.67
CA HIS D 145 9.01 -41.21 10.46
C HIS D 145 9.45 -42.52 9.81
N VAL D 146 9.35 -43.63 10.53
CA VAL D 146 9.65 -44.98 10.00
C VAL D 146 8.34 -45.62 9.55
N ARG D 147 8.29 -46.09 8.31
CA ARG D 147 7.15 -46.84 7.73
C ARG D 147 7.69 -48.13 7.10
N ASP D 148 7.27 -49.29 7.60
CA ASP D 148 7.63 -50.63 7.07
C ASP D 148 9.16 -50.78 6.99
N GLY D 149 9.89 -50.35 8.04
CA GLY D 149 11.34 -50.57 8.20
C GLY D 149 12.19 -49.56 7.44
N LEU D 150 11.58 -48.70 6.63
CA LEU D 150 12.27 -47.66 5.83
C LEU D 150 12.03 -46.31 6.48
N LEU D 151 12.85 -45.31 6.15
CA LEU D 151 12.67 -43.92 6.67
C LEU D 151 12.04 -43.05 5.59
N VAL D 152 10.93 -42.39 5.92
CA VAL D 152 10.16 -41.55 4.96
C VAL D 152 10.10 -40.10 5.49
N GLY D 153 10.40 -39.16 4.60
CA GLY D 153 10.38 -37.71 4.83
C GLY D 153 9.27 -37.05 4.06
N ASN D 154 8.59 -36.09 4.70
CA ASN D 154 7.64 -35.16 4.06
C ASN D 154 8.12 -33.73 4.34
N ILE D 155 8.14 -32.89 3.29
CA ILE D 155 8.51 -31.45 3.36
C ILE D 155 7.46 -30.65 2.58
N ASN D 156 6.87 -29.64 3.22
CA ASN D 156 6.23 -28.50 2.53
C ASN D 156 7.37 -27.63 1.98
N MET D 157 7.45 -27.42 0.67
CA MET D 157 8.50 -26.60 0.02
C MET D 157 7.85 -25.49 -0.81
N ALA D 158 8.56 -24.37 -0.95
CA ALA D 158 8.12 -23.16 -1.67
C ALA D 158 9.30 -22.61 -2.46
N LEU D 159 9.07 -22.25 -3.72
CA LEU D 159 10.03 -21.46 -4.53
C LEU D 159 9.62 -19.98 -4.44
N LEU D 160 10.59 -19.11 -4.12
CA LEU D 160 10.42 -17.64 -4.18
C LEU D 160 10.52 -17.21 -5.64
N LEU D 161 9.48 -16.54 -6.16
CA LEU D 161 9.38 -16.08 -7.57
C LEU D 161 9.75 -14.59 -7.66
N GLU D 162 9.99 -14.12 -8.88
CA GLU D 162 10.10 -12.66 -9.18
C GLU D 162 8.76 -12.00 -8.82
N GLY D 163 8.79 -10.71 -8.47
CA GLY D 163 7.61 -9.94 -8.05
C GLY D 163 7.15 -10.29 -6.64
N GLY D 164 7.92 -11.13 -5.93
CA GLY D 164 7.51 -11.82 -4.70
C GLY D 164 6.64 -13.04 -5.03
N GLY D 165 5.75 -13.42 -4.11
CA GLY D 165 4.91 -14.62 -4.22
C GLY D 165 5.74 -15.88 -4.18
N HIS D 166 5.13 -16.99 -3.74
CA HIS D 166 5.76 -18.34 -3.64
C HIS D 166 4.99 -19.34 -4.49
N TYR D 167 5.70 -20.36 -4.99
CA TYR D 167 5.16 -21.46 -5.82
C TYR D 167 5.43 -22.78 -5.07
N LEU D 168 4.37 -23.41 -4.52
CA LEU D 168 4.40 -24.53 -3.52
C LEU D 168 4.63 -25.90 -4.18
N CYS D 169 5.26 -26.83 -3.44
CA CYS D 169 5.59 -28.21 -3.88
C CYS D 169 5.52 -29.15 -2.67
N ASP D 170 5.03 -30.38 -2.85
CA ASP D 170 4.94 -31.41 -1.78
C ASP D 170 6.01 -32.47 -2.05
N PHE D 171 7.03 -32.48 -1.20
CA PHE D 171 8.17 -33.45 -1.19
C PHE D 171 7.75 -34.72 -0.44
N LYS D 172 7.92 -35.88 -1.07
CA LYS D 172 7.81 -37.18 -0.38
C LYS D 172 9.03 -38.02 -0.79
N THR D 173 9.84 -38.43 0.20
CA THR D 173 11.09 -39.21 0.00
C THR D 173 10.94 -40.57 0.71
N THR D 174 11.34 -41.67 0.07
CA THR D 174 11.50 -42.98 0.75
C THR D 174 12.97 -43.40 0.67
N TYR D 175 13.65 -43.37 1.83
CA TYR D 175 15.07 -43.69 2.01
C TYR D 175 15.20 -45.17 2.40
N LYS D 176 16.16 -45.90 1.81
CA LYS D 176 16.22 -47.39 1.87
C LYS D 176 17.65 -47.90 2.07
N ALA D 177 18.06 -48.03 3.34
CA ALA D 177 19.34 -48.61 3.78
C ALA D 177 19.50 -50.01 3.19
N LYS D 178 20.66 -50.27 2.59
CA LYS D 178 21.09 -51.57 2.01
C LYS D 178 21.78 -52.40 3.11
N LYS D 179 21.23 -52.31 4.32
CA LYS D 179 21.78 -52.93 5.55
C LYS D 179 20.82 -52.69 6.73
N VAL D 180 20.87 -53.56 7.73
CA VAL D 180 20.11 -53.38 9.00
C VAL D 180 20.81 -52.28 9.80
N VAL D 181 20.03 -51.25 10.16
CA VAL D 181 20.54 -50.08 10.94
C VAL D 181 19.50 -49.78 12.02
N GLN D 182 19.96 -49.16 13.11
CA GLN D 182 19.09 -48.74 14.24
C GLN D 182 18.12 -47.68 13.70
N LEU D 183 16.83 -47.77 14.03
CA LEU D 183 15.80 -46.91 13.39
C LEU D 183 15.40 -45.79 14.33
N PRO D 184 15.51 -44.52 13.87
CA PRO D 184 15.17 -43.37 14.70
C PRO D 184 13.67 -43.27 15.00
N ASP D 185 13.34 -42.69 16.15
CA ASP D 185 11.97 -42.22 16.47
C ASP D 185 11.68 -41.02 15.56
N TYR D 186 10.44 -40.55 15.53
CA TYR D 186 9.97 -39.36 14.76
C TYR D 186 10.89 -38.16 15.07
N HIS D 187 11.44 -37.51 14.04
CA HIS D 187 12.36 -36.35 14.18
C HIS D 187 12.28 -35.45 12.96
N PHE D 188 12.96 -34.31 13.01
CA PHE D 188 12.89 -33.21 12.02
C PHE D 188 14.29 -32.87 11.55
N VAL D 189 14.44 -32.62 10.25
CA VAL D 189 15.69 -32.06 9.66
C VAL D 189 15.38 -30.69 9.04
N ASP D 190 16.01 -29.64 9.57
CA ASP D 190 15.97 -28.26 9.03
C ASP D 190 16.97 -28.17 7.87
N HIS D 191 16.55 -27.56 6.76
CA HIS D 191 17.32 -27.46 5.50
C HIS D 191 17.44 -26.01 5.03
N ARG D 192 18.55 -25.70 4.39
CA ARG D 192 18.70 -24.52 3.52
C ARG D 192 19.54 -24.95 2.32
N ILE D 193 18.96 -24.84 1.13
CA ILE D 193 19.68 -25.03 -0.16
C ILE D 193 19.78 -23.64 -0.81
N GLU D 194 20.91 -23.35 -1.46
CA GLU D 194 21.11 -22.07 -2.19
C GLU D 194 22.10 -22.26 -3.34
N ILE D 195 21.87 -21.58 -4.44
CA ILE D 195 22.85 -21.48 -5.56
C ILE D 195 23.79 -20.32 -5.22
N LEU D 196 25.08 -20.61 -5.05
CA LEU D 196 26.11 -19.61 -4.66
C LEU D 196 26.53 -18.84 -5.92
N SER D 197 26.96 -19.54 -6.96
CA SER D 197 27.43 -18.94 -8.23
C SER D 197 26.88 -19.69 -9.45
N ASN D 198 26.71 -18.95 -10.55
CA ASN D 198 26.12 -19.45 -11.83
C ASN D 198 26.51 -18.51 -12.96
N ASP D 199 26.82 -19.04 -14.16
CA ASP D 199 26.71 -18.24 -15.40
C ASP D 199 25.21 -18.05 -15.70
N SER D 200 24.88 -17.15 -16.63
CA SER D 200 23.48 -16.73 -16.92
C SER D 200 22.70 -17.87 -17.61
N ASP D 201 23.40 -18.85 -18.20
CA ASP D 201 22.78 -20.08 -18.79
C ASP D 201 22.67 -21.19 -17.75
N TYR D 202 23.27 -21.01 -16.57
CA TYR D 202 23.32 -21.99 -15.45
C TYR D 202 23.99 -23.29 -15.88
N ASN D 203 24.76 -23.30 -16.98
CA ASN D 203 25.52 -24.47 -17.50
C ASN D 203 26.56 -24.92 -16.45
N LYS D 204 27.18 -23.93 -15.79
CA LYS D 204 28.05 -24.08 -14.59
C LYS D 204 27.33 -23.49 -13.39
N VAL D 205 27.20 -24.28 -12.32
CA VAL D 205 26.53 -23.88 -11.04
C VAL D 205 27.32 -24.46 -9.88
N LYS D 206 27.43 -23.65 -8.81
CA LYS D 206 27.96 -24.06 -7.50
C LYS D 206 26.79 -24.11 -6.53
N LEU D 207 26.56 -25.27 -5.94
CA LEU D 207 25.41 -25.54 -5.05
C LEU D 207 25.90 -25.79 -3.61
N TYR D 208 25.17 -25.27 -2.63
CA TYR D 208 25.49 -25.41 -1.19
C TYR D 208 24.23 -25.90 -0.49
N GLU D 209 24.40 -26.77 0.50
CA GLU D 209 23.29 -27.27 1.35
C GLU D 209 23.73 -27.35 2.82
N HIS D 210 22.86 -26.93 3.74
CA HIS D 210 23.01 -27.14 5.20
C HIS D 210 21.82 -27.93 5.72
N GLY D 211 22.09 -29.02 6.45
CA GLY D 211 21.05 -29.93 6.99
C GLY D 211 21.36 -30.34 8.42
N VAL D 212 20.42 -30.08 9.35
CA VAL D 212 20.59 -30.36 10.80
C VAL D 212 19.35 -31.08 11.32
N ALA D 213 19.52 -32.25 11.94
CA ALA D 213 18.43 -33.08 12.48
C ALA D 213 18.13 -32.64 13.92
N ARG D 214 16.88 -32.76 14.37
CA ARG D 214 16.46 -32.33 15.73
C ARG D 214 15.12 -32.96 16.13
N TYR D 215 14.83 -32.97 17.44
CA TYR D 215 13.48 -33.12 18.05
C TYR D 215 12.87 -31.74 18.22
N SER D 216 11.62 -31.65 18.69
CA SER D 216 10.95 -30.36 18.91
C SER D 216 11.81 -29.50 19.83
N PRO D 217 12.00 -28.19 19.52
CA PRO D 217 12.65 -27.28 20.47
C PRO D 217 11.70 -27.00 21.64
N LEU D 218 10.39 -27.20 21.44
CA LEU D 218 9.33 -26.97 22.46
C LEU D 218 9.18 -28.21 23.34
N PRO D 219 9.14 -28.05 24.68
CA PRO D 219 9.24 -29.18 25.61
C PRO D 219 7.85 -29.72 25.94
N SER D 220 7.78 -31.03 26.21
CA SER D 220 6.53 -31.74 26.62
C SER D 220 6.07 -31.20 27.99
N GLN D 221 4.76 -31.27 28.27
CA GLN D 221 4.15 -31.00 29.61
C GLN D 221 3.23 -32.17 29.98
N LEU E 3 10.13 0.36 -17.16
CA LEU E 3 9.41 -0.20 -15.98
C LEU E 3 10.28 0.00 -14.73
N ILE E 4 9.65 -0.06 -13.55
CA ILE E 4 10.34 0.02 -12.23
C ILE E 4 10.34 -1.38 -11.62
N LYS E 5 11.53 -1.94 -11.38
CA LYS E 5 11.75 -3.26 -10.72
C LYS E 5 11.74 -3.11 -9.21
N GLU E 6 11.45 -4.19 -8.48
CA GLU E 6 11.37 -4.23 -7.00
C GLU E 6 12.67 -3.66 -6.41
N ASP E 7 13.79 -3.80 -7.12
CA ASP E 7 15.13 -3.27 -6.76
C ASP E 7 15.63 -2.35 -7.88
N MET E 8 16.06 -1.14 -7.53
CA MET E 8 16.57 -0.13 -8.49
C MET E 8 17.76 0.59 -7.88
N ARG E 9 18.53 1.27 -8.74
CA ARG E 9 19.78 1.97 -8.37
C ARG E 9 19.54 3.48 -8.53
N VAL E 10 20.20 4.28 -7.69
CA VAL E 10 20.02 5.77 -7.64
C VAL E 10 21.40 6.41 -7.76
N LYS E 11 21.46 7.50 -8.52
CA LYS E 11 22.68 8.32 -8.76
C LYS E 11 22.26 9.78 -8.58
N VAL E 12 22.99 10.54 -7.76
CA VAL E 12 22.62 11.94 -7.39
C VAL E 12 23.83 12.89 -7.58
N HIS E 13 23.62 13.95 -8.36
CA HIS E 13 24.51 15.13 -8.47
C HIS E 13 23.80 16.35 -7.87
N MET E 14 24.33 16.93 -6.80
CA MET E 14 23.79 18.18 -6.23
C MET E 14 24.81 19.30 -6.41
N GLU E 15 24.40 20.42 -7.00
CA GLU E 15 25.17 21.70 -7.00
C GLU E 15 24.40 22.70 -6.14
N GLY E 16 25.06 23.30 -5.14
CA GLY E 16 24.36 24.10 -4.13
C GLY E 16 25.12 25.34 -3.70
N ASN E 17 24.40 26.23 -3.03
CA ASN E 17 24.93 27.51 -2.48
C ASN E 17 24.07 27.94 -1.28
N VAL E 18 24.59 27.75 -0.07
CA VAL E 18 23.92 28.12 1.19
C VAL E 18 24.70 29.26 1.84
N ASN E 19 24.11 30.45 1.90
CA ASN E 19 24.67 31.65 2.58
C ASN E 19 26.04 31.98 1.98
N GLY E 20 26.15 31.95 0.65
CA GLY E 20 27.38 32.32 -0.07
C GLY E 20 28.30 31.12 -0.33
N HIS E 21 28.22 30.06 0.48
CA HIS E 21 29.13 28.89 0.40
C HIS E 21 28.65 27.91 -0.69
N ALA E 22 29.36 27.88 -1.83
CA ALA E 22 29.17 26.94 -2.96
C ALA E 22 29.62 25.54 -2.56
N PHE E 23 29.00 24.50 -3.12
CA PHE E 23 29.37 23.09 -2.87
C PHE E 23 28.89 22.26 -4.04
N VAL E 24 29.47 21.07 -4.19
CA VAL E 24 28.95 19.97 -5.06
C VAL E 24 28.91 18.72 -4.19
N ILE E 25 27.87 17.91 -4.33
CA ILE E 25 27.74 16.59 -3.63
C ILE E 25 27.30 15.58 -4.68
N GLU E 26 27.87 14.37 -4.62
CA GLU E 26 27.53 13.24 -5.52
C GLU E 26 27.14 12.07 -4.64
N GLY E 27 26.18 11.28 -5.10
CA GLY E 27 25.67 10.12 -4.35
C GLY E 27 25.39 8.98 -5.29
N GLU E 28 25.53 7.74 -4.79
CA GLU E 28 25.09 6.51 -5.49
C GLU E 28 24.48 5.58 -4.45
N GLY E 29 23.29 5.06 -4.75
CA GLY E 29 22.55 4.19 -3.81
C GLY E 29 21.72 3.14 -4.51
N LYS E 30 20.85 2.49 -3.74
CA LYS E 30 19.83 1.52 -4.23
C LYS E 30 18.53 1.77 -3.45
N GLY E 31 17.42 1.21 -3.90
CA GLY E 31 16.15 1.31 -3.18
C GLY E 31 15.07 0.39 -3.72
N LYS E 32 14.03 0.14 -2.92
CA LYS E 32 12.86 -0.72 -3.26
C LYS E 32 11.64 0.18 -3.48
N PRO E 33 11.37 0.56 -4.76
CA PRO E 33 10.36 1.55 -5.09
C PRO E 33 8.98 1.18 -4.53
N TYR E 34 8.61 -0.11 -4.58
CA TYR E 34 7.25 -0.61 -4.24
C TYR E 34 7.09 -0.74 -2.71
N GLU E 35 8.19 -0.73 -1.94
CA GLU E 35 8.15 -0.81 -0.45
C GLU E 35 8.45 0.58 0.14
N GLY E 36 8.86 1.55 -0.68
CA GLY E 36 9.06 2.96 -0.30
C GLY E 36 10.32 3.18 0.55
N THR E 37 11.39 2.45 0.25
CA THR E 37 12.67 2.44 1.02
C THR E 37 13.87 2.58 0.06
N GLN E 38 14.73 3.56 0.31
CA GLN E 38 15.96 3.79 -0.47
C GLN E 38 17.14 4.02 0.47
N THR E 39 18.35 3.69 0.02
CA THR E 39 19.63 4.01 0.70
C THR E 39 20.50 4.86 -0.26
N LEU E 40 21.17 5.90 0.24
CA LEU E 40 22.07 6.76 -0.58
C LEU E 40 23.40 7.02 0.14
N ASN E 41 24.51 6.61 -0.50
CA ASN E 41 25.91 6.91 -0.08
C ASN E 41 26.38 8.19 -0.78
N LEU E 42 26.60 9.25 0.00
CA LEU E 42 26.85 10.63 -0.48
C LEU E 42 28.30 11.01 -0.18
N THR E 43 28.92 11.80 -1.06
CA THR E 43 30.29 12.33 -0.88
C THR E 43 30.30 13.81 -1.24
N VAL E 44 30.90 14.65 -0.39
CA VAL E 44 31.16 16.07 -0.75
C VAL E 44 32.35 16.06 -1.71
N LYS E 45 32.24 16.79 -2.82
CA LYS E 45 33.27 16.87 -3.88
C LYS E 45 33.85 18.30 -3.95
N GLU E 46 33.04 19.31 -3.62
CA GLU E 46 33.48 20.72 -3.58
C GLU E 46 32.84 21.40 -2.37
N GLY E 47 33.60 22.26 -1.70
CA GLY E 47 33.13 23.10 -0.58
C GLY E 47 33.46 22.52 0.78
N ALA E 48 33.92 21.25 0.83
CA ALA E 48 34.26 20.51 2.07
C ALA E 48 35.22 21.33 2.95
N PRO E 49 35.12 21.24 4.30
CA PRO E 49 33.92 20.74 4.98
C PRO E 49 32.80 21.80 4.88
N LEU E 50 31.55 21.37 4.92
CA LEU E 50 30.36 22.27 4.83
C LEU E 50 30.20 23.03 6.15
N PRO E 51 29.95 24.36 6.09
CA PRO E 51 29.77 25.19 7.27
C PRO E 51 28.32 25.35 7.75
N PHE E 52 27.42 24.42 7.39
CA PHE E 52 25.98 24.42 7.79
C PHE E 52 25.50 22.97 7.98
N SER E 53 24.36 22.81 8.64
CA SER E 53 23.71 21.50 8.90
C SER E 53 23.52 20.72 7.59
N TYR E 54 23.93 19.45 7.56
CA TYR E 54 23.68 18.53 6.42
C TYR E 54 22.18 18.22 6.34
N ASP E 55 21.44 18.42 7.44
CA ASP E 55 20.00 18.07 7.55
C ASP E 55 19.17 18.94 6.59
N ILE E 56 19.56 20.19 6.32
CA ILE E 56 18.83 21.03 5.33
C ILE E 56 18.96 20.41 3.92
N LEU E 57 20.02 19.64 3.64
CA LEU E 57 20.29 19.08 2.27
C LEU E 57 19.54 17.76 2.03
N THR E 58 19.31 16.97 3.07
CA THR E 58 18.94 15.53 2.96
C THR E 58 17.64 15.34 2.16
N THR E 59 16.62 16.20 2.36
CA THR E 59 15.24 16.04 1.81
C THR E 59 15.20 16.44 0.33
N ALA E 60 16.30 16.97 -0.21
CA ALA E 60 16.49 17.27 -1.65
C ALA E 60 17.29 16.14 -2.31
N LEU E 61 17.97 15.32 -1.52
CA LEU E 61 18.65 14.08 -1.97
C LEU E 61 17.66 12.91 -1.82
C11 CR8 E 62 10.46 13.84 5.38
C12 CR8 E 62 11.52 13.26 4.71
C4 CR8 E 62 9.57 14.60 4.67
C5 CR8 E 62 9.74 14.78 3.31
C6 CR8 E 62 11.71 13.43 3.35
C7 CR8 E 62 10.82 14.20 2.65
C8 CR8 E 62 10.95 14.42 1.19
CA2 CR8 E 62 12.02 13.88 0.30
C10 CR8 E 62 17.77 8.49 0.78
O13 CR8 E 62 10.35 13.61 6.61
N11 CR8 E 62 17.85 8.69 -0.54
C2 CR8 E 62 12.08 14.14 -1.12
N3 CR8 E 62 13.12 13.55 -1.67
C1 CR8 E 62 13.79 12.90 -0.66
N2 CR8 E 62 13.10 13.10 0.54
C20 CR8 E 62 15.37 11.29 0.45
C21 CR8 E 62 16.41 10.18 0.30
N22 CR8 E 62 16.90 9.41 1.29
C23 CR8 E 62 17.03 9.72 -0.85
O2 CR8 E 62 11.21 14.85 -1.77
N1 CR8 E 62 16.26 12.88 -1.17
CA1 CR8 E 62 15.06 12.08 -0.83
C3 CR8 E 62 14.20 12.86 -3.93
CA3 CR8 E 62 13.30 13.75 -3.11
O3 CR8 E 62 14.93 13.50 -4.74
N ASN E 63 13.41 11.81 -4.69
CA ASN E 63 12.60 10.84 -5.48
C ASN E 63 11.45 10.29 -4.64
N ARG E 64 10.21 10.64 -5.00
CA ARG E 64 8.98 10.07 -4.40
C ARG E 64 8.55 8.80 -5.17
N VAL E 65 9.33 8.37 -6.17
CA VAL E 65 9.20 7.02 -6.79
C VAL E 65 9.38 5.97 -5.68
N PHE E 66 10.26 6.26 -4.72
CA PHE E 66 10.50 5.41 -3.52
C PHE E 66 9.50 5.76 -2.42
N THR E 67 8.22 5.76 -2.79
CA THR E 67 7.05 5.82 -1.90
C THR E 67 6.17 4.62 -2.18
N LYS E 68 5.72 3.92 -1.13
CA LYS E 68 4.78 2.78 -1.24
C LYS E 68 3.36 3.32 -1.47
N TYR E 69 2.80 3.08 -2.65
CA TYR E 69 1.45 3.55 -3.05
C TYR E 69 0.47 2.38 -3.02
N PRO E 70 -0.62 2.44 -2.22
CA PRO E 70 -1.71 1.47 -2.34
C PRO E 70 -2.43 1.60 -3.69
N GLU E 71 -2.94 0.47 -4.20
CA GLU E 71 -3.74 0.32 -5.46
C GLU E 71 -4.79 1.43 -5.62
N ASP E 72 -5.55 1.75 -4.57
CA ASP E 72 -6.72 2.67 -4.65
C ASP E 72 -6.25 4.11 -4.92
N ILE E 73 -4.96 4.43 -4.73
CA ILE E 73 -4.38 5.78 -4.98
C ILE E 73 -3.45 5.71 -6.20
N PRO E 74 -3.76 6.40 -7.30
CA PRO E 74 -2.82 6.46 -8.41
C PRO E 74 -1.43 6.98 -7.98
N ASP E 75 -0.36 6.35 -8.45
CA ASP E 75 1.05 6.73 -8.13
C ASP E 75 1.59 7.68 -9.21
N TYR E 76 1.54 9.00 -8.93
CA TYR E 76 1.89 10.09 -9.88
C TYR E 76 3.31 9.87 -10.43
N PHE E 77 4.22 9.36 -9.59
CA PHE E 77 5.68 9.36 -9.84
C PHE E 77 6.09 8.14 -10.69
N LYS E 78 5.64 6.95 -10.29
CA LYS E 78 5.96 5.70 -11.03
C LYS E 78 5.37 5.79 -12.44
N GLN E 79 4.13 6.27 -12.55
CA GLN E 79 3.42 6.48 -13.85
C GLN E 79 4.24 7.36 -14.80
N SER E 80 5.03 8.30 -14.28
CA SER E 80 5.71 9.37 -15.06
C SER E 80 6.83 8.79 -15.94
N PHE E 81 7.54 7.79 -15.42
CA PHE E 81 8.57 7.02 -16.16
C PHE E 81 7.86 6.19 -17.21
N PRO E 82 8.42 5.97 -18.42
CA PRO E 82 9.83 6.21 -18.74
C PRO E 82 10.35 7.66 -18.81
N GLU E 83 9.50 8.62 -19.15
CA GLU E 83 9.89 10.05 -19.37
C GLU E 83 10.51 10.63 -18.09
N GLY E 84 9.77 10.59 -16.99
CA GLY E 84 10.24 10.99 -15.65
C GLY E 84 9.48 12.20 -15.14
N TYR E 85 10.06 12.92 -14.17
CA TYR E 85 9.43 14.13 -13.60
C TYR E 85 10.49 15.08 -13.05
N SER E 86 10.06 16.32 -12.86
CA SER E 86 10.85 17.42 -12.27
C SER E 86 10.02 17.96 -11.09
N TRP E 87 10.68 18.40 -10.01
CA TRP E 87 9.99 18.98 -8.83
C TRP E 87 10.73 20.24 -8.39
N GLU E 88 10.00 21.20 -7.85
CA GLU E 88 10.52 22.50 -7.36
C GLU E 88 9.97 22.71 -5.96
N ARG E 89 10.86 22.92 -4.98
CA ARG E 89 10.50 23.01 -3.55
C ARG E 89 10.94 24.34 -2.96
N THR E 90 10.10 24.88 -2.09
CA THR E 90 10.31 26.12 -1.31
C THR E 90 10.25 25.75 0.18
N MET E 91 11.39 25.69 0.85
CA MET E 91 11.47 25.45 2.33
C MET E 91 11.63 26.80 3.02
N THR E 92 10.60 27.23 3.75
CA THR E 92 10.59 28.50 4.52
C THR E 92 10.71 28.15 6.01
N TYR E 93 11.80 28.57 6.65
CA TYR E 93 12.11 28.26 8.07
C TYR E 93 11.53 29.36 8.94
N GLU E 94 11.48 29.10 10.24
CA GLU E 94 10.86 30.00 11.26
C GLU E 94 11.76 31.20 11.56
N ASP E 95 13.09 31.11 11.35
CA ASP E 95 14.01 32.28 11.51
C ASP E 95 14.14 33.00 10.17
N LYS E 96 13.38 32.58 9.14
CA LYS E 96 13.21 33.25 7.82
C LYS E 96 14.37 32.91 6.87
N GLY E 97 15.20 31.92 7.21
CA GLY E 97 16.05 31.24 6.24
C GLY E 97 15.17 30.66 5.17
N ILE E 98 15.59 30.70 3.91
CA ILE E 98 14.80 30.22 2.74
C ILE E 98 15.72 29.40 1.82
N CYS E 99 15.33 28.17 1.51
CA CYS E 99 15.98 27.36 0.44
C CYS E 99 14.99 27.26 -0.72
N THR E 100 15.49 27.35 -1.96
CA THR E 100 14.76 26.98 -3.20
C THR E 100 15.54 25.86 -3.90
N ILE E 101 14.84 24.77 -4.23
CA ILE E 101 15.45 23.52 -4.74
C ILE E 101 14.69 23.08 -5.99
N ARG E 102 15.38 22.39 -6.88
CA ARG E 102 14.82 21.83 -8.13
C ARG E 102 15.59 20.55 -8.47
N SER E 103 14.89 19.42 -8.58
CA SER E 103 15.46 18.13 -9.01
C SER E 103 14.75 17.69 -10.29
N ASP E 104 15.51 17.21 -11.28
CA ASP E 104 14.99 16.54 -12.50
C ASP E 104 15.28 15.04 -12.36
N ILE E 105 14.26 14.18 -12.44
CA ILE E 105 14.43 12.70 -12.33
C ILE E 105 14.22 12.07 -13.71
N SER E 106 15.21 11.29 -14.13
CA SER E 106 15.29 10.59 -15.43
C SER E 106 15.74 9.15 -15.14
N LEU E 107 15.42 8.20 -16.04
CA LEU E 107 15.75 6.76 -15.86
C LEU E 107 16.50 6.23 -17.09
N GLU E 108 17.71 5.71 -16.84
CA GLU E 108 18.56 4.95 -17.80
C GLU E 108 18.84 3.57 -17.20
N GLY E 109 18.29 2.51 -17.79
CA GLY E 109 18.44 1.14 -17.29
C GLY E 109 17.78 0.99 -15.94
N ASP E 110 18.47 0.38 -14.97
CA ASP E 110 17.96 0.10 -13.59
C ASP E 110 18.25 1.29 -12.66
N CYS E 111 18.84 2.38 -13.17
CA CYS E 111 19.36 3.53 -12.38
C CYS E 111 18.52 4.80 -12.62
N PHE E 112 17.97 5.37 -11.55
CA PHE E 112 17.37 6.72 -11.56
C PHE E 112 18.51 7.72 -11.51
N PHE E 113 18.41 8.80 -12.30
CA PHE E 113 19.37 9.92 -12.23
C PHE E 113 18.65 11.17 -11.73
N GLN E 114 19.14 11.72 -10.61
CA GLN E 114 18.63 12.96 -9.99
C GLN E 114 19.70 14.05 -10.12
N ASN E 115 19.31 15.22 -10.65
CA ASN E 115 20.17 16.41 -10.82
C ASN E 115 19.54 17.56 -10.00
N VAL E 116 20.20 18.00 -8.93
CA VAL E 116 19.62 18.91 -7.90
C VAL E 116 20.39 20.24 -7.88
N ARG E 117 19.67 21.34 -7.69
CA ARG E 117 20.23 22.71 -7.53
C ARG E 117 19.60 23.30 -6.27
N PHE E 118 20.42 23.54 -5.24
CA PHE E 118 19.97 23.89 -3.87
C PHE E 118 20.38 25.34 -3.63
N ASN E 119 19.47 26.19 -3.15
CA ASN E 119 19.77 27.63 -2.88
C ASN E 119 19.21 28.02 -1.51
N GLY E 120 20.09 28.19 -0.53
CA GLY E 120 19.75 28.75 0.80
C GLY E 120 20.20 30.19 0.91
N MET E 121 19.49 31.00 1.70
CA MET E 121 19.93 32.37 2.06
C MET E 121 19.10 32.91 3.24
N ASN E 122 19.45 34.11 3.74
CA ASN E 122 18.83 34.81 4.91
C ASN E 122 18.84 33.90 6.15
N PHE E 123 19.78 32.96 6.23
CA PHE E 123 19.96 32.06 7.41
C PHE E 123 20.73 32.83 8.49
N PRO E 124 20.15 33.06 9.69
CA PRO E 124 20.88 33.72 10.77
C PRO E 124 22.24 33.09 11.00
N PRO E 125 23.32 33.90 11.04
CA PRO E 125 24.68 33.39 11.18
C PRO E 125 24.91 32.65 12.52
N ASN E 126 24.28 33.11 13.62
CA ASN E 126 24.35 32.45 14.96
C ASN E 126 23.13 31.55 15.22
N GLY E 127 22.28 31.33 14.22
CA GLY E 127 21.12 30.43 14.30
C GLY E 127 21.55 28.97 14.24
N PRO E 128 20.62 28.01 14.43
CA PRO E 128 20.97 26.59 14.48
C PRO E 128 21.49 25.92 13.19
N VAL E 129 21.10 26.37 11.99
CA VAL E 129 21.57 25.76 10.72
C VAL E 129 23.05 26.11 10.53
N MET E 130 23.39 27.39 10.68
CA MET E 130 24.78 27.86 10.45
C MET E 130 25.69 27.35 11.59
N GLN E 131 25.12 27.09 12.77
CA GLN E 131 25.90 26.66 13.97
C GLN E 131 25.93 25.13 14.08
N LYS E 132 25.22 24.43 13.20
CA LYS E 132 25.19 22.94 13.14
C LYS E 132 24.60 22.39 14.45
N LYS E 133 23.40 22.84 14.81
CA LYS E 133 22.75 22.55 16.10
C LYS E 133 21.59 21.56 15.93
N THR E 134 21.43 20.96 14.75
CA THR E 134 20.27 20.10 14.43
C THR E 134 20.69 18.63 14.57
N LEU E 135 19.85 17.83 15.21
CA LEU E 135 20.07 16.37 15.42
C LEU E 135 19.50 15.58 14.23
N LYS E 136 18.28 15.91 13.79
CA LYS E 136 17.59 15.21 12.68
C LYS E 136 16.27 15.91 12.36
N TRP E 137 15.66 15.55 11.23
CA TRP E 137 14.25 15.87 10.90
C TRP E 137 13.36 14.95 11.72
N GLU E 138 12.25 15.47 12.26
CA GLU E 138 11.22 14.57 12.81
C GLU E 138 10.58 13.87 11.62
N PRO E 139 10.01 12.66 11.81
CA PRO E 139 9.13 12.06 10.81
C PRO E 139 7.98 13.03 10.50
N SER E 140 7.39 12.89 9.32
CA SER E 140 6.48 13.93 8.76
C SER E 140 5.27 13.28 8.08
N THR E 141 4.27 14.11 7.80
CA THR E 141 3.08 13.76 6.98
C THR E 141 2.82 14.87 5.95
N GLU E 142 3.21 14.61 4.71
CA GLU E 142 2.95 15.45 3.52
C GLU E 142 1.49 15.29 3.09
N LYS E 143 0.90 16.37 2.57
CA LYS E 143 -0.47 16.44 2.00
C LYS E 143 -0.37 16.82 0.52
N LEU E 144 -0.82 15.93 -0.35
CA LEU E 144 -0.69 16.06 -1.81
C LEU E 144 -2.08 16.27 -2.40
N HIS E 145 -2.27 17.38 -3.07
CA HIS E 145 -3.49 17.69 -3.85
C HIS E 145 -3.06 18.02 -5.28
N VAL E 146 -4.05 18.21 -6.14
CA VAL E 146 -3.83 18.61 -7.56
C VAL E 146 -4.20 20.08 -7.67
N ARG E 147 -3.29 20.86 -8.24
CA ARG E 147 -3.43 22.29 -8.63
C ARG E 147 -2.99 22.39 -10.10
N ASP E 148 -3.82 22.98 -10.97
CA ASP E 148 -3.53 23.22 -12.41
C ASP E 148 -2.86 21.99 -13.05
N GLY E 149 -3.41 20.78 -12.86
CA GLY E 149 -2.96 19.56 -13.55
C GLY E 149 -1.66 18.98 -13.01
N LEU E 150 -1.06 19.63 -12.00
CA LEU E 150 0.22 19.19 -11.38
C LEU E 150 -0.04 18.79 -9.93
N LEU E 151 0.81 17.90 -9.41
CA LEU E 151 0.75 17.45 -8.00
C LEU E 151 1.57 18.38 -7.10
N VAL E 152 0.98 18.81 -6.00
CA VAL E 152 1.57 19.79 -5.04
C VAL E 152 1.53 19.15 -3.65
N GLY E 153 2.63 19.25 -2.91
CA GLY E 153 2.80 18.68 -1.56
C GLY E 153 3.08 19.78 -0.56
N ASN E 154 2.35 19.80 0.56
CA ASN E 154 2.61 20.72 1.70
C ASN E 154 2.97 19.83 2.89
N ILE E 155 4.05 20.15 3.61
CA ILE E 155 4.47 19.43 4.86
C ILE E 155 4.83 20.45 5.93
N ASN E 156 4.38 20.20 7.16
CA ASN E 156 4.81 20.97 8.37
C ASN E 156 5.98 20.20 8.98
N MET E 157 7.21 20.55 8.57
CA MET E 157 8.45 19.83 8.93
C MET E 157 9.05 20.45 10.18
N ALA E 158 9.91 19.68 10.84
CA ALA E 158 10.53 20.03 12.14
C ALA E 158 11.90 19.36 12.27
N LEU E 159 12.91 20.15 12.62
CA LEU E 159 14.25 19.67 13.01
C LEU E 159 14.33 19.63 14.53
N LEU E 160 14.72 18.48 15.10
CA LEU E 160 15.03 18.32 16.55
C LEU E 160 16.39 18.97 16.82
N LEU E 161 16.51 19.75 17.88
CA LEU E 161 17.72 20.56 18.16
C LEU E 161 18.54 19.92 19.28
N GLU E 162 19.85 20.18 19.31
CA GLU E 162 20.71 19.98 20.51
C GLU E 162 20.12 20.76 21.68
N GLY E 163 19.86 20.08 22.80
CA GLY E 163 19.27 20.68 24.01
C GLY E 163 17.75 20.65 23.97
N GLY E 164 17.18 19.85 23.05
CA GLY E 164 15.74 19.66 22.87
C GLY E 164 15.08 20.84 22.17
N GLY E 165 13.77 20.76 21.96
CA GLY E 165 13.00 21.77 21.23
C GLY E 165 13.14 21.56 19.73
N HIS E 166 12.36 22.30 18.94
CA HIS E 166 12.27 22.09 17.47
C HIS E 166 12.48 23.41 16.71
N TYR E 167 13.06 23.30 15.52
CA TYR E 167 13.25 24.37 14.52
C TYR E 167 12.37 24.03 13.31
N LEU E 168 11.37 24.88 13.01
CA LEU E 168 10.26 24.52 12.09
C LEU E 168 10.50 25.04 10.68
N CYS E 169 9.96 24.31 9.71
CA CYS E 169 10.07 24.60 8.26
C CYS E 169 8.71 24.32 7.61
N ASP E 170 8.24 25.20 6.73
CA ASP E 170 7.10 24.91 5.82
C ASP E 170 7.70 24.41 4.50
N PHE E 171 7.45 23.15 4.14
CA PHE E 171 7.76 22.55 2.82
C PHE E 171 6.59 22.80 1.86
N LYS E 172 6.92 23.33 0.69
CA LYS E 172 5.98 23.42 -0.44
C LYS E 172 6.68 22.83 -1.65
N THR E 173 6.16 21.72 -2.18
CA THR E 173 6.69 21.09 -3.41
C THR E 173 5.59 21.12 -4.47
N THR E 174 5.98 21.45 -5.70
CA THR E 174 5.21 21.19 -6.95
C THR E 174 5.97 20.12 -7.74
N TYR E 175 5.27 19.03 -8.07
CA TYR E 175 5.83 17.89 -8.85
C TYR E 175 5.27 17.99 -10.27
N LYS E 176 6.11 17.72 -11.27
CA LYS E 176 5.76 17.93 -12.70
C LYS E 176 6.16 16.69 -13.50
N ALA E 177 5.17 15.87 -13.85
CA ALA E 177 5.33 14.73 -14.78
C ALA E 177 5.60 15.27 -16.19
N LYS E 178 6.47 14.60 -16.95
CA LYS E 178 6.84 15.02 -18.34
C LYS E 178 5.88 14.37 -19.35
N LYS E 179 4.93 13.60 -18.84
CA LYS E 179 3.92 12.82 -19.59
C LYS E 179 2.60 12.91 -18.85
N VAL E 180 1.47 12.78 -19.56
CA VAL E 180 0.11 12.79 -18.96
C VAL E 180 -0.04 11.48 -18.19
N VAL E 181 -0.52 11.55 -16.95
CA VAL E 181 -0.64 10.40 -16.01
C VAL E 181 -2.04 10.44 -15.37
N GLN E 182 -2.45 9.34 -14.76
CA GLN E 182 -3.72 9.27 -14.00
C GLN E 182 -3.51 10.06 -12.71
N LEU E 183 -4.35 11.08 -12.48
CA LEU E 183 -4.21 12.04 -11.35
C LEU E 183 -4.91 11.49 -10.13
N PRO E 184 -4.25 11.56 -8.96
CA PRO E 184 -4.81 11.08 -7.70
C PRO E 184 -5.66 12.14 -7.01
N ASP E 185 -6.51 11.70 -6.07
CA ASP E 185 -7.27 12.59 -5.17
C ASP E 185 -6.38 12.98 -3.99
N TYR E 186 -6.83 13.95 -3.20
CA TYR E 186 -6.16 14.37 -1.94
C TYR E 186 -5.73 13.13 -1.19
N HIS E 187 -4.45 13.04 -0.83
CA HIS E 187 -3.92 11.92 -0.02
C HIS E 187 -2.70 12.39 0.77
N PHE E 188 -2.22 11.47 1.60
CA PHE E 188 -1.12 11.68 2.58
C PHE E 188 0.02 10.73 2.23
N VAL E 189 1.26 11.18 2.47
CA VAL E 189 2.46 10.32 2.56
C VAL E 189 3.07 10.56 3.94
N ASP E 190 3.16 9.49 4.73
CA ASP E 190 3.97 9.45 5.98
C ASP E 190 5.44 9.26 5.57
N HIS E 191 6.33 10.10 6.11
CA HIS E 191 7.80 10.06 5.83
C HIS E 191 8.56 9.76 7.10
N ARG E 192 9.74 9.13 6.96
CA ARG E 192 10.86 9.21 7.95
C ARG E 192 12.18 9.17 7.20
N ILE E 193 13.00 10.23 7.37
CA ILE E 193 14.38 10.33 6.81
C ILE E 193 15.40 10.34 7.95
N GLU E 194 16.48 9.56 7.79
CA GLU E 194 17.52 9.33 8.82
C GLU E 194 18.91 9.26 8.18
N ILE E 195 19.88 9.97 8.74
CA ILE E 195 21.33 9.76 8.49
C ILE E 195 21.77 8.59 9.38
N LEU E 196 22.04 7.43 8.79
CA LEU E 196 22.43 6.18 9.50
C LEU E 196 23.89 6.29 9.98
N SER E 197 24.77 6.84 9.15
CA SER E 197 26.23 6.96 9.43
C SER E 197 26.77 8.24 8.80
N ASN E 198 27.89 8.73 9.33
CA ASN E 198 28.54 9.99 8.87
C ASN E 198 29.96 10.05 9.43
N ASP E 199 30.87 10.68 8.68
CA ASP E 199 32.15 11.16 9.24
C ASP E 199 31.88 12.51 9.91
N SER E 200 32.88 13.07 10.60
CA SER E 200 32.76 14.22 11.53
C SER E 200 32.42 15.51 10.80
N ASP E 201 32.81 15.59 9.53
CA ASP E 201 32.63 16.81 8.70
C ASP E 201 31.43 16.60 7.77
N TYR E 202 30.75 15.45 7.87
CA TYR E 202 29.59 15.06 7.03
C TYR E 202 30.02 15.12 5.55
N ASN E 203 31.32 14.91 5.30
CA ASN E 203 31.94 14.81 3.95
C ASN E 203 31.44 13.53 3.27
N LYS E 204 31.25 12.46 4.04
CA LYS E 204 30.64 11.18 3.61
C LYS E 204 29.43 10.88 4.48
N VAL E 205 28.26 10.69 3.87
CA VAL E 205 26.96 10.52 4.59
C VAL E 205 26.23 9.31 4.01
N LYS E 206 25.74 8.42 4.87
CA LYS E 206 24.72 7.41 4.49
C LYS E 206 23.34 7.89 4.98
N LEU E 207 22.38 7.99 4.05
CA LEU E 207 21.01 8.53 4.24
C LEU E 207 20.00 7.43 3.91
N TYR E 208 18.93 7.29 4.70
CA TYR E 208 17.81 6.32 4.50
C TYR E 208 16.45 7.04 4.54
N GLU E 209 15.55 6.70 3.62
CA GLU E 209 14.16 7.22 3.62
C GLU E 209 13.14 6.08 3.49
N HIS E 210 12.10 6.16 4.32
CA HIS E 210 10.87 5.32 4.25
C HIS E 210 9.67 6.24 4.01
N GLY E 211 8.87 5.95 2.98
CA GLY E 211 7.66 6.73 2.63
C GLY E 211 6.50 5.85 2.22
N VAL E 212 5.35 6.00 2.89
CA VAL E 212 4.11 5.23 2.57
C VAL E 212 2.93 6.18 2.34
N ALA E 213 2.25 6.04 1.19
CA ALA E 213 1.04 6.82 0.82
C ALA E 213 -0.19 6.17 1.45
N ARG E 214 -1.12 6.99 1.95
CA ARG E 214 -2.40 6.50 2.55
C ARG E 214 -3.47 7.58 2.41
N TYR E 215 -4.70 7.24 2.79
CA TYR E 215 -5.82 8.17 3.08
C TYR E 215 -5.95 8.30 4.59
N SER E 216 -6.86 9.13 5.08
CA SER E 216 -7.16 9.20 6.53
C SER E 216 -7.53 7.79 7.01
N PRO E 217 -6.91 7.29 8.11
CA PRO E 217 -7.30 6.02 8.71
C PRO E 217 -8.59 6.13 9.54
N LEU E 218 -9.21 7.31 9.54
CA LEU E 218 -10.44 7.59 10.29
C LEU E 218 -11.63 7.55 9.35
N PRO E 219 -12.65 6.70 9.62
CA PRO E 219 -13.80 6.54 8.74
C PRO E 219 -14.64 7.82 8.61
N SER E 220 -15.20 8.02 7.41
CA SER E 220 -16.14 9.12 7.07
C SER E 220 -17.58 8.70 7.40
N GLN E 221 -18.37 9.59 8.01
CA GLN E 221 -19.80 9.30 8.34
C GLN E 221 -20.72 9.99 7.32
N LEU F 3 -12.68 14.37 37.02
CA LEU F 3 -12.32 13.16 36.22
C LEU F 3 -13.05 13.23 34.88
N ILE F 4 -12.45 12.65 33.84
CA ILE F 4 -13.07 12.52 32.49
C ILE F 4 -13.71 11.13 32.41
N LYS F 5 -15.00 11.06 32.05
CA LYS F 5 -15.77 9.79 31.94
C LYS F 5 -15.86 9.36 30.47
N GLU F 6 -16.09 8.07 30.24
CA GLU F 6 -16.24 7.46 28.89
C GLU F 6 -17.22 8.33 28.07
N ASP F 7 -18.27 8.84 28.71
CA ASP F 7 -19.28 9.78 28.09
C ASP F 7 -19.24 11.13 28.82
N MET F 8 -19.22 12.21 28.06
CA MET F 8 -19.19 13.59 28.60
C MET F 8 -20.06 14.48 27.71
N ARG F 9 -20.57 15.57 28.28
CA ARG F 9 -21.46 16.55 27.59
C ARG F 9 -20.65 17.80 27.20
N VAL F 10 -21.12 18.59 26.24
CA VAL F 10 -20.40 19.79 25.68
C VAL F 10 -21.36 20.95 25.45
N LYS F 11 -20.97 22.14 25.88
CA LYS F 11 -21.73 23.40 25.68
C LYS F 11 -20.79 24.40 24.99
N VAL F 12 -21.26 25.07 23.95
CA VAL F 12 -20.44 25.97 23.10
C VAL F 12 -21.15 27.32 22.95
N HIS F 13 -20.48 28.39 23.39
CA HIS F 13 -20.77 29.81 23.06
C HIS F 13 -19.68 30.32 22.12
N MET F 14 -20.07 30.92 21.01
CA MET F 14 -19.14 31.57 20.04
C MET F 14 -19.68 32.95 19.72
N GLU F 15 -18.86 33.97 19.98
CA GLU F 15 -19.01 35.36 19.46
C GLU F 15 -18.01 35.52 18.31
N GLY F 16 -18.46 36.05 17.18
CA GLY F 16 -17.60 36.15 15.99
C GLY F 16 -17.94 37.31 15.08
N ASN F 17 -16.97 37.72 14.27
CA ASN F 17 -17.11 38.75 13.22
C ASN F 17 -16.31 38.27 12.00
N VAL F 18 -16.99 38.10 10.86
CA VAL F 18 -16.38 37.71 9.56
C VAL F 18 -16.66 38.82 8.57
N ASN F 19 -15.59 39.44 8.05
CA ASN F 19 -15.66 40.54 7.05
C ASN F 19 -16.77 41.52 7.46
N GLY F 20 -16.79 41.92 8.73
CA GLY F 20 -17.72 42.95 9.25
C GLY F 20 -18.99 42.34 9.84
N HIS F 21 -19.42 41.17 9.36
CA HIS F 21 -20.67 40.50 9.81
C HIS F 21 -20.47 39.86 11.21
N ALA F 22 -21.26 40.28 12.19
CA ALA F 22 -21.25 39.73 13.57
C ALA F 22 -22.28 38.61 13.67
N PHE F 23 -22.00 37.59 14.51
CA PHE F 23 -22.87 36.43 14.73
C PHE F 23 -22.60 35.82 16.12
N VAL F 24 -23.58 35.07 16.59
CA VAL F 24 -23.47 34.24 17.82
C VAL F 24 -24.03 32.86 17.47
N ILE F 25 -23.32 31.83 17.88
CA ILE F 25 -23.76 30.42 17.70
C ILE F 25 -23.74 29.74 19.06
N GLU F 26 -24.84 29.09 19.42
CA GLU F 26 -24.93 28.24 20.64
C GLU F 26 -24.92 26.77 20.20
N GLY F 27 -24.33 25.91 21.04
CA GLY F 27 -24.15 24.49 20.76
C GLY F 27 -24.30 23.66 22.01
N GLU F 28 -25.15 22.63 21.94
CA GLU F 28 -25.24 21.57 22.97
C GLU F 28 -24.80 20.30 22.26
N GLY F 29 -23.95 19.51 22.90
CA GLY F 29 -23.32 18.34 22.26
C GLY F 29 -22.94 17.30 23.27
N LYS F 30 -22.37 16.21 22.79
CA LYS F 30 -21.86 15.11 23.64
C LYS F 30 -20.69 14.49 22.88
N GLY F 31 -19.87 13.66 23.55
CA GLY F 31 -18.74 12.95 22.92
C GLY F 31 -18.05 12.00 23.86
N LYS F 32 -17.21 11.12 23.31
CA LYS F 32 -16.51 10.02 24.05
C LYS F 32 -15.02 10.35 24.10
N PRO F 33 -14.55 11.07 25.14
CA PRO F 33 -13.17 11.56 25.16
C PRO F 33 -12.12 10.49 24.82
N TYR F 34 -12.23 9.29 25.38
CA TYR F 34 -11.16 8.26 25.27
C TYR F 34 -11.18 7.58 23.89
N GLU F 35 -12.30 7.68 23.14
CA GLU F 35 -12.41 7.18 21.73
C GLU F 35 -12.25 8.34 20.72
N GLY F 36 -11.99 9.56 21.19
CA GLY F 36 -11.60 10.70 20.34
C GLY F 36 -12.71 11.13 19.40
N THR F 37 -13.97 11.06 19.81
CA THR F 37 -15.15 11.39 18.97
C THR F 37 -16.11 12.30 19.75
N GLN F 38 -16.83 13.16 19.01
CA GLN F 38 -17.85 14.06 19.59
C GLN F 38 -18.78 14.60 18.50
N THR F 39 -19.98 15.00 18.89
CA THR F 39 -21.03 15.56 18.00
C THR F 39 -21.54 16.85 18.64
N LEU F 40 -22.02 17.77 17.83
CA LEU F 40 -22.49 19.08 18.31
C LEU F 40 -23.68 19.51 17.45
N ASN F 41 -24.76 19.92 18.12
CA ASN F 41 -25.94 20.56 17.51
C ASN F 41 -25.81 22.06 17.71
N LEU F 42 -25.74 22.82 16.62
CA LEU F 42 -25.37 24.25 16.60
C LEU F 42 -26.55 25.09 16.09
N THR F 43 -26.83 26.19 16.79
CA THR F 43 -27.90 27.15 16.41
C THR F 43 -27.32 28.56 16.33
N VAL F 44 -27.67 29.30 15.29
CA VAL F 44 -27.23 30.71 15.09
C VAL F 44 -28.25 31.63 15.78
N LYS F 45 -27.92 32.11 16.98
CA LYS F 45 -28.80 32.98 17.81
C LYS F 45 -28.84 34.40 17.26
N GLU F 46 -27.75 34.91 16.68
CA GLU F 46 -27.65 36.28 16.10
C GLU F 46 -26.86 36.26 14.79
N GLY F 47 -27.30 37.02 13.80
CA GLY F 47 -26.57 37.21 12.51
C GLY F 47 -27.12 36.33 11.40
N ALA F 48 -28.23 35.62 11.60
CA ALA F 48 -28.82 34.75 10.55
C ALA F 48 -29.47 35.63 9.48
N PRO F 49 -29.38 35.25 8.18
CA PRO F 49 -28.52 34.15 7.73
C PRO F 49 -27.05 34.57 7.59
N LEU F 50 -26.12 33.67 7.91
CA LEU F 50 -24.65 33.86 7.71
C LEU F 50 -24.38 33.99 6.22
N PRO F 51 -23.62 35.02 5.77
CA PRO F 51 -23.24 35.17 4.36
C PRO F 51 -21.89 34.60 3.94
N PHE F 52 -21.34 33.67 4.72
CA PHE F 52 -20.02 33.02 4.47
C PHE F 52 -20.11 31.52 4.78
N SER F 53 -19.31 30.71 4.10
CA SER F 53 -19.12 29.26 4.34
C SER F 53 -19.03 28.98 5.86
N TYR F 54 -19.82 28.03 6.35
CA TYR F 54 -19.89 27.64 7.78
C TYR F 54 -18.57 26.92 8.11
N ASP F 55 -17.94 26.34 7.07
CA ASP F 55 -16.74 25.46 7.19
C ASP F 55 -15.61 26.19 7.91
N ILE F 56 -15.49 27.51 7.75
CA ILE F 56 -14.43 28.29 8.44
C ILE F 56 -14.67 28.22 9.95
N LEU F 57 -15.92 28.17 10.40
CA LEU F 57 -16.25 28.18 11.86
C LEU F 57 -15.97 26.83 12.52
N THR F 58 -16.01 25.72 11.78
CA THR F 58 -16.26 24.38 12.38
C THR F 58 -15.09 23.92 13.27
N THR F 59 -13.84 24.08 12.84
CA THR F 59 -12.67 23.56 13.58
C THR F 59 -12.45 24.37 14.87
N ALA F 60 -13.09 25.54 15.00
CA ALA F 60 -13.08 26.41 16.21
C ALA F 60 -14.22 25.99 17.14
N LEU F 61 -15.28 25.43 16.55
CA LEU F 61 -16.31 24.63 17.27
C LEU F 61 -15.75 23.22 17.53
C11 CR8 F 62 -9.17 18.91 11.47
C12 CR8 F 62 -10.37 18.98 12.15
C4 CR8 F 62 -8.06 19.51 11.98
C5 CR8 F 62 -8.15 20.17 13.18
C6 CR8 F 62 -10.46 19.67 13.36
C7 CR8 F 62 -9.33 20.27 13.86
C8 CR8 F 62 -9.27 21.02 15.11
CA2 CR8 F 62 -10.36 21.29 16.07
C10 CR8 F 62 -17.66 18.92 16.62
O13 CR8 F 62 -9.06 18.30 10.40
N11 CR8 F 62 -17.65 19.33 17.90
C2 CR8 F 62 -10.18 22.01 17.31
N3 CR8 F 62 -11.30 22.08 17.98
C1 CR8 F 62 -12.24 21.44 17.22
N2 CR8 F 62 -11.67 20.96 16.06
C20 CR8 F 62 -14.15 19.98 16.86
C21 CR8 F 62 -15.63 19.64 17.04
N22 CR8 F 62 -16.42 19.11 16.10
C23 CR8 F 62 -16.40 19.79 18.18
O2 CR8 F 62 -9.08 22.51 17.74
N1 CR8 F 62 -14.50 22.42 17.13
CA1 CR8 F 62 -13.68 21.27 17.55
C3 CR8 F 62 -12.27 22.57 20.29
CA3 CR8 F 62 -11.22 22.80 19.25
O3 CR8 F 62 -12.74 23.64 20.74
N ASN F 63 -11.91 21.46 21.26
CA ASN F 63 -11.49 20.72 22.46
C ASN F 63 -10.77 19.42 22.07
N ARG F 64 -9.44 19.39 22.22
CA ARG F 64 -8.58 18.23 21.88
C ARG F 64 -8.59 17.22 23.05
N VAL F 65 -9.37 17.48 24.11
CA VAL F 65 -9.72 16.47 25.16
C VAL F 65 -10.32 15.24 24.46
N PHE F 66 -11.12 15.48 23.41
CA PHE F 66 -11.73 14.45 22.53
C PHE F 66 -10.72 14.01 21.48
N THR F 67 -9.57 13.58 21.95
CA THR F 67 -8.53 12.92 21.12
C THR F 67 -8.18 11.60 21.80
N LYS F 68 -8.10 10.53 21.02
CA LYS F 68 -7.67 9.20 21.50
C LYS F 68 -6.13 9.19 21.60
N TYR F 69 -5.60 9.17 22.83
CA TYR F 69 -4.15 9.23 23.15
C TYR F 69 -3.67 7.86 23.62
N PRO F 70 -2.70 7.24 22.93
CA PRO F 70 -2.07 6.02 23.41
C PRO F 70 -1.44 6.27 24.78
N GLU F 71 -1.17 5.17 25.49
CA GLU F 71 -0.55 5.13 26.85
C GLU F 71 0.86 5.76 26.82
N ASP F 72 1.62 5.54 25.73
CA ASP F 72 3.04 5.97 25.57
C ASP F 72 3.15 7.45 25.18
N ILE F 73 2.03 8.11 24.90
CA ILE F 73 1.98 9.59 24.66
C ILE F 73 1.21 10.23 25.79
N PRO F 74 1.83 11.17 26.54
CA PRO F 74 1.12 12.01 27.49
C PRO F 74 0.02 12.84 26.84
N ASP F 75 -1.20 12.74 27.38
CA ASP F 75 -2.39 13.54 27.02
C ASP F 75 -2.27 14.91 27.72
N TYR F 76 -1.90 15.96 26.98
CA TYR F 76 -1.78 17.35 27.50
C TYR F 76 -3.16 17.91 27.89
N PHE F 77 -4.20 17.45 27.21
CA PHE F 77 -5.54 18.08 27.29
C PHE F 77 -6.29 17.52 28.50
N LYS F 78 -6.35 16.20 28.61
CA LYS F 78 -7.10 15.51 29.69
C LYS F 78 -6.42 15.80 31.03
N GLN F 79 -5.08 15.76 31.07
CA GLN F 79 -4.29 16.12 32.27
C GLN F 79 -4.66 17.52 32.76
N SER F 80 -5.02 18.44 31.86
CA SER F 80 -5.14 19.89 32.17
C SER F 80 -6.25 20.10 33.18
N PHE F 81 -7.30 19.28 33.10
CA PHE F 81 -8.49 19.33 33.99
C PHE F 81 -8.13 18.74 35.36
N PRO F 82 -8.80 19.12 36.47
CA PRO F 82 -10.01 19.97 36.46
C PRO F 82 -9.87 21.46 36.08
N GLU F 83 -8.69 22.07 36.26
CA GLU F 83 -8.45 23.52 35.99
C GLU F 83 -8.71 23.86 34.53
N GLY F 84 -8.38 22.94 33.61
CA GLY F 84 -8.71 23.07 32.17
C GLY F 84 -7.61 23.76 31.39
N TYR F 85 -7.93 24.26 30.20
CA TYR F 85 -6.93 24.86 29.28
C TYR F 85 -7.60 25.87 28.33
N SER F 86 -6.79 26.72 27.72
CA SER F 86 -7.17 27.79 26.77
C SER F 86 -6.36 27.58 25.50
N TRP F 87 -6.83 28.06 24.35
CA TRP F 87 -6.01 27.95 23.12
C TRP F 87 -6.16 29.22 22.29
N GLU F 88 -5.13 29.54 21.54
CA GLU F 88 -5.06 30.67 20.59
C GLU F 88 -4.67 30.10 19.23
N ARG F 89 -5.35 30.51 18.16
CA ARG F 89 -5.16 29.89 16.82
C ARG F 89 -5.26 30.96 15.75
N THR F 90 -4.37 30.84 14.77
CA THR F 90 -4.34 31.62 13.52
C THR F 90 -4.73 30.66 12.40
N MET F 91 -5.58 31.10 11.48
CA MET F 91 -5.91 30.35 10.25
C MET F 91 -5.61 31.30 9.09
N THR F 92 -4.58 31.02 8.28
CA THR F 92 -4.11 31.91 7.19
C THR F 92 -4.35 31.23 5.84
N TYR F 93 -5.18 31.83 4.99
CA TYR F 93 -5.63 31.22 3.70
C TYR F 93 -4.74 31.69 2.55
N GLU F 94 -4.80 30.98 1.42
CA GLU F 94 -3.96 31.24 0.22
C GLU F 94 -4.40 32.54 -0.47
N ASP F 95 -5.66 32.97 -0.29
CA ASP F 95 -6.20 34.23 -0.89
C ASP F 95 -6.04 35.38 0.12
N LYS F 96 -5.27 35.14 1.19
CA LYS F 96 -4.83 36.10 2.24
C LYS F 96 -5.98 36.47 3.19
N GLY F 97 -7.14 35.83 3.05
CA GLY F 97 -8.17 35.87 4.12
C GLY F 97 -7.55 35.34 5.39
N ILE F 98 -8.01 35.81 6.55
CA ILE F 98 -7.39 35.40 7.85
C ILE F 98 -8.46 35.30 8.93
N CYS F 99 -8.17 34.48 9.94
CA CYS F 99 -9.03 34.30 11.13
C CYS F 99 -8.12 34.14 12.36
N THR F 100 -8.46 34.82 13.44
CA THR F 100 -7.79 34.65 14.73
C THR F 100 -8.87 34.15 15.67
N ILE F 101 -8.54 33.19 16.52
CA ILE F 101 -9.53 32.55 17.44
C ILE F 101 -8.86 32.41 18.81
N ARG F 102 -9.66 32.62 19.86
CA ARG F 102 -9.34 32.23 21.26
C ARG F 102 -10.53 31.43 21.79
N SER F 103 -10.26 30.35 22.51
CA SER F 103 -11.28 29.50 23.17
C SER F 103 -10.81 29.16 24.59
N ASP F 104 -11.68 29.37 25.56
CA ASP F 104 -11.45 28.87 26.93
C ASP F 104 -12.32 27.62 27.15
N ILE F 105 -11.72 26.58 27.72
CA ILE F 105 -12.34 25.25 27.97
C ILE F 105 -12.34 24.99 29.49
N SER F 106 -13.53 24.84 30.07
CA SER F 106 -13.79 24.62 31.52
C SER F 106 -14.56 23.31 31.66
N LEU F 107 -14.71 22.79 32.87
CA LEU F 107 -15.42 21.52 33.19
C LEU F 107 -16.27 21.69 34.44
N GLU F 108 -17.60 21.79 34.28
CA GLU F 108 -18.58 21.74 35.39
C GLU F 108 -19.38 20.44 35.28
N GLY F 109 -19.11 19.50 36.19
CA GLY F 109 -19.83 18.22 36.31
C GLY F 109 -19.39 17.24 35.25
N ASP F 110 -20.30 16.91 34.32
CA ASP F 110 -20.04 16.01 33.18
C ASP F 110 -19.90 16.83 31.88
N CYS F 111 -20.03 18.16 31.97
CA CYS F 111 -20.15 19.07 30.80
C CYS F 111 -18.96 20.04 30.71
N PHE F 112 -18.22 19.95 29.59
CA PHE F 112 -17.19 20.92 29.15
C PHE F 112 -17.91 22.14 28.54
N PHE F 113 -17.59 23.35 29.00
CA PHE F 113 -18.05 24.60 28.35
C PHE F 113 -16.92 25.17 27.48
N GLN F 114 -17.23 25.52 26.24
CA GLN F 114 -16.25 26.09 25.28
C GLN F 114 -16.65 27.53 24.95
N ASN F 115 -15.90 28.52 25.47
CA ASN F 115 -16.20 29.96 25.25
C ASN F 115 -15.23 30.53 24.21
N VAL F 116 -15.76 30.81 23.03
CA VAL F 116 -14.96 31.10 21.81
C VAL F 116 -15.28 32.53 21.34
N ARG F 117 -14.21 33.23 20.96
CA ARG F 117 -14.26 34.49 20.21
C ARG F 117 -13.49 34.24 18.91
N PHE F 118 -14.14 34.51 17.78
CA PHE F 118 -13.69 34.19 16.41
C PHE F 118 -13.75 35.45 15.55
N ASN F 119 -12.62 35.90 14.99
CA ASN F 119 -12.59 37.08 14.07
C ASN F 119 -12.04 36.60 12.73
N GLY F 120 -12.70 36.94 11.63
CA GLY F 120 -12.17 36.59 10.30
C GLY F 120 -12.24 37.79 9.38
N MET F 121 -11.19 38.06 8.61
CA MET F 121 -11.14 39.30 7.78
C MET F 121 -10.26 39.10 6.56
N ASN F 122 -10.39 40.05 5.63
CA ASN F 122 -9.67 40.19 4.33
C ASN F 122 -10.05 39.03 3.42
N PHE F 123 -11.28 38.50 3.55
CA PHE F 123 -11.78 37.40 2.67
C PHE F 123 -12.26 38.03 1.37
N PRO F 124 -11.59 37.77 0.23
CA PRO F 124 -12.02 38.32 -1.05
C PRO F 124 -13.51 38.12 -1.28
N PRO F 125 -14.22 39.19 -1.71
CA PRO F 125 -15.67 39.18 -1.88
C PRO F 125 -16.21 38.22 -2.95
N ASN F 126 -15.38 37.86 -3.93
CA ASN F 126 -15.73 36.79 -4.91
C ASN F 126 -14.93 35.54 -4.59
N GLY F 127 -14.31 35.51 -3.40
CA GLY F 127 -13.60 34.34 -2.86
C GLY F 127 -14.53 33.16 -2.55
N PRO F 128 -13.99 31.93 -2.48
CA PRO F 128 -14.79 30.78 -2.07
C PRO F 128 -15.44 30.92 -0.69
N VAL F 129 -14.93 31.74 0.25
CA VAL F 129 -15.55 31.82 1.60
C VAL F 129 -16.80 32.71 1.53
N MET F 130 -16.74 33.88 0.89
CA MET F 130 -17.90 34.83 0.86
C MET F 130 -18.94 34.36 -0.19
N GLN F 131 -18.59 33.41 -1.06
CA GLN F 131 -19.48 32.87 -2.13
C GLN F 131 -19.97 31.44 -1.82
N LYS F 132 -19.67 30.92 -0.63
CA LYS F 132 -20.13 29.59 -0.13
C LYS F 132 -19.93 28.49 -1.17
N LYS F 133 -18.71 28.30 -1.69
CA LYS F 133 -18.37 27.25 -2.69
C LYS F 133 -17.48 26.17 -2.07
N THR F 134 -17.25 26.21 -0.76
CA THR F 134 -16.55 25.13 -0.01
C THR F 134 -17.57 24.01 0.19
N LEU F 135 -17.15 22.75 0.10
CA LEU F 135 -18.02 21.58 0.33
C LEU F 135 -17.75 21.04 1.72
N LYS F 136 -16.46 20.90 2.06
CA LYS F 136 -16.00 20.30 3.35
C LYS F 136 -14.51 20.54 3.53
N TRP F 137 -14.02 20.31 4.74
CA TRP F 137 -12.57 20.21 5.08
C TRP F 137 -12.07 18.82 4.72
N GLU F 138 -10.95 18.71 4.01
CA GLU F 138 -10.20 17.43 3.87
C GLU F 138 -9.73 16.97 5.25
N PRO F 139 -9.67 15.64 5.49
CA PRO F 139 -9.05 15.12 6.70
C PRO F 139 -7.62 15.66 6.78
N SER F 140 -7.05 15.69 7.98
CA SER F 140 -5.79 16.43 8.27
C SER F 140 -4.93 15.66 9.26
N THR F 141 -3.66 16.05 9.35
CA THR F 141 -2.71 15.51 10.35
C THR F 141 -1.97 16.69 10.96
N GLU F 142 -2.16 16.86 12.26
CA GLU F 142 -1.62 17.98 13.07
C GLU F 142 -0.32 17.50 13.69
N LYS F 143 0.73 18.29 13.54
CA LYS F 143 2.03 18.05 14.20
C LYS F 143 2.04 18.91 15.46
N LEU F 144 2.38 18.31 16.60
CA LEU F 144 2.38 19.00 17.91
C LEU F 144 3.77 18.87 18.54
N HIS F 145 4.24 19.96 19.12
CA HIS F 145 5.59 20.08 19.69
C HIS F 145 5.49 21.01 20.88
N VAL F 146 6.30 20.78 21.91
CA VAL F 146 6.41 21.71 23.06
C VAL F 146 7.28 22.90 22.64
N ARG F 147 6.81 24.12 22.91
CA ARG F 147 7.56 25.40 22.80
C ARG F 147 7.36 26.21 24.10
N ASP F 148 8.44 26.41 24.87
CA ASP F 148 8.45 27.23 26.12
C ASP F 148 7.38 26.76 27.12
N GLY F 149 7.26 25.44 27.35
CA GLY F 149 6.32 24.84 28.33
C GLY F 149 4.92 24.65 27.76
N LEU F 150 4.63 25.19 26.57
CA LEU F 150 3.28 25.14 25.94
C LEU F 150 3.32 24.14 24.79
N LEU F 151 2.15 23.60 24.42
CA LEU F 151 1.99 22.67 23.27
C LEU F 151 1.46 23.45 22.08
N VAL F 152 2.23 23.44 20.99
CA VAL F 152 1.94 24.14 19.70
C VAL F 152 1.60 23.06 18.66
N GLY F 153 0.62 23.34 17.81
CA GLY F 153 0.17 22.47 16.72
C GLY F 153 0.21 23.19 15.38
N ASN F 154 0.59 22.49 14.31
CA ASN F 154 0.58 23.00 12.91
C ASN F 154 -0.17 22.00 12.03
N ILE F 155 -1.13 22.49 11.24
CA ILE F 155 -1.84 21.66 10.24
C ILE F 155 -1.88 22.41 8.90
N ASN F 156 -1.38 21.75 7.86
CA ASN F 156 -1.73 22.05 6.45
C ASN F 156 -3.16 21.58 6.19
N MET F 157 -4.11 22.51 6.07
CA MET F 157 -5.54 22.18 5.85
C MET F 157 -5.99 22.58 4.45
N ALA F 158 -7.00 21.88 3.93
CA ALA F 158 -7.63 22.14 2.61
C ALA F 158 -9.15 22.09 2.74
N LEU F 159 -9.83 22.99 2.03
CA LEU F 159 -11.29 22.94 1.80
C LEU F 159 -11.50 22.52 0.35
N LEU F 160 -12.17 21.37 0.16
CA LEU F 160 -12.66 20.88 -1.15
C LEU F 160 -13.78 21.82 -1.64
N LEU F 161 -13.71 22.22 -2.92
CA LEU F 161 -14.58 23.25 -3.55
C LEU F 161 -15.54 22.61 -4.55
N GLU F 162 -16.73 23.21 -4.73
CA GLU F 162 -17.60 22.95 -5.90
C GLU F 162 -16.80 23.08 -7.19
N GLY F 163 -16.97 22.13 -8.10
CA GLY F 163 -16.24 22.09 -9.38
C GLY F 163 -14.93 21.34 -9.23
N GLY F 164 -14.49 21.08 -7.99
CA GLY F 164 -13.23 20.38 -7.65
C GLY F 164 -12.09 21.35 -7.39
N GLY F 165 -10.90 20.81 -7.11
CA GLY F 165 -9.74 21.58 -6.61
C GLY F 165 -9.91 21.97 -5.16
N HIS F 166 -8.82 22.42 -4.51
CA HIS F 166 -8.79 22.77 -3.06
C HIS F 166 -8.40 24.23 -2.86
N TYR F 167 -8.84 24.79 -1.70
CA TYR F 167 -8.51 26.14 -1.15
C TYR F 167 -7.80 25.94 0.20
N LEU F 168 -6.51 26.31 0.29
CA LEU F 168 -5.61 25.88 1.39
C LEU F 168 -5.55 26.93 2.52
N CYS F 169 -5.00 26.54 3.68
CA CYS F 169 -5.06 27.27 4.97
C CYS F 169 -4.01 26.74 5.96
N ASP F 170 -3.02 27.57 6.33
CA ASP F 170 -2.07 27.23 7.42
C ASP F 170 -2.81 27.42 8.75
N PHE F 171 -2.83 26.36 9.57
CA PHE F 171 -3.37 26.30 10.94
C PHE F 171 -2.21 26.34 11.93
N LYS F 172 -2.19 27.34 12.80
CA LYS F 172 -1.25 27.42 13.94
C LYS F 172 -2.07 27.61 15.23
N THR F 173 -1.90 26.69 16.17
CA THR F 173 -2.60 26.69 17.48
C THR F 173 -1.54 26.63 18.60
N THR F 174 -1.69 27.45 19.64
CA THR F 174 -0.93 27.33 20.91
C THR F 174 -1.91 26.88 21.99
N TYR F 175 -1.59 25.79 22.68
CA TYR F 175 -2.49 25.17 23.69
C TYR F 175 -1.91 25.47 25.06
N LYS F 176 -2.72 25.94 26.02
CA LYS F 176 -2.23 26.48 27.32
C LYS F 176 -2.99 25.85 28.49
N ALA F 177 -2.39 24.82 29.08
CA ALA F 177 -2.78 24.20 30.37
C ALA F 177 -2.72 25.25 31.48
N LYS F 178 -3.72 25.23 32.38
CA LYS F 178 -3.82 26.13 33.57
C LYS F 178 -3.26 25.41 34.81
N LYS F 179 -2.54 24.32 34.58
CA LYS F 179 -1.92 23.47 35.62
C LYS F 179 -0.69 22.79 35.03
N VAL F 180 0.20 22.31 35.88
CA VAL F 180 1.44 21.60 35.48
C VAL F 180 1.05 20.21 35.00
N VAL F 181 1.50 19.82 33.81
CA VAL F 181 1.19 18.50 33.21
C VAL F 181 2.50 17.92 32.67
N GLN F 182 2.53 16.60 32.52
CA GLN F 182 3.69 15.87 31.94
C GLN F 182 3.67 16.12 30.43
N LEU F 183 4.80 16.53 29.87
CA LEU F 183 4.82 17.17 28.54
C LEU F 183 5.16 16.11 27.51
N PRO F 184 4.37 16.01 26.42
CA PRO F 184 4.61 15.00 25.40
C PRO F 184 5.81 15.35 24.52
N ASP F 185 6.41 14.33 23.93
CA ASP F 185 7.36 14.43 22.80
C ASP F 185 6.61 14.82 21.53
N TYR F 186 7.36 15.20 20.49
CA TYR F 186 6.84 15.44 19.12
C TYR F 186 5.96 14.24 18.75
N HIS F 187 4.71 14.49 18.36
CA HIS F 187 3.72 13.46 17.98
C HIS F 187 2.69 14.05 17.01
N PHE F 188 1.72 13.23 16.62
CA PHE F 188 0.76 13.52 15.53
C PHE F 188 -0.66 13.27 16.04
N VAL F 189 -1.63 14.01 15.51
CA VAL F 189 -3.08 13.75 15.69
C VAL F 189 -3.71 13.74 14.31
N ASP F 190 -4.18 12.56 13.86
CA ASP F 190 -5.03 12.46 12.65
C ASP F 190 -6.40 13.02 13.02
N HIS F 191 -7.01 13.78 12.09
CA HIS F 191 -8.32 14.47 12.25
C HIS F 191 -9.24 14.22 11.05
N ARG F 192 -10.55 14.22 11.34
CA ARG F 192 -11.62 14.33 10.32
C ARG F 192 -12.75 15.10 10.99
N ILE F 193 -13.08 16.27 10.43
CA ILE F 193 -14.28 17.07 10.84
C ILE F 193 -15.30 16.94 9.71
N GLU F 194 -16.57 16.81 10.07
CA GLU F 194 -17.68 16.61 9.09
C GLU F 194 -18.95 17.31 9.56
N ILE F 195 -19.51 18.12 8.68
CA ILE F 195 -20.94 18.54 8.78
C ILE F 195 -21.79 17.32 8.38
N LEU F 196 -22.42 16.66 9.36
CA LEU F 196 -23.31 15.49 9.12
C LEU F 196 -24.62 15.96 8.47
N SER F 197 -25.23 17.00 9.04
CA SER F 197 -26.63 17.43 8.79
C SER F 197 -26.71 18.96 8.82
N ASN F 198 -27.64 19.57 8.06
CA ASN F 198 -27.83 21.05 8.02
C ASN F 198 -29.11 21.45 7.29
N ASP F 199 -29.79 22.51 7.76
CA ASP F 199 -30.82 23.22 6.97
C ASP F 199 -30.12 24.15 5.97
N SER F 200 -30.82 24.62 4.93
CA SER F 200 -30.23 25.27 3.73
C SER F 200 -29.51 26.60 4.08
N ASP F 201 -29.95 27.30 5.13
CA ASP F 201 -29.31 28.56 5.58
C ASP F 201 -28.20 28.26 6.60
N TYR F 202 -27.98 27.00 6.96
CA TYR F 202 -26.97 26.56 7.96
C TYR F 202 -27.20 27.22 9.33
N ASN F 203 -28.45 27.64 9.59
CA ASN F 203 -28.91 28.17 10.90
C ASN F 203 -28.89 27.06 11.96
N LYS F 204 -29.18 25.83 11.55
CA LYS F 204 -29.07 24.58 12.35
C LYS F 204 -28.07 23.65 11.67
N VAL F 205 -27.11 23.12 12.42
CA VAL F 205 -25.99 22.30 11.87
C VAL F 205 -25.60 21.24 12.89
N LYS F 206 -25.41 20.00 12.44
CA LYS F 206 -24.85 18.95 13.30
C LYS F 206 -23.42 18.69 12.84
N LEU F 207 -22.48 18.72 13.78
CA LEU F 207 -21.03 18.62 13.48
C LEU F 207 -20.47 17.38 14.18
N TYR F 208 -19.46 16.78 13.58
CA TYR F 208 -18.80 15.56 14.10
C TYR F 208 -17.31 15.68 13.83
N GLU F 209 -16.49 15.27 14.78
CA GLU F 209 -15.02 15.20 14.62
C GLU F 209 -14.54 13.84 15.14
N HIS F 210 -13.51 13.31 14.52
CA HIS F 210 -12.73 12.14 15.01
C HIS F 210 -11.28 12.60 15.13
N GLY F 211 -10.66 12.38 16.29
CA GLY F 211 -9.27 12.76 16.62
C GLY F 211 -8.55 11.60 17.31
N VAL F 212 -7.42 11.18 16.72
CA VAL F 212 -6.58 10.05 17.21
C VAL F 212 -5.11 10.50 17.21
N ALA F 213 -4.45 10.43 18.36
CA ALA F 213 -3.01 10.73 18.54
C ALA F 213 -2.19 9.49 18.21
N ARG F 214 -0.99 9.68 17.64
CA ARG F 214 -0.05 8.59 17.26
C ARG F 214 1.36 9.16 17.09
N TYR F 215 2.36 8.28 17.11
CA TYR F 215 3.73 8.52 16.60
C TYR F 215 3.77 8.08 15.14
N SER F 216 4.91 8.22 14.48
CA SER F 216 5.05 7.75 13.08
C SER F 216 4.73 6.27 13.05
N PRO F 217 4.04 5.80 12.00
CA PRO F 217 3.90 4.37 11.72
C PRO F 217 5.23 3.76 11.27
N LEU F 218 6.11 4.57 10.67
CA LEU F 218 7.36 4.09 10.02
C LEU F 218 8.43 3.89 11.10
N PRO F 219 9.07 2.71 11.12
CA PRO F 219 10.10 2.41 12.11
C PRO F 219 11.39 3.19 11.87
N SER F 220 12.25 3.28 12.89
CA SER F 220 13.58 3.95 12.85
C SER F 220 14.68 2.91 12.61
N GLN F 221 15.75 3.28 11.91
CA GLN F 221 16.97 2.44 11.73
C GLN F 221 18.21 3.21 12.23
N LEU G 3 -20.17 67.04 3.78
CA LEU G 3 -18.99 67.85 3.33
C LEU G 3 -17.97 67.90 4.47
N ILE G 4 -16.69 67.89 4.13
CA ILE G 4 -15.54 67.95 5.08
C ILE G 4 -15.04 69.40 5.07
N LYS G 5 -15.05 70.08 6.22
CA LYS G 5 -14.51 71.47 6.37
C LYS G 5 -12.98 71.39 6.41
N GLU G 6 -12.32 72.55 6.37
CA GLU G 6 -10.84 72.67 6.51
C GLU G 6 -10.42 72.12 7.88
N ASP G 7 -11.27 72.30 8.91
CA ASP G 7 -11.04 71.84 10.31
C ASP G 7 -12.22 70.98 10.78
N MET G 8 -11.95 69.79 11.35
CA MET G 8 -12.99 68.84 11.83
C MET G 8 -12.58 68.25 13.19
N ARG G 9 -13.48 67.51 13.81
CA ARG G 9 -13.29 66.86 15.14
C ARG G 9 -13.18 65.33 14.99
N VAL G 10 -12.60 64.66 15.98
CA VAL G 10 -12.38 63.19 15.98
C VAL G 10 -12.72 62.64 17.35
N LYS G 11 -13.52 61.57 17.39
CA LYS G 11 -13.83 60.76 18.60
C LYS G 11 -13.47 59.31 18.28
N VAL G 12 -12.92 58.57 19.24
CA VAL G 12 -12.36 57.21 19.00
C VAL G 12 -12.70 56.32 20.20
N HIS G 13 -13.35 55.18 19.93
CA HIS G 13 -13.50 54.05 20.87
C HIS G 13 -12.75 52.83 20.34
N MET G 14 -11.76 52.34 21.08
CA MET G 14 -11.01 51.10 20.79
C MET G 14 -11.20 50.13 21.96
N GLU G 15 -11.75 48.95 21.66
CA GLU G 15 -11.72 47.75 22.53
C GLU G 15 -10.70 46.79 21.93
N GLY G 16 -9.93 46.11 22.77
CA GLY G 16 -8.89 45.19 22.27
C GLY G 16 -8.51 44.11 23.26
N ASN G 17 -7.59 43.26 22.81
CA ASN G 17 -6.95 42.19 23.59
C ASN G 17 -5.60 41.87 22.93
N VAL G 18 -4.51 42.01 23.69
CA VAL G 18 -3.10 41.74 23.27
C VAL G 18 -2.51 40.69 24.21
N ASN G 19 -2.16 39.51 23.69
CA ASN G 19 -1.50 38.40 24.45
C ASN G 19 -2.31 38.08 25.72
N GLY G 20 -3.64 38.19 25.64
CA GLY G 20 -4.57 37.86 26.74
C GLY G 20 -4.94 39.07 27.60
N HIS G 21 -4.38 40.25 27.35
CA HIS G 21 -4.63 41.46 28.19
C HIS G 21 -5.65 42.38 27.50
N ALA G 22 -6.77 42.67 28.18
CA ALA G 22 -7.94 43.42 27.63
C ALA G 22 -7.79 44.91 27.93
N PHE G 23 -8.47 45.76 27.16
CA PHE G 23 -8.40 47.23 27.32
C PHE G 23 -9.50 47.92 26.52
N VAL G 24 -9.84 49.12 26.98
CA VAL G 24 -10.67 50.14 26.28
C VAL G 24 -9.85 51.43 26.27
N ILE G 25 -9.74 52.06 25.09
CA ILE G 25 -9.12 53.40 24.92
C ILE G 25 -10.21 54.32 24.35
N GLU G 26 -10.31 55.52 24.89
CA GLU G 26 -11.24 56.57 24.41
C GLU G 26 -10.38 57.73 23.89
N GLY G 27 -10.82 58.36 22.81
CA GLY G 27 -10.10 59.47 22.15
C GLY G 27 -11.02 60.64 21.85
N GLU G 28 -10.51 61.85 22.07
CA GLU G 28 -11.07 63.12 21.55
C GLU G 28 -9.91 63.89 20.91
N GLY G 29 -10.16 64.54 19.79
CA GLY G 29 -9.09 65.06 18.92
C GLY G 29 -9.67 65.96 17.87
N LYS G 30 -8.81 66.49 17.00
CA LYS G 30 -9.18 67.39 15.88
C LYS G 30 -8.11 67.29 14.81
N GLY G 31 -8.37 67.83 13.63
CA GLY G 31 -7.40 67.80 12.54
C GLY G 31 -7.86 68.58 11.34
N LYS G 32 -7.01 68.61 10.31
CA LYS G 32 -7.21 69.40 9.06
C LYS G 32 -7.20 68.42 7.91
N PRO G 33 -8.38 67.91 7.49
CA PRO G 33 -8.46 66.79 6.54
C PRO G 33 -7.77 67.06 5.20
N TYR G 34 -7.76 68.30 4.71
CA TYR G 34 -7.20 68.66 3.38
C TYR G 34 -5.67 68.86 3.47
N GLU G 35 -5.11 68.92 4.68
CA GLU G 35 -3.66 69.15 4.88
C GLU G 35 -2.99 67.87 5.42
N GLY G 36 -3.79 66.84 5.67
CA GLY G 36 -3.35 65.50 6.11
C GLY G 36 -2.69 65.51 7.47
N THR G 37 -3.20 66.33 8.41
CA THR G 37 -2.61 66.58 9.76
C THR G 37 -3.69 66.55 10.84
N GLN G 38 -3.49 65.73 11.89
CA GLN G 38 -4.48 65.54 12.98
C GLN G 38 -3.76 65.32 14.31
N THR G 39 -4.42 65.72 15.40
CA THR G 39 -3.99 65.50 16.79
C THR G 39 -5.11 64.77 17.54
N LEU G 40 -4.74 63.85 18.43
CA LEU G 40 -5.74 63.05 19.18
C LEU G 40 -5.22 62.88 20.61
N ASN G 41 -6.11 63.06 21.60
CA ASN G 41 -5.84 62.88 23.05
C ASN G 41 -6.45 61.55 23.49
N LEU G 42 -5.67 60.67 24.08
CA LEU G 42 -6.10 59.26 24.35
C LEU G 42 -5.94 58.91 25.83
N THR G 43 -7.06 58.49 26.44
CA THR G 43 -7.17 57.98 27.83
C THR G 43 -7.47 56.47 27.83
N VAL G 44 -6.61 55.65 28.43
CA VAL G 44 -6.93 54.23 28.75
C VAL G 44 -8.05 54.24 29.80
N LYS G 45 -9.13 53.49 29.57
CA LYS G 45 -10.33 53.44 30.46
C LYS G 45 -10.54 52.03 31.02
N GLU G 46 -9.74 51.06 30.58
CA GLU G 46 -9.77 49.66 31.05
C GLU G 46 -8.41 49.04 30.74
N GLY G 47 -7.89 48.22 31.67
CA GLY G 47 -6.63 47.48 31.49
C GLY G 47 -5.41 48.31 31.86
N ALA G 48 -5.60 49.54 32.34
CA ALA G 48 -4.51 50.38 32.89
C ALA G 48 -3.84 49.65 34.06
N PRO G 49 -2.50 49.64 34.18
CA PRO G 49 -1.59 50.13 33.15
C PRO G 49 -1.31 49.04 32.10
N LEU G 50 -1.23 49.42 30.81
CA LEU G 50 -1.04 48.48 29.67
C LEU G 50 0.33 47.83 29.78
N PRO G 51 0.40 46.47 29.73
CA PRO G 51 1.67 45.75 29.86
C PRO G 51 2.48 45.53 28.58
N PHE G 52 2.26 46.37 27.56
CA PHE G 52 2.95 46.33 26.23
C PHE G 52 3.12 47.75 25.68
N SER G 53 3.93 47.86 24.63
CA SER G 53 4.16 49.12 23.85
C SER G 53 2.81 49.69 23.39
N TYR G 54 2.57 50.97 23.64
CA TYR G 54 1.39 51.71 23.10
C TYR G 54 1.56 51.88 21.58
N ASP G 55 2.77 51.67 21.05
CA ASP G 55 3.11 51.93 19.63
C ASP G 55 2.25 51.03 18.72
N ILE G 56 2.19 49.73 19.01
CA ILE G 56 1.39 48.74 18.22
C ILE G 56 -0.04 49.26 18.08
N LEU G 57 -0.54 50.05 19.05
CA LEU G 57 -1.94 50.55 19.03
C LEU G 57 -2.09 51.77 18.10
N THR G 58 -1.04 52.58 17.95
CA THR G 58 -1.20 54.00 17.54
C THR G 58 -1.72 54.12 16.11
N THR G 59 -1.14 53.36 15.19
CA THR G 59 -1.50 53.36 13.74
C THR G 59 -2.96 52.95 13.57
N ALA G 60 -3.57 52.31 14.59
CA ALA G 60 -5.00 51.94 14.62
C ALA G 60 -5.85 53.13 15.10
N LEU G 61 -5.29 53.97 15.97
CA LEU G 61 -5.91 55.27 16.37
C LEU G 61 -5.60 56.31 15.28
C11 CR8 G 62 2.65 55.21 9.18
C12 CR8 G 62 1.90 55.98 10.09
C4 CR8 G 62 2.02 54.29 8.38
C5 CR8 G 62 0.66 54.14 8.51
C6 CR8 G 62 0.52 55.82 10.22
C7 CR8 G 62 -0.09 54.90 9.41
C8 CR8 G 62 -1.52 54.59 9.43
CA2 CR8 G 62 -2.66 55.12 10.23
C10 CR8 G 62 -3.26 60.43 15.64
O13 CR8 G 62 3.88 55.35 9.08
N11 CR8 G 62 -4.58 60.57 15.37
C2 CR8 G 62 -4.04 54.70 10.05
N3 CR8 G 62 -4.83 55.30 10.88
C1 CR8 G 62 -4.03 56.06 11.68
N2 CR8 G 62 -2.70 55.95 11.31
C20 CR8 G 62 -3.51 58.05 12.91
C21 CR8 G 62 -3.72 59.06 14.02
N22 CR8 G 62 -2.74 59.51 14.81
C23 CR8 G 62 -4.88 59.73 14.36
O2 CR8 G 62 -4.48 53.88 9.15
N1 CR8 G 62 -4.62 56.24 14.10
CA1 CR8 G 62 -4.52 56.93 12.80
C3 CR8 G 62 -7.29 55.80 11.39
CA3 CR8 G 62 -6.24 54.94 10.76
O3 CR8 G 62 -8.14 55.14 12.09
N ASN G 63 -7.71 56.84 10.37
CA ASN G 63 -8.50 57.62 9.39
C ASN G 63 -7.55 58.19 8.34
N ARG G 64 -7.85 57.95 7.07
CA ARG G 64 -7.08 58.43 5.90
C ARG G 64 -7.89 59.52 5.20
N VAL G 65 -9.03 59.91 5.76
CA VAL G 65 -9.72 61.17 5.36
C VAL G 65 -8.70 62.29 5.51
N PHE G 66 -7.99 62.27 6.63
CA PHE G 66 -6.84 63.15 6.95
C PHE G 66 -5.63 62.68 6.15
N THR G 67 -5.72 62.81 4.83
CA THR G 67 -4.60 62.63 3.87
C THR G 67 -4.71 63.77 2.85
N LYS G 68 -3.65 64.57 2.71
CA LYS G 68 -3.54 65.56 1.61
C LYS G 68 -3.53 64.82 0.27
N TYR G 69 -4.61 64.92 -0.49
CA TYR G 69 -4.70 64.31 -1.85
C TYR G 69 -4.57 65.38 -2.91
N PRO G 70 -3.59 65.24 -3.83
CA PRO G 70 -3.48 66.12 -5.00
C PRO G 70 -4.75 65.95 -5.85
N GLU G 71 -5.12 67.02 -6.56
CA GLU G 71 -6.30 67.11 -7.46
C GLU G 71 -6.29 65.96 -8.47
N ASP G 72 -5.13 65.62 -9.05
CA ASP G 72 -5.01 64.64 -10.17
C ASP G 72 -5.29 63.23 -9.65
N ILE G 73 -5.11 62.97 -8.34
CA ILE G 73 -5.42 61.67 -7.68
C ILE G 73 -6.77 61.74 -6.97
N PRO G 74 -7.75 60.89 -7.36
CA PRO G 74 -9.02 60.79 -6.64
C PRO G 74 -8.78 60.47 -5.15
N ASP G 75 -9.66 60.96 -4.27
CA ASP G 75 -9.61 60.73 -2.80
C ASP G 75 -10.73 59.74 -2.46
N TYR G 76 -10.36 58.46 -2.36
CA TYR G 76 -11.24 57.31 -2.02
C TYR G 76 -11.94 57.57 -0.68
N PHE G 77 -11.19 58.10 0.31
CA PHE G 77 -11.65 58.23 1.72
C PHE G 77 -12.66 59.39 1.82
N LYS G 78 -12.27 60.56 1.32
CA LYS G 78 -13.13 61.78 1.33
C LYS G 78 -14.39 61.52 0.50
N GLN G 79 -14.28 60.82 -0.62
CA GLN G 79 -15.43 60.57 -1.51
C GLN G 79 -16.46 59.73 -0.75
N SER G 80 -16.02 58.83 0.14
CA SER G 80 -16.87 57.78 0.77
C SER G 80 -17.97 58.41 1.63
N PHE G 81 -17.76 59.66 2.05
CA PHE G 81 -18.70 60.42 2.94
C PHE G 81 -19.73 61.12 2.06
N PRO G 82 -20.92 61.47 2.60
CA PRO G 82 -21.26 61.29 4.01
C PRO G 82 -21.29 59.85 4.58
N GLU G 83 -21.48 58.79 3.77
CA GLU G 83 -21.81 57.41 4.26
C GLU G 83 -20.64 56.79 5.05
N GLY G 84 -19.40 57.16 4.73
CA GLY G 84 -18.19 56.72 5.47
C GLY G 84 -17.62 55.42 4.92
N TYR G 85 -16.69 54.81 5.66
CA TYR G 85 -15.93 53.61 5.22
C TYR G 85 -15.45 52.80 6.42
N SER G 86 -14.96 51.60 6.14
CA SER G 86 -14.40 50.64 7.12
C SER G 86 -13.04 50.19 6.60
N TRP G 87 -12.19 49.67 7.48
CA TRP G 87 -10.89 49.11 7.04
C TRP G 87 -10.51 47.93 7.92
N GLU G 88 -9.85 46.97 7.30
CA GLU G 88 -9.38 45.70 7.91
C GLU G 88 -7.87 45.65 7.70
N ARG G 89 -7.12 45.37 8.74
CA ARG G 89 -5.65 45.45 8.65
C ARG G 89 -5.04 44.25 9.34
N THR G 90 -3.96 43.76 8.74
CA THR G 90 -3.09 42.70 9.25
C THR G 90 -1.71 43.28 9.50
N MET G 91 -1.25 43.25 10.76
CA MET G 91 0.14 43.67 11.11
C MET G 91 0.89 42.39 11.46
N THR G 92 1.83 41.99 10.60
CA THR G 92 2.65 40.76 10.78
C THR G 92 4.09 41.14 11.13
N TYR G 93 4.49 40.84 12.36
CA TYR G 93 5.79 41.25 12.95
C TYR G 93 6.81 40.14 12.74
N GLU G 94 8.08 40.51 12.63
CA GLU G 94 9.20 39.59 12.26
C GLU G 94 9.37 38.52 13.34
N ASP G 95 8.97 38.79 14.58
CA ASP G 95 9.09 37.81 15.69
C ASP G 95 7.83 36.91 15.69
N LYS G 96 6.95 37.06 14.69
CA LYS G 96 5.77 36.20 14.38
C LYS G 96 4.56 36.62 15.24
N GLY G 97 4.70 37.60 16.11
CA GLY G 97 3.53 38.26 16.70
C GLY G 97 2.64 38.74 15.59
N ILE G 98 1.33 38.79 15.81
CA ILE G 98 0.34 39.18 14.77
C ILE G 98 -0.74 40.02 15.44
N CYS G 99 -1.13 41.11 14.77
CA CYS G 99 -2.28 41.96 15.16
C CYS G 99 -3.25 42.02 13.99
N THR G 100 -4.52 41.86 14.28
CA THR G 100 -5.62 42.04 13.31
C THR G 100 -6.52 43.14 13.84
N ILE G 101 -6.88 44.09 12.99
CA ILE G 101 -7.57 45.32 13.41
C ILE G 101 -8.66 45.61 12.40
N ARG G 102 -9.82 46.03 12.92
CA ARG G 102 -11.01 46.45 12.14
C ARG G 102 -11.45 47.79 12.69
N SER G 103 -11.89 48.71 11.83
CA SER G 103 -12.29 50.09 12.21
C SER G 103 -13.46 50.53 11.33
N ASP G 104 -14.50 51.09 11.97
CA ASP G 104 -15.73 51.63 11.31
C ASP G 104 -15.71 53.15 11.46
N ILE G 105 -15.64 53.86 10.34
CA ILE G 105 -15.47 55.35 10.28
C ILE G 105 -16.79 55.97 9.84
N SER G 106 -17.39 56.74 10.74
CA SER G 106 -18.71 57.43 10.59
C SER G 106 -18.50 58.93 10.76
N LEU G 107 -19.35 59.74 10.13
CA LEU G 107 -19.35 61.21 10.30
C LEU G 107 -20.74 61.68 10.77
N GLU G 108 -20.79 62.37 11.91
CA GLU G 108 -21.97 63.09 12.46
C GLU G 108 -21.60 64.56 12.68
N GLY G 109 -22.12 65.46 11.83
CA GLY G 109 -21.89 66.91 11.92
C GLY G 109 -20.51 67.27 11.43
N ASP G 110 -19.60 67.64 12.34
CA ASP G 110 -18.18 67.92 12.02
C ASP G 110 -17.27 66.97 12.80
N CYS G 111 -17.81 65.92 13.41
CA CYS G 111 -17.00 64.95 14.22
C CYS G 111 -17.01 63.57 13.56
N PHE G 112 -15.82 63.04 13.30
CA PHE G 112 -15.58 61.66 12.80
C PHE G 112 -15.58 60.72 13.99
N PHE G 113 -16.30 59.59 13.89
CA PHE G 113 -16.30 58.53 14.92
C PHE G 113 -15.57 57.30 14.35
N GLN G 114 -14.60 56.79 15.10
CA GLN G 114 -13.74 55.64 14.68
C GLN G 114 -13.97 54.51 15.69
N ASN G 115 -14.70 53.47 15.31
CA ASN G 115 -14.97 52.32 16.23
C ASN G 115 -14.04 51.18 15.85
N VAL G 116 -13.13 50.83 16.76
CA VAL G 116 -11.95 49.96 16.49
C VAL G 116 -12.02 48.71 17.37
N ARG G 117 -11.66 47.57 16.79
CA ARG G 117 -11.50 46.29 17.51
C ARG G 117 -10.06 45.90 17.23
N PHE G 118 -9.29 45.62 18.28
CA PHE G 118 -7.83 45.36 18.20
C PHE G 118 -7.53 44.00 18.81
N ASN G 119 -6.92 43.09 18.05
CA ASN G 119 -6.57 41.76 18.61
C ASN G 119 -5.12 41.43 18.28
N GLY G 120 -4.29 41.29 19.31
CA GLY G 120 -2.88 40.96 19.15
C GLY G 120 -2.55 39.66 19.84
N MET G 121 -1.93 38.71 19.13
CA MET G 121 -1.49 37.45 19.76
C MET G 121 -0.10 37.04 19.27
N ASN G 122 0.44 36.01 19.93
CA ASN G 122 1.70 35.28 19.61
C ASN G 122 2.93 36.18 19.77
N PHE G 123 2.84 37.30 20.49
CA PHE G 123 4.00 38.20 20.78
C PHE G 123 4.90 37.50 21.79
N PRO G 124 6.19 37.28 21.46
CA PRO G 124 7.12 36.66 22.41
C PRO G 124 7.12 37.48 23.69
N PRO G 125 7.08 36.80 24.87
CA PRO G 125 6.90 37.46 26.16
C PRO G 125 8.11 38.36 26.48
N ASN G 126 9.32 37.85 26.23
CA ASN G 126 10.56 38.64 26.39
C ASN G 126 10.81 39.41 25.08
N GLY G 127 9.77 39.55 24.25
CA GLY G 127 9.80 40.28 22.95
C GLY G 127 9.66 41.78 23.15
N PRO G 128 10.20 42.62 22.23
CA PRO G 128 10.18 44.07 22.38
C PRO G 128 8.78 44.70 22.52
N VAL G 129 7.72 44.03 22.07
CA VAL G 129 6.35 44.57 22.28
C VAL G 129 6.00 44.39 23.76
N MET G 130 6.13 43.17 24.27
CA MET G 130 5.69 42.80 25.65
C MET G 130 6.67 43.31 26.72
N GLN G 131 7.90 43.69 26.35
CA GLN G 131 8.92 44.34 27.25
C GLN G 131 8.94 45.86 27.07
N LYS G 132 7.96 46.44 26.37
CA LYS G 132 7.89 47.90 26.11
C LYS G 132 9.28 48.46 25.81
N LYS G 133 9.92 48.00 24.74
CA LYS G 133 11.32 48.34 24.35
C LYS G 133 11.35 49.22 23.09
N THR G 134 10.19 49.64 22.60
CA THR G 134 10.05 50.41 21.34
C THR G 134 10.04 51.89 21.69
N LEU G 135 10.71 52.71 20.89
CA LEU G 135 10.63 54.19 21.04
C LEU G 135 9.47 54.69 20.18
N LYS G 136 9.52 54.40 18.88
CA LYS G 136 8.57 54.99 17.91
C LYS G 136 8.53 54.17 16.64
N TRP G 137 7.59 54.53 15.77
CA TRP G 137 7.51 54.15 14.34
C TRP G 137 8.45 55.02 13.52
N GLU G 138 9.24 54.42 12.62
CA GLU G 138 9.94 55.15 11.54
C GLU G 138 8.89 55.82 10.65
N PRO G 139 9.15 57.02 10.09
CA PRO G 139 8.27 57.56 9.06
C PRO G 139 8.27 56.52 7.93
N SER G 140 7.23 56.49 7.08
CA SER G 140 7.00 55.36 6.13
C SER G 140 6.35 55.83 4.83
N THR G 141 6.28 54.95 3.83
CA THR G 141 5.58 55.18 2.52
C THR G 141 4.67 53.98 2.19
N GLU G 142 3.36 54.24 2.11
CA GLU G 142 2.32 53.21 1.84
C GLU G 142 2.02 53.15 0.34
N LYS G 143 2.02 51.94 -0.25
CA LYS G 143 1.62 51.68 -1.66
C LYS G 143 0.13 51.29 -1.68
N LEU G 144 -0.68 51.96 -2.51
CA LEU G 144 -2.14 51.70 -2.63
C LEU G 144 -2.50 51.31 -4.07
N HIS G 145 -3.21 50.18 -4.21
CA HIS G 145 -3.63 49.58 -5.49
C HIS G 145 -5.09 49.11 -5.36
N VAL G 146 -5.76 48.91 -6.50
CA VAL G 146 -7.16 48.43 -6.53
C VAL G 146 -7.12 46.92 -6.70
N ARG G 147 -7.95 46.22 -5.92
CA ARG G 147 -8.17 44.76 -6.00
C ARG G 147 -9.65 44.53 -5.71
N ASP G 148 -10.41 44.08 -6.72
CA ASP G 148 -11.84 43.73 -6.57
C ASP G 148 -12.63 44.98 -6.18
N GLY G 149 -12.40 46.12 -6.83
CA GLY G 149 -13.16 47.38 -6.63
C GLY G 149 -13.02 47.96 -5.23
N LEU G 150 -12.04 47.50 -4.46
CA LEU G 150 -11.72 47.96 -3.09
C LEU G 150 -10.31 48.54 -3.13
N LEU G 151 -9.96 49.43 -2.19
CA LEU G 151 -8.58 50.00 -2.09
C LEU G 151 -7.76 49.24 -1.06
N VAL G 152 -6.52 48.86 -1.40
CA VAL G 152 -5.65 47.99 -0.58
C VAL G 152 -4.31 48.70 -0.42
N GLY G 153 -3.81 48.80 0.82
CA GLY G 153 -2.56 49.52 1.15
C GLY G 153 -1.53 48.58 1.76
N ASN G 154 -0.30 48.57 1.24
CA ASN G 154 0.85 47.79 1.79
C ASN G 154 1.97 48.73 2.25
N ILE G 155 2.39 48.61 3.52
CA ILE G 155 3.48 49.43 4.11
C ILE G 155 4.52 48.51 4.74
N ASN G 156 5.78 48.63 4.32
CA ASN G 156 6.94 48.10 5.07
C ASN G 156 7.21 49.03 6.26
N MET G 157 7.01 48.55 7.48
CA MET G 157 7.08 49.41 8.69
C MET G 157 8.18 48.87 9.60
N ALA G 158 8.74 49.77 10.41
CA ALA G 158 9.80 49.49 11.39
C ALA G 158 9.53 50.30 12.67
N LEU G 159 9.75 49.66 13.82
CA LEU G 159 9.85 50.32 15.15
C LEU G 159 11.33 50.44 15.51
N LEU G 160 11.78 51.69 15.69
CA LEU G 160 13.08 52.04 16.31
C LEU G 160 13.07 51.47 17.73
N LEU G 161 14.00 50.56 18.02
CA LEU G 161 14.17 49.94 19.36
C LEU G 161 15.04 50.81 20.27
N GLU G 162 14.87 50.65 21.58
CA GLU G 162 15.80 51.17 22.62
C GLU G 162 17.15 50.47 22.45
N GLY G 163 18.25 51.23 22.48
CA GLY G 163 19.62 50.73 22.23
C GLY G 163 19.95 50.67 20.74
N GLY G 164 19.05 51.22 19.90
CA GLY G 164 19.16 51.21 18.42
C GLY G 164 18.66 49.90 17.83
N GLY G 165 18.58 49.82 16.50
CA GLY G 165 18.09 48.64 15.76
C GLY G 165 16.61 48.76 15.41
N HIS G 166 16.09 47.87 14.56
CA HIS G 166 14.70 47.96 14.04
C HIS G 166 13.97 46.62 14.16
N TYR G 167 12.71 46.71 14.58
CA TYR G 167 11.75 45.58 14.71
C TYR G 167 10.65 45.78 13.65
N LEU G 168 10.67 45.01 12.56
CA LEU G 168 9.84 45.25 11.35
C LEU G 168 8.45 44.63 11.50
N CYS G 169 7.54 45.06 10.63
CA CYS G 169 6.10 44.71 10.61
C CYS G 169 5.56 44.86 9.18
N ASP G 170 4.98 43.81 8.58
CA ASP G 170 4.29 43.91 7.27
C ASP G 170 2.85 44.38 7.54
N PHE G 171 2.55 45.60 7.10
CA PHE G 171 1.23 46.26 7.21
C PHE G 171 0.42 45.98 5.94
N LYS G 172 -0.71 45.32 6.08
CA LYS G 172 -1.66 45.16 4.96
C LYS G 172 -2.99 45.75 5.41
N THR G 173 -3.50 46.75 4.72
CA THR G 173 -4.81 47.36 5.01
C THR G 173 -5.68 47.28 3.77
N THR G 174 -6.92 46.82 3.93
CA THR G 174 -7.98 46.86 2.90
C THR G 174 -9.03 47.88 3.32
N TYR G 175 -9.23 48.88 2.47
CA TYR G 175 -10.17 50.00 2.71
C TYR G 175 -11.43 49.74 1.91
N LYS G 176 -12.60 49.91 2.53
CA LYS G 176 -13.92 49.55 1.93
C LYS G 176 -14.89 50.71 2.17
N ALA G 177 -15.16 51.50 1.12
CA ALA G 177 -16.17 52.59 1.12
C ALA G 177 -17.57 51.96 1.20
N LYS G 178 -18.54 52.64 1.80
CA LYS G 178 -19.93 52.11 1.97
C LYS G 178 -20.81 52.56 0.79
N LYS G 179 -20.18 53.08 -0.25
CA LYS G 179 -20.83 53.73 -1.41
C LYS G 179 -19.89 53.53 -2.61
N VAL G 180 -20.41 53.56 -3.83
CA VAL G 180 -19.52 53.64 -5.02
C VAL G 180 -18.81 55.02 -5.00
N VAL G 181 -17.50 55.00 -5.28
CA VAL G 181 -16.61 56.19 -5.37
C VAL G 181 -15.73 56.03 -6.61
N GLN G 182 -15.18 57.13 -7.14
CA GLN G 182 -14.15 57.07 -8.20
C GLN G 182 -12.90 56.41 -7.62
N LEU G 183 -12.42 55.33 -8.25
CA LEU G 183 -11.24 54.56 -7.78
C LEU G 183 -9.97 55.15 -8.36
N PRO G 184 -8.88 55.26 -7.53
CA PRO G 184 -7.61 55.81 -7.98
C PRO G 184 -6.64 54.82 -8.66
N ASP G 185 -5.64 55.36 -9.34
CA ASP G 185 -4.47 54.60 -9.85
C ASP G 185 -3.50 54.26 -8.71
N TYR G 186 -2.56 53.36 -9.00
CA TYR G 186 -1.39 53.02 -8.14
C TYR G 186 -0.64 54.31 -7.79
N HIS G 187 -0.73 54.71 -6.52
CA HIS G 187 -0.09 55.92 -5.93
C HIS G 187 0.51 55.56 -4.57
N PHE G 188 1.20 56.52 -3.94
CA PHE G 188 1.90 56.35 -2.65
C PHE G 188 1.34 57.35 -1.63
N VAL G 189 1.44 57.02 -0.35
CA VAL G 189 1.15 57.97 0.77
C VAL G 189 2.35 57.99 1.71
N ASP G 190 2.93 59.19 1.90
CA ASP G 190 4.08 59.46 2.81
C ASP G 190 3.56 59.71 4.23
N HIS G 191 4.14 59.03 5.21
CA HIS G 191 3.57 58.89 6.58
C HIS G 191 4.63 59.24 7.64
N ARG G 192 4.20 59.99 8.66
CA ARG G 192 4.92 60.11 9.96
C ARG G 192 3.87 60.15 11.06
N ILE G 193 4.00 59.24 12.03
CA ILE G 193 3.10 59.18 13.22
C ILE G 193 3.96 59.38 14.47
N GLU G 194 3.57 60.30 15.35
CA GLU G 194 4.35 60.65 16.56
C GLU G 194 3.43 60.76 17.80
N ILE G 195 3.80 60.05 18.86
CA ILE G 195 3.34 60.35 20.25
C ILE G 195 4.02 61.68 20.66
N LEU G 196 3.24 62.77 20.79
CA LEU G 196 3.77 64.12 21.11
C LEU G 196 4.06 64.21 22.61
N SER G 197 3.13 63.70 23.44
CA SER G 197 3.14 63.81 24.92
C SER G 197 2.49 62.57 25.56
N ASN G 198 3.00 62.14 26.70
CA ASN G 198 2.50 60.93 27.42
C ASN G 198 2.85 60.99 28.91
N ASP G 199 1.98 60.45 29.78
CA ASP G 199 2.36 60.09 31.17
C ASP G 199 3.23 58.83 31.09
N SER G 200 3.67 58.29 32.22
CA SER G 200 4.69 57.21 32.31
C SER G 200 4.07 55.84 32.01
N ASP G 201 2.77 55.69 32.28
CA ASP G 201 2.00 54.43 32.07
C ASP G 201 1.24 54.48 30.74
N TYR G 202 1.38 55.59 30.00
CA TYR G 202 0.72 55.87 28.69
C TYR G 202 -0.79 55.79 28.88
N ASN G 203 -1.26 56.03 30.11
CA ASN G 203 -2.69 56.09 30.45
C ASN G 203 -3.29 57.27 29.69
N LYS G 204 -2.56 58.39 29.64
CA LYS G 204 -2.92 59.60 28.85
C LYS G 204 -1.84 59.87 27.79
N VAL G 205 -2.26 60.10 26.56
CA VAL G 205 -1.37 60.17 25.36
C VAL G 205 -1.90 61.23 24.40
N LYS G 206 -1.00 62.02 23.82
CA LYS G 206 -1.30 62.96 22.70
C LYS G 206 -0.60 62.41 21.44
N LEU G 207 -1.34 62.33 20.34
CA LEU G 207 -0.89 61.65 19.10
C LEU G 207 -1.10 62.60 17.92
N TYR G 208 -0.14 62.60 17.00
CA TYR G 208 -0.12 63.41 15.77
C TYR G 208 0.17 62.49 14.58
N GLU G 209 -0.43 62.80 13.44
CA GLU G 209 -0.15 62.09 12.17
C GLU G 209 -0.10 63.10 11.02
N HIS G 210 0.89 62.95 10.15
CA HIS G 210 0.97 63.66 8.84
C HIS G 210 0.99 62.61 7.73
N GLY G 211 0.14 62.83 6.73
CA GLY G 211 -0.11 61.90 5.60
C GLY G 211 -0.33 62.68 4.32
N VAL G 212 0.53 62.48 3.32
CA VAL G 212 0.47 63.22 2.01
C VAL G 212 0.58 62.21 0.87
N ALA G 213 -0.40 62.21 -0.01
CA ALA G 213 -0.49 61.30 -1.17
C ALA G 213 0.31 61.91 -2.34
N ARG G 214 1.00 61.07 -3.09
CA ARG G 214 1.79 61.49 -4.28
C ARG G 214 1.92 60.32 -5.26
N TYR G 215 2.12 60.62 -6.53
CA TYR G 215 2.79 59.71 -7.49
C TYR G 215 4.29 59.82 -7.27
N SER G 216 5.07 58.94 -7.90
CA SER G 216 6.56 58.97 -7.92
C SER G 216 7.09 60.37 -8.27
N PRO G 217 8.02 60.94 -7.48
CA PRO G 217 8.72 62.15 -7.88
C PRO G 217 9.54 61.93 -9.16
N LEU G 218 9.88 60.68 -9.49
CA LEU G 218 10.91 60.38 -10.54
C LEU G 218 10.29 60.37 -11.93
N PRO G 219 10.80 61.22 -12.86
CA PRO G 219 10.26 61.34 -14.21
C PRO G 219 10.35 60.02 -14.99
N SER G 220 9.32 59.74 -15.81
CA SER G 220 9.18 58.53 -16.65
C SER G 220 9.76 58.80 -18.05
N GLN G 221 10.72 58.00 -18.51
CA GLN G 221 11.52 58.31 -19.75
C GLN G 221 11.16 57.35 -20.89
N LEU H 3 38.04 55.18 -7.31
CA LEU H 3 37.07 56.32 -7.29
C LEU H 3 35.96 56.09 -8.32
N ILE H 4 34.77 56.59 -7.99
CA ILE H 4 33.57 56.54 -8.88
C ILE H 4 33.41 57.92 -9.51
N LYS H 5 33.47 58.00 -10.84
CA LYS H 5 33.42 59.27 -11.61
C LYS H 5 31.97 59.64 -11.96
N GLU H 6 31.76 60.86 -12.47
CA GLU H 6 30.42 61.39 -12.83
C GLU H 6 29.77 60.51 -13.92
N ASP H 7 30.58 59.87 -14.76
CA ASP H 7 30.14 58.81 -15.71
C ASP H 7 30.98 57.56 -15.54
N MET H 8 30.35 56.39 -15.44
CA MET H 8 31.03 55.08 -15.32
C MET H 8 30.38 54.10 -16.30
N ARG H 9 31.05 52.98 -16.54
CA ARG H 9 30.59 51.94 -17.50
C ARG H 9 30.10 50.73 -16.69
N VAL H 10 29.24 49.91 -17.30
CA VAL H 10 28.62 48.73 -16.64
C VAL H 10 28.79 47.53 -17.57
N LYS H 11 29.30 46.43 -17.02
CA LYS H 11 29.32 45.10 -17.67
C LYS H 11 28.54 44.13 -16.77
N VAL H 12 27.67 43.31 -17.35
CA VAL H 12 26.75 42.42 -16.59
C VAL H 12 26.78 41.04 -17.26
N HIS H 13 27.13 40.02 -16.48
CA HIS H 13 26.92 38.59 -16.84
C HIS H 13 25.84 38.00 -15.92
N MET H 14 24.76 37.47 -16.50
CA MET H 14 23.65 36.81 -15.76
C MET H 14 23.49 35.36 -16.27
N GLU H 15 23.63 34.39 -15.37
CA GLU H 15 23.14 32.99 -15.55
C GLU H 15 21.85 32.86 -14.76
N GLY H 16 20.84 32.23 -15.34
CA GLY H 16 19.53 32.10 -14.68
C GLY H 16 18.84 30.81 -15.05
N ASN H 17 17.90 30.40 -14.20
CA ASN H 17 16.91 29.33 -14.47
C ASN H 17 15.57 29.85 -13.95
N VAL H 18 14.50 29.72 -14.73
CA VAL H 18 13.11 30.07 -14.31
C VAL H 18 12.16 28.97 -14.75
N ASN H 19 11.49 28.35 -13.78
CA ASN H 19 10.50 27.25 -14.00
C ASN H 19 11.09 26.16 -14.91
N GLY H 20 12.40 25.92 -14.84
CA GLY H 20 13.06 24.79 -15.51
C GLY H 20 13.82 25.21 -16.75
N HIS H 21 13.64 26.44 -17.21
CA HIS H 21 14.28 26.98 -18.45
C HIS H 21 15.55 27.78 -18.13
N ALA H 22 16.69 27.33 -18.64
CA ALA H 22 18.04 27.95 -18.45
C ALA H 22 18.31 29.03 -19.51
N PHE H 23 19.00 30.10 -19.12
CA PHE H 23 19.33 31.25 -19.99
C PHE H 23 20.62 31.90 -19.49
N VAL H 24 21.34 32.56 -20.39
CA VAL H 24 22.46 33.49 -20.06
C VAL H 24 22.14 34.84 -20.74
N ILE H 25 22.43 35.94 -20.06
CA ILE H 25 22.18 37.33 -20.55
C ILE H 25 23.42 38.17 -20.29
N GLU H 26 23.98 38.79 -21.34
CA GLU H 26 25.14 39.70 -21.22
C GLU H 26 24.67 41.13 -21.48
N GLY H 27 25.12 42.07 -20.66
CA GLY H 27 24.77 43.49 -20.79
C GLY H 27 26.00 44.36 -20.81
N GLU H 28 26.01 45.36 -21.69
CA GLU H 28 27.00 46.46 -21.70
C GLU H 28 26.23 47.77 -21.55
N GLY H 29 26.66 48.62 -20.61
CA GLY H 29 25.91 49.81 -20.22
C GLY H 29 26.81 50.91 -19.69
N LYS H 30 26.19 52.03 -19.33
CA LYS H 30 26.83 53.26 -18.78
C LYS H 30 25.86 53.87 -17.77
N GLY H 31 26.36 54.74 -16.90
CA GLY H 31 25.55 55.35 -15.85
C GLY H 31 26.18 56.60 -15.29
N LYS H 32 25.41 57.33 -14.48
CA LYS H 32 25.84 58.57 -13.77
C LYS H 32 25.57 58.37 -12.28
N PRO H 33 26.54 57.84 -11.53
CA PRO H 33 26.33 57.40 -10.14
C PRO H 33 25.73 58.41 -9.18
N TYR H 34 26.11 59.70 -9.28
CA TYR H 34 25.71 60.78 -8.34
C TYR H 34 24.37 61.40 -8.79
N GLU H 35 23.83 60.96 -9.93
CA GLU H 35 22.48 61.37 -10.42
C GLU H 35 21.50 60.19 -10.30
N GLY H 36 22.01 59.00 -10.00
CA GLY H 36 21.21 57.80 -9.70
C GLY H 36 20.55 57.23 -10.94
N THR H 37 21.13 57.47 -12.12
CA THR H 37 20.58 56.97 -13.42
C THR H 37 21.62 56.06 -14.07
N GLN H 38 21.16 55.17 -14.93
CA GLN H 38 22.02 54.23 -15.70
C GLN H 38 21.19 53.59 -16.80
N THR H 39 21.85 53.21 -17.90
CA THR H 39 21.24 52.55 -19.09
C THR H 39 22.06 51.29 -19.42
N LEU H 40 21.40 50.26 -19.91
CA LEU H 40 22.04 48.94 -20.11
C LEU H 40 21.47 48.29 -21.37
N ASN H 41 22.38 47.83 -22.25
CA ASN H 41 22.06 47.04 -23.46
C ASN H 41 22.26 45.55 -23.10
N LEU H 42 21.21 44.74 -23.28
CA LEU H 42 21.10 43.35 -22.78
C LEU H 42 20.81 42.43 -23.96
N THR H 43 21.67 41.41 -24.14
CA THR H 43 21.49 40.36 -25.17
C THR H 43 21.28 39.01 -24.48
N VAL H 44 20.26 38.27 -24.91
CA VAL H 44 20.02 36.86 -24.53
C VAL H 44 20.94 36.01 -25.39
N LYS H 45 21.97 35.41 -24.78
CA LYS H 45 23.02 34.64 -25.50
C LYS H 45 22.69 33.15 -25.51
N GLU H 46 22.05 32.63 -24.46
CA GLU H 46 21.54 31.24 -24.38
C GLU H 46 20.07 31.24 -23.95
N GLY H 47 19.32 30.24 -24.43
CA GLY H 47 17.94 29.94 -24.01
C GLY H 47 16.92 30.86 -24.65
N ALA H 48 17.29 31.61 -25.68
CA ALA H 48 16.35 32.44 -26.47
C ALA H 48 15.40 31.57 -27.30
N PRO H 49 14.10 31.92 -27.45
CA PRO H 49 13.48 33.07 -26.78
C PRO H 49 12.99 32.70 -25.36
N LEU H 50 12.94 33.67 -24.45
CA LEU H 50 12.60 33.45 -23.01
C LEU H 50 11.10 33.22 -22.87
N PRO H 51 10.65 32.05 -22.32
CA PRO H 51 9.23 31.71 -22.21
C PRO H 51 8.46 32.32 -21.01
N PHE H 52 9.03 33.33 -20.36
CA PHE H 52 8.46 34.05 -19.18
C PHE H 52 8.67 35.55 -19.36
N SER H 53 7.94 36.36 -18.59
CA SER H 53 8.08 37.84 -18.56
C SER H 53 9.54 38.23 -18.30
N TYR H 54 10.09 39.17 -19.09
CA TYR H 54 11.42 39.79 -18.85
C TYR H 54 11.41 40.63 -17.56
N ASP H 55 10.25 41.17 -17.18
CA ASP H 55 10.14 42.16 -16.07
C ASP H 55 10.63 41.55 -14.75
N ILE H 56 10.51 40.24 -14.54
CA ILE H 56 11.03 39.58 -13.29
C ILE H 56 12.56 39.70 -13.24
N LEU H 57 13.26 39.71 -14.38
CA LEU H 57 14.75 39.71 -14.43
C LEU H 57 15.36 41.11 -14.16
N THR H 58 14.63 42.18 -14.45
CA THR H 58 15.21 43.52 -14.74
C THR H 58 15.87 44.13 -13.50
N THR H 59 15.22 44.00 -12.33
CA THR H 59 15.67 44.57 -11.03
C THR H 59 16.91 43.81 -10.54
N ALA H 60 17.21 42.65 -11.13
CA ALA H 60 18.44 41.86 -10.86
C ALA H 60 19.57 42.38 -11.74
N LEU H 61 19.21 42.88 -12.94
CA LEU H 61 20.10 43.70 -13.80
C LEU H 61 19.96 45.17 -13.36
C11 CR8 H 62 12.28 49.45 -8.48
C12 CR8 H 62 13.24 49.29 -9.48
C4 CR8 H 62 12.58 49.07 -7.17
C5 CR8 H 62 13.84 48.53 -6.89
C6 CR8 H 62 14.49 48.76 -9.20
C7 CR8 H 62 14.79 48.37 -7.90
C8 CR8 H 62 16.09 47.82 -7.50
CA2 CR8 H 62 17.26 47.51 -8.37
C10 CR8 H 62 19.50 49.19 -15.75
O13 CR8 H 62 11.16 49.93 -8.77
N11 CR8 H 62 20.73 48.80 -15.38
C2 CR8 H 62 18.43 46.79 -7.91
N3 CR8 H 62 19.31 46.60 -8.88
C1 CR8 H 62 18.75 47.13 -10.03
N2 CR8 H 62 17.49 47.68 -9.71
C20 CR8 H 62 18.82 48.37 -12.22
C21 CR8 H 62 19.40 48.60 -13.62
N22 CR8 H 62 18.70 49.08 -14.68
C23 CR8 H 62 20.69 48.43 -14.08
O2 CR8 H 62 18.58 46.43 -6.69
N1 CR8 H 62 19.23 45.96 -12.26
CA1 CR8 H 62 19.37 47.17 -11.43
C3 CR8 H 62 21.77 45.97 -9.41
CA3 CR8 H 62 20.55 45.89 -8.52
O3 CR8 H 62 22.29 44.85 -9.72
N ASN H 63 22.46 47.28 -9.06
CA ASN H 63 23.66 48.02 -8.53
C ASN H 63 23.21 49.34 -7.90
N ARG H 64 23.28 49.46 -6.57
CA ARG H 64 22.79 50.65 -5.82
C ARG H 64 23.92 51.67 -5.63
N VAL H 65 24.99 51.57 -6.43
CA VAL H 65 26.00 52.66 -6.61
C VAL H 65 25.31 53.79 -7.38
N PHE H 66 24.49 53.39 -8.36
CA PHE H 66 23.67 54.29 -9.21
C PHE H 66 22.42 54.72 -8.45
N THR H 67 22.66 55.31 -7.29
CA THR H 67 21.66 56.01 -6.46
C THR H 67 22.23 57.40 -6.17
N LYS H 68 21.38 58.42 -6.24
CA LYS H 68 21.75 59.80 -5.84
C LYS H 68 21.52 59.90 -4.33
N TYR H 69 22.61 59.90 -3.55
CA TYR H 69 22.59 59.93 -2.07
C TYR H 69 22.82 61.36 -1.60
N PRO H 70 21.88 61.96 -0.86
CA PRO H 70 22.13 63.26 -0.24
C PRO H 70 23.30 63.15 0.76
N GLU H 71 23.90 64.28 1.08
CA GLU H 71 25.10 64.44 1.95
C GLU H 71 24.82 63.98 3.40
N ASP H 72 23.63 64.30 3.95
CA ASP H 72 23.25 63.96 5.35
C ASP H 72 23.11 62.44 5.53
N ILE H 73 23.05 61.66 4.44
CA ILE H 73 22.93 60.17 4.48
C ILE H 73 24.22 59.54 3.97
N PRO H 74 24.92 58.72 4.80
CA PRO H 74 25.99 57.85 4.31
C PRO H 74 25.63 56.95 3.12
N ASP H 75 26.52 56.89 2.11
CA ASP H 75 26.33 56.07 0.88
C ASP H 75 27.04 54.72 1.08
N TYR H 76 26.30 53.69 1.50
CA TYR H 76 26.84 52.34 1.84
C TYR H 76 27.57 51.75 0.64
N PHE H 77 27.11 52.06 -0.59
CA PHE H 77 27.47 51.31 -1.83
C PHE H 77 28.73 51.91 -2.46
N LYS H 78 28.78 53.24 -2.55
CA LYS H 78 29.97 53.99 -3.05
C LYS H 78 31.13 53.77 -2.07
N GLN H 79 30.90 53.98 -0.78
CA GLN H 79 31.88 53.66 0.29
C GLN H 79 32.53 52.28 0.10
N SER H 80 31.80 51.28 -0.42
CA SER H 80 32.24 49.86 -0.47
C SER H 80 33.48 49.72 -1.36
N PHE H 81 33.49 50.41 -2.50
CA PHE H 81 34.59 50.41 -3.51
C PHE H 81 35.80 51.11 -2.89
N PRO H 82 37.06 50.73 -3.23
CA PRO H 82 37.39 49.85 -4.36
C PRO H 82 37.01 48.35 -4.29
N GLU H 83 36.81 47.83 -3.09
CA GLU H 83 36.57 46.37 -2.83
C GLU H 83 35.18 45.96 -3.37
N GLY H 84 34.20 46.86 -3.25
CA GLY H 84 32.85 46.66 -3.79
C GLY H 84 31.96 45.96 -2.78
N TYR H 85 30.87 45.36 -3.25
CA TYR H 85 29.87 44.68 -2.38
C TYR H 85 29.11 43.60 -3.16
N SER H 86 28.56 42.66 -2.43
CA SER H 86 27.64 41.59 -2.93
C SER H 86 26.25 41.87 -2.38
N TRP H 87 25.21 41.36 -3.04
CA TRP H 87 23.83 41.42 -2.50
C TRP H 87 23.12 40.08 -2.74
N GLU H 88 22.21 39.76 -1.81
CA GLU H 88 21.33 38.57 -1.80
C GLU H 88 19.88 39.05 -1.73
N ARG H 89 19.05 38.65 -2.71
CA ARG H 89 17.65 39.13 -2.79
C ARG H 89 16.68 37.96 -2.82
N THR H 90 15.54 38.19 -2.16
CA THR H 90 14.35 37.32 -2.13
C THR H 90 13.21 38.12 -2.75
N MET H 91 12.63 37.61 -3.84
CA MET H 91 11.41 38.17 -4.46
C MET H 91 10.26 37.17 -4.31
N THR H 92 9.26 37.53 -3.50
CA THR H 92 8.13 36.65 -3.07
C THR H 92 6.80 37.19 -3.62
N TYR H 93 6.36 36.63 -4.74
CA TYR H 93 5.16 37.06 -5.52
C TYR H 93 3.89 36.49 -4.88
N GLU H 94 2.76 37.19 -5.06
CA GLU H 94 1.46 36.92 -4.38
C GLU H 94 0.87 35.55 -4.77
N ASP H 95 1.31 34.93 -5.88
CA ASP H 95 0.79 33.60 -6.32
C ASP H 95 1.76 32.49 -5.86
N LYS H 96 2.70 32.81 -4.96
CA LYS H 96 3.66 31.86 -4.32
C LYS H 96 4.76 31.45 -5.32
N GLY H 97 4.90 32.19 -6.41
CA GLY H 97 6.11 32.20 -7.25
C GLY H 97 7.23 32.87 -6.49
N ILE H 98 8.46 32.33 -6.60
CA ILE H 98 9.63 32.78 -5.79
C ILE H 98 10.84 32.92 -6.70
N CYS H 99 11.60 34.01 -6.53
CA CYS H 99 12.94 34.18 -7.15
C CYS H 99 13.99 34.45 -6.04
N THR H 100 15.08 33.69 -6.07
CA THR H 100 16.30 33.90 -5.25
C THR H 100 17.43 34.38 -6.17
N ILE H 101 18.07 35.49 -5.82
CA ILE H 101 19.10 36.15 -6.68
C ILE H 101 20.36 36.41 -5.84
N ARG H 102 21.53 36.25 -6.43
CA ARG H 102 22.88 36.60 -5.87
C ARG H 102 23.63 37.45 -6.89
N SER H 103 24.16 38.61 -6.49
CA SER H 103 25.00 39.48 -7.34
C SER H 103 26.25 39.88 -6.57
N ASP H 104 27.42 39.69 -7.20
CA ASP H 104 28.71 40.33 -6.82
C ASP H 104 28.96 41.54 -7.74
N ILE H 105 29.30 42.69 -7.15
CA ILE H 105 29.65 43.95 -7.85
C ILE H 105 31.16 44.21 -7.67
N SER H 106 31.88 44.30 -8.80
CA SER H 106 33.34 44.53 -8.88
C SER H 106 33.60 45.82 -9.66
N LEU H 107 34.74 46.46 -9.41
CA LEU H 107 35.22 47.63 -10.17
C LEU H 107 36.65 47.38 -10.64
N GLU H 108 36.86 47.48 -11.96
CA GLU H 108 38.19 47.46 -12.62
C GLU H 108 38.25 48.66 -13.59
N GLY H 109 39.01 49.69 -13.23
CA GLY H 109 39.16 50.93 -14.03
C GLY H 109 37.93 51.81 -13.93
N ASP H 110 37.13 51.87 -15.00
CA ASP H 110 35.94 52.76 -15.10
C ASP H 110 34.68 51.90 -15.32
N CYS H 111 34.80 50.58 -15.17
CA CYS H 111 33.70 49.60 -15.41
C CYS H 111 33.37 48.79 -14.15
N PHE H 112 32.12 48.87 -13.70
CA PHE H 112 31.50 47.92 -12.74
C PHE H 112 31.19 46.63 -13.48
N PHE H 113 31.70 45.51 -12.98
CA PHE H 113 31.29 44.15 -13.43
C PHE H 113 30.30 43.61 -12.40
N GLN H 114 29.07 43.32 -12.83
CA GLN H 114 27.98 42.74 -11.98
C GLN H 114 27.80 41.27 -12.36
N ASN H 115 28.08 40.33 -11.44
CA ASN H 115 27.93 38.86 -11.68
C ASN H 115 26.70 38.31 -10.94
N VAL H 116 25.63 38.01 -11.69
CA VAL H 116 24.27 37.74 -11.16
C VAL H 116 23.89 36.29 -11.44
N ARG H 117 23.40 35.60 -10.40
CA ARG H 117 22.80 34.24 -10.52
C ARG H 117 21.32 34.41 -10.14
N PHE H 118 20.39 33.89 -10.96
CA PHE H 118 18.93 34.10 -10.83
C PHE H 118 18.20 32.76 -10.89
N ASN H 119 17.39 32.48 -9.86
CA ASN H 119 16.57 31.26 -9.76
C ASN H 119 15.14 31.67 -9.48
N GLY H 120 14.24 31.41 -10.42
CA GLY H 120 12.79 31.58 -10.23
C GLY H 120 12.05 30.26 -10.35
N MET H 121 11.16 29.94 -9.41
CA MET H 121 10.39 28.67 -9.49
C MET H 121 8.99 28.81 -8.88
N ASN H 122 8.19 27.75 -9.04
CA ASN H 122 6.77 27.61 -8.58
C ASN H 122 5.93 28.78 -9.11
N PHE H 123 6.28 29.34 -10.28
CA PHE H 123 5.40 30.30 -11.01
C PHE H 123 4.28 29.47 -11.66
N PRO H 124 2.99 29.75 -11.35
CA PRO H 124 1.90 29.02 -12.00
C PRO H 124 1.99 29.11 -13.54
N PRO H 125 1.79 27.98 -14.24
CA PRO H 125 1.89 27.96 -15.71
C PRO H 125 0.88 28.89 -16.43
N ASN H 126 -0.28 29.17 -15.84
CA ASN H 126 -1.26 30.14 -16.42
C ASN H 126 -1.14 31.49 -15.73
N GLY H 127 -0.22 31.59 -14.76
CA GLY H 127 0.09 32.84 -14.05
C GLY H 127 0.57 33.90 -15.04
N PRO H 128 0.51 35.19 -14.67
CA PRO H 128 0.98 36.26 -15.55
C PRO H 128 2.47 36.23 -15.97
N VAL H 129 3.33 35.52 -15.24
CA VAL H 129 4.80 35.51 -15.53
C VAL H 129 5.06 34.53 -16.69
N MET H 130 4.65 33.27 -16.52
CA MET H 130 4.79 32.22 -17.55
C MET H 130 3.90 32.52 -18.77
N GLN H 131 2.83 33.32 -18.60
CA GLN H 131 1.93 33.77 -19.70
C GLN H 131 2.31 35.18 -20.20
N LYS H 132 3.45 35.73 -19.78
CA LYS H 132 4.06 36.97 -20.33
C LYS H 132 3.08 38.15 -20.31
N LYS H 133 2.30 38.33 -19.23
CA LYS H 133 1.19 39.32 -19.17
C LYS H 133 1.55 40.55 -18.34
N THR H 134 2.83 40.76 -17.97
CA THR H 134 3.28 41.91 -17.13
C THR H 134 3.76 43.05 -18.04
N LEU H 135 3.22 44.26 -17.88
CA LEU H 135 3.56 45.45 -18.69
C LEU H 135 4.83 46.12 -18.15
N LYS H 136 4.87 46.42 -16.86
CA LYS H 136 6.07 47.04 -16.20
C LYS H 136 5.99 46.90 -14.68
N TRP H 137 7.11 47.18 -14.01
CA TRP H 137 7.15 47.48 -12.55
C TRP H 137 6.58 48.87 -12.35
N GLU H 138 5.72 49.02 -11.34
CA GLU H 138 5.34 50.37 -10.83
C GLU H 138 6.59 50.99 -10.20
N PRO H 139 6.72 52.33 -10.24
CA PRO H 139 7.69 53.02 -9.41
C PRO H 139 7.51 52.58 -7.96
N SER H 140 8.56 52.67 -7.16
CA SER H 140 8.67 51.98 -5.86
C SER H 140 9.44 52.85 -4.88
N THR H 141 9.41 52.47 -3.60
CA THR H 141 10.11 53.14 -2.48
C THR H 141 10.67 52.08 -1.52
N GLU H 142 11.96 51.76 -1.67
CA GLU H 142 12.74 50.85 -0.79
C GLU H 142 12.99 51.49 0.58
N LYS H 143 12.81 50.74 1.65
CA LYS H 143 13.12 51.20 3.02
C LYS H 143 14.37 50.45 3.47
N LEU H 144 15.40 51.15 3.95
CA LEU H 144 16.68 50.48 4.31
C LEU H 144 17.01 50.75 5.77
N HIS H 145 17.48 49.70 6.43
CA HIS H 145 17.85 49.70 7.87
C HIS H 145 19.06 48.81 8.01
N VAL H 146 19.77 48.96 9.12
CA VAL H 146 20.94 48.10 9.44
C VAL H 146 20.46 46.94 10.32
N ARG H 147 20.88 45.73 9.97
CA ARG H 147 20.70 44.50 10.77
C ARG H 147 22.05 43.78 10.79
N ASP H 148 22.58 43.53 11.98
CA ASP H 148 23.84 42.76 12.18
C ASP H 148 24.92 43.37 11.26
N GLY H 149 25.07 44.71 11.31
CA GLY H 149 26.13 45.46 10.59
C GLY H 149 25.97 45.48 9.08
N LEU H 150 24.90 44.90 8.55
CA LEU H 150 24.64 44.85 7.09
C LEU H 150 23.44 45.74 6.76
N LEU H 151 23.33 46.15 5.50
CA LEU H 151 22.20 46.99 5.06
C LEU H 151 21.16 46.06 4.42
N VAL H 152 19.90 46.22 4.83
CA VAL H 152 18.74 45.40 4.39
C VAL H 152 17.70 46.34 3.79
N GLY H 153 17.21 46.01 2.59
CA GLY H 153 16.19 46.80 1.87
C GLY H 153 14.91 46.03 1.69
N ASN H 154 13.79 46.59 2.14
CA ASN H 154 12.44 46.01 1.93
C ASN H 154 11.73 46.90 0.92
N ILE H 155 11.03 46.32 -0.06
CA ILE H 155 10.19 47.10 -1.02
C ILE H 155 8.88 46.36 -1.21
N ASN H 156 7.77 47.10 -1.13
CA ASN H 156 6.45 46.66 -1.62
C ASN H 156 6.37 46.90 -3.13
N MET H 157 6.73 45.88 -3.90
CA MET H 157 6.77 45.96 -5.38
C MET H 157 5.47 45.40 -5.98
N ALA H 158 5.06 46.00 -7.11
CA ALA H 158 3.87 45.62 -7.90
C ALA H 158 4.19 45.73 -9.39
N LEU H 159 3.80 44.68 -10.13
CA LEU H 159 3.85 44.60 -11.62
C LEU H 159 2.45 44.88 -12.15
N LEU H 160 2.29 45.96 -12.92
CA LEU H 160 1.04 46.32 -13.66
C LEU H 160 0.74 45.24 -14.70
N LEU H 161 -0.48 44.72 -14.71
CA LEU H 161 -0.89 43.61 -15.60
C LEU H 161 -1.57 44.16 -16.86
N GLU H 162 -1.39 43.45 -17.96
CA GLU H 162 -2.24 43.59 -19.19
C GLU H 162 -3.67 43.23 -18.78
N GLY H 163 -4.61 44.14 -19.05
CA GLY H 163 -6.02 43.99 -18.66
C GLY H 163 -6.25 44.48 -17.25
N GLY H 164 -5.40 45.39 -16.75
CA GLY H 164 -5.61 46.12 -15.47
C GLY H 164 -5.31 45.26 -14.25
N GLY H 165 -5.29 45.89 -13.07
CA GLY H 165 -4.91 45.25 -11.79
C GLY H 165 -3.41 45.11 -11.67
N HIS H 166 -2.91 44.60 -10.54
CA HIS H 166 -1.46 44.44 -10.27
C HIS H 166 -1.19 43.07 -9.65
N TYR H 167 0.05 42.62 -9.83
CA TYR H 167 0.61 41.34 -9.34
C TYR H 167 1.73 41.74 -8.38
N LEU H 168 1.62 41.38 -7.10
CA LEU H 168 2.51 41.95 -6.05
C LEU H 168 3.67 41.00 -5.70
N CYS H 169 4.75 41.60 -5.22
CA CYS H 169 6.03 40.96 -4.87
C CYS H 169 6.56 41.65 -3.62
N ASP H 170 7.05 40.89 -2.64
CA ASP H 170 7.81 41.47 -1.50
C ASP H 170 9.28 41.33 -1.85
N PHE H 171 9.96 42.46 -2.01
CA PHE H 171 11.43 42.56 -2.21
C PHE H 171 12.12 42.66 -0.86
N LYS H 172 13.01 41.73 -0.60
CA LYS H 172 13.93 41.81 0.56
C LYS H 172 15.34 41.67 0.00
N THR H 173 16.22 42.63 0.27
CA THR H 173 17.63 42.58 -0.19
C THR H 173 18.53 42.81 1.03
N THR H 174 19.49 41.92 1.26
CA THR H 174 20.64 42.15 2.16
C THR H 174 21.87 42.46 1.30
N TYR H 175 22.43 43.66 1.46
CA TYR H 175 23.65 44.12 0.75
C TYR H 175 24.88 44.01 1.67
N LYS H 176 25.97 43.42 1.18
CA LYS H 176 27.19 43.16 1.99
C LYS H 176 28.43 43.82 1.39
N ALA H 177 28.83 44.96 1.97
CA ALA H 177 30.12 45.64 1.70
C ALA H 177 31.27 44.75 2.14
N LYS H 178 32.23 44.49 1.24
CA LYS H 178 33.45 43.66 1.48
C LYS H 178 34.54 44.50 2.16
N LYS H 179 34.13 45.53 2.89
CA LYS H 179 35.01 46.42 3.67
C LYS H 179 34.14 47.12 4.72
N VAL H 180 34.74 47.55 5.83
CA VAL H 180 34.03 48.34 6.87
C VAL H 180 33.67 49.70 6.25
N VAL H 181 32.43 50.15 6.41
CA VAL H 181 31.93 51.48 5.93
C VAL H 181 31.15 52.14 7.08
N GLN H 182 30.87 53.43 6.94
CA GLN H 182 30.03 54.20 7.88
C GLN H 182 28.56 53.88 7.58
N LEU H 183 27.89 53.18 8.50
CA LEU H 183 26.52 52.62 8.29
C LEU H 183 25.50 53.75 8.37
N PRO H 184 24.56 53.81 7.40
CA PRO H 184 23.54 54.85 7.38
C PRO H 184 22.44 54.57 8.41
N ASP H 185 21.74 55.62 8.81
CA ASP H 185 20.51 55.52 9.63
C ASP H 185 19.35 55.10 8.70
N TYR H 186 18.20 54.76 9.30
CA TYR H 186 17.01 54.30 8.56
C TYR H 186 16.61 55.37 7.54
N HIS H 187 16.57 55.00 6.26
CA HIS H 187 16.22 55.94 5.17
C HIS H 187 15.42 55.22 4.10
N PHE H 188 15.10 55.96 3.03
CA PHE H 188 14.29 55.53 1.87
C PHE H 188 15.07 55.81 0.59
N VAL H 189 14.87 54.95 -0.41
CA VAL H 189 15.23 55.18 -1.84
C VAL H 189 13.95 55.09 -2.69
N ASP H 190 13.66 56.12 -3.46
CA ASP H 190 12.59 56.10 -4.50
C ASP H 190 13.20 55.50 -5.78
N HIS H 191 12.49 54.56 -6.42
CA HIS H 191 12.96 53.88 -7.65
C HIS H 191 11.98 54.12 -8.81
N ARG H 192 12.53 53.99 -10.04
CA ARG H 192 11.76 53.79 -11.28
C ARG H 192 12.61 52.98 -12.26
N ILE H 193 12.18 51.75 -12.54
CA ILE H 193 12.74 50.88 -13.61
C ILE H 193 11.77 50.85 -14.80
N GLU H 194 12.33 50.97 -16.02
CA GLU H 194 11.57 51.04 -17.30
C GLU H 194 12.39 50.40 -18.43
N ILE H 195 11.78 49.46 -19.17
CA ILE H 195 12.33 48.98 -20.47
C ILE H 195 12.06 50.06 -21.53
N LEU H 196 13.09 50.74 -22.01
CA LEU H 196 12.99 51.85 -23.01
C LEU H 196 12.69 51.30 -24.41
N SER H 197 13.33 50.18 -24.76
CA SER H 197 13.24 49.53 -26.10
C SER H 197 13.41 48.01 -25.98
N ASN H 198 12.96 47.27 -27.00
CA ASN H 198 12.93 45.79 -27.02
C ASN H 198 12.60 45.31 -28.45
N ASP H 199 12.99 44.09 -28.79
CA ASP H 199 12.47 43.33 -29.97
C ASP H 199 11.27 42.51 -29.48
N SER H 200 10.55 41.81 -30.35
CA SER H 200 9.28 41.10 -30.00
C SER H 200 9.53 39.97 -28.99
N ASP H 201 10.74 39.39 -28.96
CA ASP H 201 11.10 38.22 -28.09
C ASP H 201 11.93 38.65 -26.88
N TYR H 202 12.28 39.93 -26.76
CA TYR H 202 13.07 40.51 -25.64
C TYR H 202 14.45 39.83 -25.58
N ASN H 203 14.94 39.33 -26.71
CA ASN H 203 16.35 38.84 -26.87
C ASN H 203 17.30 40.05 -26.82
N LYS H 204 16.80 41.23 -27.22
CA LYS H 204 17.50 42.54 -27.20
C LYS H 204 16.65 43.53 -26.40
N VAL H 205 17.18 44.03 -25.29
CA VAL H 205 16.45 44.92 -24.35
C VAL H 205 17.37 46.08 -23.99
N LYS H 206 16.85 47.30 -24.01
CA LYS H 206 17.51 48.48 -23.39
C LYS H 206 16.75 48.82 -22.10
N LEU H 207 17.47 49.12 -21.02
CA LEU H 207 16.87 49.20 -19.66
C LEU H 207 17.40 50.44 -18.94
N TYR H 208 16.53 51.12 -18.20
CA TYR H 208 16.82 52.39 -17.49
C TYR H 208 16.26 52.31 -16.06
N GLU H 209 17.07 52.73 -15.09
CA GLU H 209 16.69 52.86 -13.66
C GLU H 209 17.09 54.24 -13.16
N HIS H 210 16.23 54.86 -12.37
CA HIS H 210 16.52 56.08 -11.57
C HIS H 210 16.28 55.74 -10.10
N GLY H 211 17.24 56.10 -9.23
CA GLY H 211 17.22 55.79 -7.80
C GLY H 211 17.77 56.94 -6.96
N VAL H 212 16.93 57.50 -6.09
CA VAL H 212 17.26 58.68 -5.22
C VAL H 212 16.99 58.33 -3.75
N ALA H 213 18.04 58.37 -2.92
CA ALA H 213 17.97 58.25 -1.46
C ALA H 213 17.32 59.51 -0.87
N ARG H 214 16.58 59.38 0.23
CA ARG H 214 15.99 60.51 0.99
C ARG H 214 15.60 60.03 2.38
N TYR H 215 15.36 60.99 3.29
CA TYR H 215 14.61 60.83 4.56
C TYR H 215 13.15 61.17 4.25
N SER H 216 12.27 61.12 5.25
CA SER H 216 10.85 61.54 5.10
C SER H 216 10.80 62.98 4.63
N PRO H 217 9.89 63.34 3.71
CA PRO H 217 9.62 64.75 3.40
C PRO H 217 8.77 65.46 4.46
N LEU H 218 8.19 64.70 5.40
CA LEU H 218 7.24 65.26 6.39
C LEU H 218 8.00 65.68 7.63
N PRO H 219 7.87 66.96 8.07
CA PRO H 219 8.63 67.48 9.21
C PRO H 219 8.29 66.72 10.49
N SER H 220 9.29 66.46 11.34
CA SER H 220 9.06 65.92 12.70
C SER H 220 8.25 66.94 13.52
N GLN H 221 7.92 66.64 14.77
CA GLN H 221 7.26 67.59 15.71
C GLN H 221 7.83 67.36 17.12
#